data_1DOK
# 
_entry.id   1DOK 
# 
_audit_conform.dict_name       mmcif_pdbx.dic 
_audit_conform.dict_version    5.397 
_audit_conform.dict_location   http://mmcif.pdb.org/dictionaries/ascii/mmcif_pdbx.dic 
# 
loop_
_database_2.database_id 
_database_2.database_code 
_database_2.pdbx_database_accession 
_database_2.pdbx_DOI 
PDB   1DOK         pdb_00001dok 10.2210/pdb1dok/pdb 
WWPDB D_1000172872 ?            ?                   
# 
loop_
_pdbx_audit_revision_history.ordinal 
_pdbx_audit_revision_history.data_content_type 
_pdbx_audit_revision_history.major_revision 
_pdbx_audit_revision_history.minor_revision 
_pdbx_audit_revision_history.revision_date 
1 'Structure model' 1 0 1997-03-12 
2 'Structure model' 1 1 2008-03-24 
3 'Structure model' 1 2 2011-07-13 
4 'Structure model' 1 3 2023-08-09 
5 'Structure model' 1 4 2024-10-16 
# 
_pdbx_audit_revision_details.ordinal             1 
_pdbx_audit_revision_details.revision_ordinal    1 
_pdbx_audit_revision_details.data_content_type   'Structure model' 
_pdbx_audit_revision_details.provider            repository 
_pdbx_audit_revision_details.type                'Initial release' 
_pdbx_audit_revision_details.description         ? 
_pdbx_audit_revision_details.details             ? 
# 
loop_
_pdbx_audit_revision_group.ordinal 
_pdbx_audit_revision_group.revision_ordinal 
_pdbx_audit_revision_group.data_content_type 
_pdbx_audit_revision_group.group 
1 2 'Structure model' 'Version format compliance' 
2 3 'Structure model' 'Version format compliance' 
3 4 'Structure model' 'Database references'       
4 4 'Structure model' 'Derived calculations'      
5 4 'Structure model' 'Refinement description'    
6 5 'Structure model' 'Data collection'           
7 5 'Structure model' 'Structure summary'         
# 
loop_
_pdbx_audit_revision_category.ordinal 
_pdbx_audit_revision_category.revision_ordinal 
_pdbx_audit_revision_category.data_content_type 
_pdbx_audit_revision_category.category 
1 4 'Structure model' database_2                    
2 4 'Structure model' pdbx_initial_refinement_model 
3 4 'Structure model' struct_site                   
4 5 'Structure model' chem_comp_atom                
5 5 'Structure model' chem_comp_bond                
6 5 'Structure model' pdbx_entry_details            
7 5 'Structure model' pdbx_modification_feature     
# 
loop_
_pdbx_audit_revision_item.ordinal 
_pdbx_audit_revision_item.revision_ordinal 
_pdbx_audit_revision_item.data_content_type 
_pdbx_audit_revision_item.item 
1 4 'Structure model' '_database_2.pdbx_DOI'                         
2 4 'Structure model' '_database_2.pdbx_database_accession'          
3 4 'Structure model' '_struct_site.pdbx_auth_asym_id'               
4 4 'Structure model' '_struct_site.pdbx_auth_comp_id'               
5 4 'Structure model' '_struct_site.pdbx_auth_seq_id'                
6 5 'Structure model' '_pdbx_entry_details.has_protein_modification' 
# 
_pdbx_database_status.status_code                     REL 
_pdbx_database_status.entry_id                        1DOK 
_pdbx_database_status.recvd_initial_deposition_date   1996-11-27 
_pdbx_database_status.deposit_site                    ? 
_pdbx_database_status.process_site                    BNL 
_pdbx_database_status.SG_entry                        . 
_pdbx_database_status.pdb_format_compatible           Y 
_pdbx_database_status.status_code_mr                  ? 
_pdbx_database_status.status_code_sf                  ? 
_pdbx_database_status.status_code_cs                  ? 
_pdbx_database_status.status_code_nmr_data            ? 
_pdbx_database_status.methods_development_category    ? 
# 
loop_
_audit_author.name 
_audit_author.pdbx_ordinal 
'Lubkowski, J.'  1 
'Bujacz, G.'     2 
'Boque, L.'      3 
'Wlodawer, A.'   4 
'Domaille, P.J.' 5 
'Handel, T.M.'   6 
# 
loop_
_citation.id 
_citation.title 
_citation.journal_abbrev 
_citation.journal_volume 
_citation.page_first 
_citation.page_last 
_citation.year 
_citation.journal_id_ASTM 
_citation.country 
_citation.journal_id_ISSN 
_citation.journal_id_CSD 
_citation.book_publisher 
_citation.pdbx_database_id_PubMed 
_citation.pdbx_database_id_DOI 
primary 'The structure of MCP-1 in two crystal forms provides a rare example of variable quaternary interactions.' 
Nat.Struct.Biol. 4  64   69 1997 NSBIEW US 1072-8368 2024 ? 8989326 10.1038/nsb0197-64 
1       
'Heteronuclear (1H, 13C, 15N) NMR Assignments and Solution Structure of the Monocyte Chemoattractant Protein-1 (Mcp-1) Dimer' 
Biochemistry     35 6569 ?  1996 BICHAW US 0006-2960 0033 ? ?       ?                  
# 
loop_
_citation_author.citation_id 
_citation_author.name 
_citation_author.ordinal 
_citation_author.identifier_ORCID 
primary 'Lubkowski, J.'  1 ? 
primary 'Bujacz, G.'     2 ? 
primary 'Boque, L.'      3 ? 
primary 'Domaille, P.J.' 4 ? 
primary 'Handel, T.M.'   5 ? 
primary 'Wlodawer, A.'   6 ? 
1       'Handel, T.M.'   7 ? 
1       'Domaille, P.J.' 8 ? 
# 
loop_
_entity.id 
_entity.type 
_entity.src_method 
_entity.pdbx_description 
_entity.formula_weight 
_entity.pdbx_number_of_molecules 
_entity.pdbx_ec 
_entity.pdbx_mutation 
_entity.pdbx_fragment 
_entity.details 
1 polymer     man 'MONOCYTE CHEMOATTRACTANT PROTEIN 1' 8830.239 2   ? 'N-TERMINAL METHIONINE NOT REMOVED POST-TRANSLATIONALLY' ? ? 
2 non-polymer syn 'SULFATE ION'                        96.063   2   ? ?                                                        ? ? 
3 water       nat water                                18.015   116 ? ?                                                        ? ? 
# 
_entity_name_com.entity_id   1 
_entity_name_com.name        'MCP-1, MCAF' 
# 
_entity_poly.entity_id                      1 
_entity_poly.type                           'polypeptide(L)' 
_entity_poly.nstd_linkage                   no 
_entity_poly.nstd_monomer                   no 
_entity_poly.pdbx_seq_one_letter_code       MQPDAINAPVTCCYNFTNRKISVQRLASYRRITSSKCPKEAVIFKTIVAKEICADPKQKWVQDSMDHLDKQTQTPKT 
_entity_poly.pdbx_seq_one_letter_code_can   MQPDAINAPVTCCYNFTNRKISVQRLASYRRITSSKCPKEAVIFKTIVAKEICADPKQKWVQDSMDHLDKQTQTPKT 
_entity_poly.pdbx_strand_id                 A,B 
_entity_poly.pdbx_target_identifier         ? 
# 
loop_
_pdbx_entity_nonpoly.entity_id 
_pdbx_entity_nonpoly.name 
_pdbx_entity_nonpoly.comp_id 
2 'SULFATE ION' SO4 
3 water         HOH 
# 
loop_
_entity_poly_seq.entity_id 
_entity_poly_seq.num 
_entity_poly_seq.mon_id 
_entity_poly_seq.hetero 
1 1  MET n 
1 2  GLN n 
1 3  PRO n 
1 4  ASP n 
1 5  ALA n 
1 6  ILE n 
1 7  ASN n 
1 8  ALA n 
1 9  PRO n 
1 10 VAL n 
1 11 THR n 
1 12 CYS n 
1 13 CYS n 
1 14 TYR n 
1 15 ASN n 
1 16 PHE n 
1 17 THR n 
1 18 ASN n 
1 19 ARG n 
1 20 LYS n 
1 21 ILE n 
1 22 SER n 
1 23 VAL n 
1 24 GLN n 
1 25 ARG n 
1 26 LEU n 
1 27 ALA n 
1 28 SER n 
1 29 TYR n 
1 30 ARG n 
1 31 ARG n 
1 32 ILE n 
1 33 THR n 
1 34 SER n 
1 35 SER n 
1 36 LYS n 
1 37 CYS n 
1 38 PRO n 
1 39 LYS n 
1 40 GLU n 
1 41 ALA n 
1 42 VAL n 
1 43 ILE n 
1 44 PHE n 
1 45 LYS n 
1 46 THR n 
1 47 ILE n 
1 48 VAL n 
1 49 ALA n 
1 50 LYS n 
1 51 GLU n 
1 52 ILE n 
1 53 CYS n 
1 54 ALA n 
1 55 ASP n 
1 56 PRO n 
1 57 LYS n 
1 58 GLN n 
1 59 LYS n 
1 60 TRP n 
1 61 VAL n 
1 62 GLN n 
1 63 ASP n 
1 64 SER n 
1 65 MET n 
1 66 ASP n 
1 67 HIS n 
1 68 LEU n 
1 69 ASP n 
1 70 LYS n 
1 71 GLN n 
1 72 THR n 
1 73 GLN n 
1 74 THR n 
1 75 PRO n 
1 76 LYS n 
1 77 THR n 
# 
_entity_src_gen.entity_id                          1 
_entity_src_gen.pdbx_src_id                        1 
_entity_src_gen.pdbx_alt_source_flag               sample 
_entity_src_gen.pdbx_seq_type                      ? 
_entity_src_gen.pdbx_beg_seq_num                   ? 
_entity_src_gen.pdbx_end_seq_num                   ? 
_entity_src_gen.gene_src_common_name               human 
_entity_src_gen.gene_src_genus                     Homo 
_entity_src_gen.pdbx_gene_src_gene                 ? 
_entity_src_gen.gene_src_species                   ? 
_entity_src_gen.gene_src_strain                    ? 
_entity_src_gen.gene_src_tissue                    ? 
_entity_src_gen.gene_src_tissue_fraction           ? 
_entity_src_gen.gene_src_details                   ? 
_entity_src_gen.pdbx_gene_src_fragment             ? 
_entity_src_gen.pdbx_gene_src_scientific_name      'Homo sapiens' 
_entity_src_gen.pdbx_gene_src_ncbi_taxonomy_id     9606 
_entity_src_gen.pdbx_gene_src_variant              ? 
_entity_src_gen.pdbx_gene_src_cell_line            ? 
_entity_src_gen.pdbx_gene_src_atcc                 ? 
_entity_src_gen.pdbx_gene_src_organ                ? 
_entity_src_gen.pdbx_gene_src_organelle            ? 
_entity_src_gen.pdbx_gene_src_cell                 ? 
_entity_src_gen.pdbx_gene_src_cellular_location    ? 
_entity_src_gen.host_org_common_name               ? 
_entity_src_gen.pdbx_host_org_scientific_name      'Escherichia coli' 
_entity_src_gen.pdbx_host_org_ncbi_taxonomy_id     562 
_entity_src_gen.host_org_genus                     Escherichia 
_entity_src_gen.pdbx_host_org_gene                 ? 
_entity_src_gen.pdbx_host_org_organ                ? 
_entity_src_gen.host_org_species                   ? 
_entity_src_gen.pdbx_host_org_tissue               ? 
_entity_src_gen.pdbx_host_org_tissue_fraction      ? 
_entity_src_gen.pdbx_host_org_strain               ? 
_entity_src_gen.pdbx_host_org_variant              ? 
_entity_src_gen.pdbx_host_org_cell_line            ? 
_entity_src_gen.pdbx_host_org_atcc                 ? 
_entity_src_gen.pdbx_host_org_culture_collection   ? 
_entity_src_gen.pdbx_host_org_cell                 ? 
_entity_src_gen.pdbx_host_org_organelle            ? 
_entity_src_gen.pdbx_host_org_cellular_location    ? 
_entity_src_gen.pdbx_host_org_vector_type          ? 
_entity_src_gen.pdbx_host_org_vector               ? 
_entity_src_gen.host_org_details                   ? 
_entity_src_gen.expression_system_id               ? 
_entity_src_gen.plasmid_name                       BL21 
_entity_src_gen.plasmid_details                    ? 
_entity_src_gen.pdbx_description                   ? 
# 
loop_
_chem_comp.id 
_chem_comp.type 
_chem_comp.mon_nstd_flag 
_chem_comp.name 
_chem_comp.pdbx_synonyms 
_chem_comp.formula 
_chem_comp.formula_weight 
ALA 'L-peptide linking' y ALANINE         ? 'C3 H7 N O2'     89.093  
ARG 'L-peptide linking' y ARGININE        ? 'C6 H15 N4 O2 1' 175.209 
ASN 'L-peptide linking' y ASPARAGINE      ? 'C4 H8 N2 O3'    132.118 
ASP 'L-peptide linking' y 'ASPARTIC ACID' ? 'C4 H7 N O4'     133.103 
CYS 'L-peptide linking' y CYSTEINE        ? 'C3 H7 N O2 S'   121.158 
GLN 'L-peptide linking' y GLUTAMINE       ? 'C5 H10 N2 O3'   146.144 
GLU 'L-peptide linking' y 'GLUTAMIC ACID' ? 'C5 H9 N O4'     147.129 
HIS 'L-peptide linking' y HISTIDINE       ? 'C6 H10 N3 O2 1' 156.162 
HOH non-polymer         . WATER           ? 'H2 O'           18.015  
ILE 'L-peptide linking' y ISOLEUCINE      ? 'C6 H13 N O2'    131.173 
LEU 'L-peptide linking' y LEUCINE         ? 'C6 H13 N O2'    131.173 
LYS 'L-peptide linking' y LYSINE          ? 'C6 H15 N2 O2 1' 147.195 
MET 'L-peptide linking' y METHIONINE      ? 'C5 H11 N O2 S'  149.211 
PHE 'L-peptide linking' y PHENYLALANINE   ? 'C9 H11 N O2'    165.189 
PRO 'L-peptide linking' y PROLINE         ? 'C5 H9 N O2'     115.130 
SER 'L-peptide linking' y SERINE          ? 'C3 H7 N O3'     105.093 
SO4 non-polymer         . 'SULFATE ION'   ? 'O4 S -2'        96.063  
THR 'L-peptide linking' y THREONINE       ? 'C4 H9 N O3'     119.119 
TRP 'L-peptide linking' y TRYPTOPHAN      ? 'C11 H12 N2 O2'  204.225 
TYR 'L-peptide linking' y TYROSINE        ? 'C9 H11 N O3'    181.189 
VAL 'L-peptide linking' y VALINE          ? 'C5 H11 N O2'    117.146 
# 
loop_
_pdbx_poly_seq_scheme.asym_id 
_pdbx_poly_seq_scheme.entity_id 
_pdbx_poly_seq_scheme.seq_id 
_pdbx_poly_seq_scheme.mon_id 
_pdbx_poly_seq_scheme.ndb_seq_num 
_pdbx_poly_seq_scheme.pdb_seq_num 
_pdbx_poly_seq_scheme.auth_seq_num 
_pdbx_poly_seq_scheme.pdb_mon_id 
_pdbx_poly_seq_scheme.auth_mon_id 
_pdbx_poly_seq_scheme.pdb_strand_id 
_pdbx_poly_seq_scheme.pdb_ins_code 
_pdbx_poly_seq_scheme.hetero 
A 1 1  MET 1  0  0  MET MET A . n 
A 1 2  GLN 2  1  1  GLN GLN A . n 
A 1 3  PRO 3  2  2  PRO PRO A . n 
A 1 4  ASP 4  3  3  ASP ASP A . n 
A 1 5  ALA 5  4  4  ALA ALA A . n 
A 1 6  ILE 6  5  5  ILE ILE A . n 
A 1 7  ASN 7  6  6  ASN ASN A . n 
A 1 8  ALA 8  7  7  ALA ALA A . n 
A 1 9  PRO 9  8  8  PRO PRO A . n 
A 1 10 VAL 10 9  9  VAL VAL A . n 
A 1 11 THR 11 10 10 THR THR A . n 
A 1 12 CYS 12 11 11 CYS CYS A . n 
A 1 13 CYS 13 12 12 CYS CYS A . n 
A 1 14 TYR 14 13 13 TYR TYR A . n 
A 1 15 ASN 15 14 14 ASN ASN A . n 
A 1 16 PHE 16 15 15 PHE PHE A . n 
A 1 17 THR 17 16 16 THR THR A . n 
A 1 18 ASN 18 17 17 ASN ASN A . n 
A 1 19 ARG 19 18 18 ARG ARG A . n 
A 1 20 LYS 20 19 19 LYS LYS A . n 
A 1 21 ILE 21 20 20 ILE ILE A . n 
A 1 22 SER 22 21 21 SER SER A . n 
A 1 23 VAL 23 22 22 VAL VAL A . n 
A 1 24 GLN 24 23 23 GLN GLN A . n 
A 1 25 ARG 25 24 24 ARG ARG A . n 
A 1 26 LEU 26 25 25 LEU LEU A . n 
A 1 27 ALA 27 26 26 ALA ALA A . n 
A 1 28 SER 28 27 27 SER SER A . n 
A 1 29 TYR 29 28 28 TYR TYR A . n 
A 1 30 ARG 30 29 29 ARG ARG A . n 
A 1 31 ARG 31 30 30 ARG ARG A . n 
A 1 32 ILE 32 31 31 ILE ILE A . n 
A 1 33 THR 33 32 32 THR THR A . n 
A 1 34 SER 34 33 33 SER SER A . n 
A 1 35 SER 35 34 34 SER SER A . n 
A 1 36 LYS 36 35 35 LYS LYS A . n 
A 1 37 CYS 37 36 36 CYS CYS A . n 
A 1 38 PRO 38 37 37 PRO PRO A . n 
A 1 39 LYS 39 38 38 LYS LYS A . n 
A 1 40 GLU 40 39 39 GLU GLU A . n 
A 1 41 ALA 41 40 40 ALA ALA A . n 
A 1 42 VAL 42 41 41 VAL VAL A . n 
A 1 43 ILE 43 42 42 ILE ILE A . n 
A 1 44 PHE 44 43 43 PHE PHE A . n 
A 1 45 LYS 45 44 44 LYS LYS A . n 
A 1 46 THR 46 45 45 THR THR A . n 
A 1 47 ILE 47 46 46 ILE ILE A . n 
A 1 48 VAL 48 47 47 VAL VAL A . n 
A 1 49 ALA 49 48 48 ALA ALA A . n 
A 1 50 LYS 50 49 49 LYS LYS A . n 
A 1 51 GLU 51 50 50 GLU GLU A . n 
A 1 52 ILE 52 51 51 ILE ILE A . n 
A 1 53 CYS 53 52 52 CYS CYS A . n 
A 1 54 ALA 54 53 53 ALA ALA A . n 
A 1 55 ASP 55 54 54 ASP ASP A . n 
A 1 56 PRO 56 55 55 PRO PRO A . n 
A 1 57 LYS 57 56 56 LYS LYS A . n 
A 1 58 GLN 58 57 57 GLN GLN A . n 
A 1 59 LYS 59 58 58 LYS LYS A . n 
A 1 60 TRP 60 59 59 TRP TRP A . n 
A 1 61 VAL 61 60 60 VAL VAL A . n 
A 1 62 GLN 62 61 61 GLN GLN A . n 
A 1 63 ASP 63 62 62 ASP ASP A . n 
A 1 64 SER 64 63 63 SER SER A . n 
A 1 65 MET 65 64 64 MET MET A . n 
A 1 66 ASP 66 65 65 ASP ASP A . n 
A 1 67 HIS 67 66 66 HIS HIS A . n 
A 1 68 LEU 68 67 67 LEU LEU A . n 
A 1 69 ASP 69 68 68 ASP ASP A . n 
A 1 70 LYS 70 69 69 LYS LYS A . n 
A 1 71 GLN 71 70 70 GLN GLN A . n 
A 1 72 THR 72 71 71 THR THR A . n 
A 1 73 GLN 73 72 ?  ?   ?   A . n 
A 1 74 THR 74 73 ?  ?   ?   A . n 
A 1 75 PRO 75 74 ?  ?   ?   A . n 
A 1 76 LYS 76 75 ?  ?   ?   A . n 
A 1 77 THR 77 76 ?  ?   ?   A . n 
B 1 1  MET 1  0  0  MET MET B . n 
B 1 2  GLN 2  1  1  GLN GLN B . n 
B 1 3  PRO 3  2  2  PRO PRO B . n 
B 1 4  ASP 4  3  3  ASP ASP B . n 
B 1 5  ALA 5  4  4  ALA ALA B . n 
B 1 6  ILE 6  5  5  ILE ILE B . n 
B 1 7  ASN 7  6  6  ASN ASN B . n 
B 1 8  ALA 8  7  7  ALA ALA B . n 
B 1 9  PRO 9  8  8  PRO PRO B . n 
B 1 10 VAL 10 9  9  VAL VAL B . n 
B 1 11 THR 11 10 10 THR THR B . n 
B 1 12 CYS 12 11 11 CYS CYS B . n 
B 1 13 CYS 13 12 12 CYS CYS B . n 
B 1 14 TYR 14 13 13 TYR TYR B . n 
B 1 15 ASN 15 14 14 ASN ASN B . n 
B 1 16 PHE 16 15 15 PHE PHE B . n 
B 1 17 THR 17 16 16 THR THR B . n 
B 1 18 ASN 18 17 17 ASN ASN B . n 
B 1 19 ARG 19 18 18 ARG ARG B . n 
B 1 20 LYS 20 19 19 LYS LYS B . n 
B 1 21 ILE 21 20 20 ILE ILE B . n 
B 1 22 SER 22 21 21 SER SER B . n 
B 1 23 VAL 23 22 22 VAL VAL B . n 
B 1 24 GLN 24 23 23 GLN GLN B . n 
B 1 25 ARG 25 24 24 ARG ARG B . n 
B 1 26 LEU 26 25 25 LEU LEU B . n 
B 1 27 ALA 27 26 26 ALA ALA B . n 
B 1 28 SER 28 27 27 SER SER B . n 
B 1 29 TYR 29 28 28 TYR TYR B . n 
B 1 30 ARG 30 29 29 ARG ARG B . n 
B 1 31 ARG 31 30 30 ARG ARG B . n 
B 1 32 ILE 32 31 31 ILE ILE B . n 
B 1 33 THR 33 32 32 THR THR B . n 
B 1 34 SER 34 33 33 SER SER B . n 
B 1 35 SER 35 34 34 SER SER B . n 
B 1 36 LYS 36 35 35 LYS LYS B . n 
B 1 37 CYS 37 36 36 CYS CYS B . n 
B 1 38 PRO 38 37 37 PRO PRO B . n 
B 1 39 LYS 39 38 38 LYS LYS B . n 
B 1 40 GLU 40 39 39 GLU GLU B . n 
B 1 41 ALA 41 40 40 ALA ALA B . n 
B 1 42 VAL 42 41 41 VAL VAL B . n 
B 1 43 ILE 43 42 42 ILE ILE B . n 
B 1 44 PHE 44 43 43 PHE PHE B . n 
B 1 45 LYS 45 44 44 LYS LYS B . n 
B 1 46 THR 46 45 45 THR THR B . n 
B 1 47 ILE 47 46 46 ILE ILE B . n 
B 1 48 VAL 48 47 47 VAL VAL B . n 
B 1 49 ALA 49 48 48 ALA ALA B . n 
B 1 50 LYS 50 49 49 LYS LYS B . n 
B 1 51 GLU 51 50 50 GLU GLU B . n 
B 1 52 ILE 52 51 51 ILE ILE B . n 
B 1 53 CYS 53 52 52 CYS CYS B . n 
B 1 54 ALA 54 53 53 ALA ALA B . n 
B 1 55 ASP 55 54 54 ASP ASP B . n 
B 1 56 PRO 56 55 55 PRO PRO B . n 
B 1 57 LYS 57 56 56 LYS LYS B . n 
B 1 58 GLN 58 57 57 GLN GLN B . n 
B 1 59 LYS 59 58 58 LYS LYS B . n 
B 1 60 TRP 60 59 59 TRP TRP B . n 
B 1 61 VAL 61 60 60 VAL VAL B . n 
B 1 62 GLN 62 61 61 GLN GLN B . n 
B 1 63 ASP 63 62 62 ASP ASP B . n 
B 1 64 SER 64 63 63 SER SER B . n 
B 1 65 MET 65 64 64 MET MET B . n 
B 1 66 ASP 66 65 65 ASP ASP B . n 
B 1 67 HIS 67 66 66 HIS HIS B . n 
B 1 68 LEU 68 67 67 LEU LEU B . n 
B 1 69 ASP 69 68 68 ASP ASP B . n 
B 1 70 LYS 70 69 69 LYS LYS B . n 
B 1 71 GLN 71 70 70 GLN GLN B . n 
B 1 72 THR 72 71 71 THR THR B . n 
B 1 73 GLN 73 72 ?  ?   ?   B . n 
B 1 74 THR 74 73 ?  ?   ?   B . n 
B 1 75 PRO 75 74 ?  ?   ?   B . n 
B 1 76 LYS 76 75 ?  ?   ?   B . n 
B 1 77 THR 77 76 ?  ?   ?   B . n 
# 
loop_
_pdbx_nonpoly_scheme.asym_id 
_pdbx_nonpoly_scheme.entity_id 
_pdbx_nonpoly_scheme.mon_id 
_pdbx_nonpoly_scheme.ndb_seq_num 
_pdbx_nonpoly_scheme.pdb_seq_num 
_pdbx_nonpoly_scheme.auth_seq_num 
_pdbx_nonpoly_scheme.pdb_mon_id 
_pdbx_nonpoly_scheme.auth_mon_id 
_pdbx_nonpoly_scheme.pdb_strand_id 
_pdbx_nonpoly_scheme.pdb_ins_code 
C 2 SO4 1  402 402 SO4 SO4 A . 
D 2 SO4 1  401 401 SO4 SO4 B . 
E 3 HOH 1  201 201 HOH HOH A . 
E 3 HOH 2  204 204 HOH HOH A . 
E 3 HOH 3  205 205 HOH HOH A . 
E 3 HOH 4  207 207 HOH HOH A . 
E 3 HOH 5  209 209 HOH HOH A . 
E 3 HOH 6  210 210 HOH HOH A . 
E 3 HOH 7  211 211 HOH HOH A . 
E 3 HOH 8  212 212 HOH HOH A . 
E 3 HOH 9  213 213 HOH HOH A . 
E 3 HOH 10 214 214 HOH HOH A . 
E 3 HOH 11 215 215 HOH HOH A . 
E 3 HOH 12 216 216 HOH HOH A . 
E 3 HOH 13 217 217 HOH HOH A . 
E 3 HOH 14 218 218 HOH HOH A . 
E 3 HOH 15 221 221 HOH HOH A . 
E 3 HOH 16 242 242 HOH HOH A . 
E 3 HOH 17 244 244 HOH HOH A . 
E 3 HOH 18 246 246 HOH HOH A . 
E 3 HOH 19 247 247 HOH HOH A . 
E 3 HOH 20 248 248 HOH HOH A . 
E 3 HOH 21 249 249 HOH HOH A . 
E 3 HOH 22 250 250 HOH HOH A . 
E 3 HOH 23 251 251 HOH HOH A . 
E 3 HOH 24 252 252 HOH HOH A . 
E 3 HOH 25 253 253 HOH HOH A . 
E 3 HOH 26 254 254 HOH HOH A . 
E 3 HOH 27 255 255 HOH HOH A . 
E 3 HOH 28 256 256 HOH HOH A . 
E 3 HOH 29 257 257 HOH HOH A . 
E 3 HOH 30 270 270 HOH HOH A . 
E 3 HOH 31 271 271 HOH HOH A . 
E 3 HOH 32 272 272 HOH HOH A . 
E 3 HOH 33 273 273 HOH HOH A . 
E 3 HOH 34 274 274 HOH HOH A . 
E 3 HOH 35 275 275 HOH HOH A . 
E 3 HOH 36 276 276 HOH HOH A . 
E 3 HOH 37 277 277 HOH HOH A . 
E 3 HOH 38 278 278 HOH HOH A . 
E 3 HOH 39 279 279 HOH HOH A . 
E 3 HOH 40 284 284 HOH HOH A . 
E 3 HOH 41 285 285 HOH HOH A . 
E 3 HOH 42 286 286 HOH HOH A . 
E 3 HOH 43 295 295 HOH HOH A . 
E 3 HOH 44 296 296 HOH HOH A . 
E 3 HOH 45 300 300 HOH HOH A . 
E 3 HOH 46 304 304 HOH HOH A . 
E 3 HOH 47 306 306 HOH HOH A . 
E 3 HOH 48 307 307 HOH HOH A . 
E 3 HOH 49 308 308 HOH HOH A . 
E 3 HOH 50 309 309 HOH HOH A . 
E 3 HOH 51 313 313 HOH HOH A . 
E 3 HOH 52 316 316 HOH HOH A . 
F 3 HOH 1  202 202 HOH HOH B . 
F 3 HOH 2  203 203 HOH HOH B . 
F 3 HOH 3  206 206 HOH HOH B . 
F 3 HOH 4  208 208 HOH HOH B . 
F 3 HOH 5  219 219 HOH HOH B . 
F 3 HOH 6  220 220 HOH HOH B . 
F 3 HOH 7  222 222 HOH HOH B . 
F 3 HOH 8  223 223 HOH HOH B . 
F 3 HOH 9  224 224 HOH HOH B . 
F 3 HOH 10 225 225 HOH HOH B . 
F 3 HOH 11 226 226 HOH HOH B . 
F 3 HOH 12 227 227 HOH HOH B . 
F 3 HOH 13 228 228 HOH HOH B . 
F 3 HOH 14 229 229 HOH HOH B . 
F 3 HOH 15 230 230 HOH HOH B . 
F 3 HOH 16 231 231 HOH HOH B . 
F 3 HOH 17 232 232 HOH HOH B . 
F 3 HOH 18 233 233 HOH HOH B . 
F 3 HOH 19 234 234 HOH HOH B . 
F 3 HOH 20 235 235 HOH HOH B . 
F 3 HOH 21 236 236 HOH HOH B . 
F 3 HOH 22 237 237 HOH HOH B . 
F 3 HOH 23 238 238 HOH HOH B . 
F 3 HOH 24 239 239 HOH HOH B . 
F 3 HOH 25 240 240 HOH HOH B . 
F 3 HOH 26 241 241 HOH HOH B . 
F 3 HOH 27 243 243 HOH HOH B . 
F 3 HOH 28 245 245 HOH HOH B . 
F 3 HOH 29 258 258 HOH HOH B . 
F 3 HOH 30 259 259 HOH HOH B . 
F 3 HOH 31 260 260 HOH HOH B . 
F 3 HOH 32 261 261 HOH HOH B . 
F 3 HOH 33 262 262 HOH HOH B . 
F 3 HOH 34 263 263 HOH HOH B . 
F 3 HOH 35 264 264 HOH HOH B . 
F 3 HOH 36 265 265 HOH HOH B . 
F 3 HOH 37 266 266 HOH HOH B . 
F 3 HOH 38 267 267 HOH HOH B . 
F 3 HOH 39 268 268 HOH HOH B . 
F 3 HOH 40 269 269 HOH HOH B . 
F 3 HOH 41 280 280 HOH HOH B . 
F 3 HOH 42 281 281 HOH HOH B . 
F 3 HOH 43 282 282 HOH HOH B . 
F 3 HOH 44 283 283 HOH HOH B . 
F 3 HOH 45 287 287 HOH HOH B . 
F 3 HOH 46 288 288 HOH HOH B . 
F 3 HOH 47 289 289 HOH HOH B . 
F 3 HOH 48 290 290 HOH HOH B . 
F 3 HOH 49 291 291 HOH HOH B . 
F 3 HOH 50 292 292 HOH HOH B . 
F 3 HOH 51 293 293 HOH HOH B . 
F 3 HOH 52 294 294 HOH HOH B . 
F 3 HOH 53 297 297 HOH HOH B . 
F 3 HOH 54 298 298 HOH HOH B . 
F 3 HOH 55 299 299 HOH HOH B . 
F 3 HOH 56 301 301 HOH HOH B . 
F 3 HOH 57 302 302 HOH HOH B . 
F 3 HOH 58 303 303 HOH HOH B . 
F 3 HOH 59 305 305 HOH HOH B . 
F 3 HOH 60 310 310 HOH HOH B . 
F 3 HOH 61 311 311 HOH HOH B . 
F 3 HOH 62 312 312 HOH HOH B . 
F 3 HOH 63 314 314 HOH HOH B . 
F 3 HOH 64 315 315 HOH HOH B . 
# 
loop_
_software.name 
_software.classification 
_software.version 
_software.citation_id 
_software.pdbx_ordinal 
DENZO     'data reduction' .   ? 1 
SCALEPACK 'data scaling'   .   ? 2 
AMoRE     phasing          .   ? 3 
X-PLOR    refinement       3.1 ? 4 
# 
_cell.entry_id           1DOK 
_cell.length_a           50.740 
_cell.length_b           50.740 
_cell.length_c           107.650 
_cell.angle_alpha        90.00 
_cell.angle_beta         90.00 
_cell.angle_gamma        90.00 
_cell.Z_PDB              16 
_cell.pdbx_unique_axis   ? 
# 
_symmetry.entry_id                         1DOK 
_symmetry.space_group_name_H-M             'P 43 21 2' 
_symmetry.pdbx_full_space_group_name_H-M   ? 
_symmetry.cell_setting                     ? 
_symmetry.Int_Tables_number                96 
# 
_exptl.entry_id          1DOK 
_exptl.method            'X-RAY DIFFRACTION' 
_exptl.crystals_number   1 
# 
_exptl_crystal.id                    1 
_exptl_crystal.density_meas          ? 
_exptl_crystal.density_Matthews      2.04 
_exptl_crystal.density_percent_sol   32. 
_exptl_crystal.description           'INITIAL MODEL FOR MOLECULAR REPLACEMENT WAS MODIFIED AS DESCRIBED IN JOURNAL ARTICLE.' 
# 
_exptl_crystal_grow.crystal_id      1 
_exptl_crystal_grow.method          'VAPOR DIFFUSION, HANGING DROP' 
_exptl_crystal_grow.temp            ? 
_exptl_crystal_grow.temp_details    ? 
_exptl_crystal_grow.pH              8.0 
_exptl_crystal_grow.pdbx_pH_range   7.5-8.0 
_exptl_crystal_grow.pdbx_details    
;10 MG/ML PROTEIN IN 50 MM TRIS BUFFER PH 7.5-8 EQUILIBRATED AGAINST 50-55% AMMONIUM SULFATE USING HANGING DROP VAPOR DIFFUSION METHOD., pH 8.0, vapor diffusion - hanging drop
;
# 
_diffrn.id                     1 
_diffrn.ambient_temp           298 
_diffrn.ambient_temp_details   ? 
_diffrn.crystal_id             1 
# 
_diffrn_detector.diffrn_id              1 
_diffrn_detector.detector               'IMAGE PLATE' 
_diffrn_detector.type                   RIGAKU 
_diffrn_detector.pdbx_collection_date   1995-11-05 
_diffrn_detector.details                COLLIMATOR 
# 
_diffrn_radiation.diffrn_id                        1 
_diffrn_radiation.wavelength_id                    1 
_diffrn_radiation.pdbx_monochromatic_or_laue_m_l   M 
_diffrn_radiation.monochromator                    'GRAPHITE(002)' 
_diffrn_radiation.pdbx_diffrn_protocol             ? 
_diffrn_radiation.pdbx_scattering_type             x-ray 
# 
_diffrn_radiation_wavelength.id           1 
_diffrn_radiation_wavelength.wavelength   1.5418 
_diffrn_radiation_wavelength.wt           1.0 
# 
_diffrn_source.diffrn_id                   1 
_diffrn_source.source                      'ROTATING ANODE' 
_diffrn_source.type                        'RIGAKU RUH2R' 
_diffrn_source.pdbx_synchrotron_site       ? 
_diffrn_source.pdbx_synchrotron_beamline   ? 
_diffrn_source.pdbx_wavelength             1.5418 
_diffrn_source.pdbx_wavelength_list        ? 
# 
_reflns.entry_id                     1DOK 
_reflns.observed_criterion_sigma_I   0.0 
_reflns.observed_criterion_sigma_F   ? 
_reflns.d_resolution_low             10.0 
_reflns.d_resolution_high            1.85 
_reflns.number_obs                   12318 
_reflns.number_all                   ? 
_reflns.percent_possible_obs         97.0 
_reflns.pdbx_Rmerge_I_obs            ? 
_reflns.pdbx_Rsym_value              0.078 
_reflns.pdbx_netI_over_sigmaI        15.3 
_reflns.B_iso_Wilson_estimate        ? 
_reflns.pdbx_redundancy              4.59 
_reflns.pdbx_diffrn_id               1 
_reflns.pdbx_ordinal                 1 
# 
_reflns_shell.d_res_high             1.85 
_reflns_shell.d_res_low              1.92 
_reflns_shell.percent_possible_all   94.7 
_reflns_shell.Rmerge_I_obs           ? 
_reflns_shell.pdbx_Rsym_value        0.363 
_reflns_shell.meanI_over_sigI_obs    2.15 
_reflns_shell.pdbx_redundancy        3.82 
_reflns_shell.pdbx_diffrn_id         ? 
_reflns_shell.pdbx_ordinal           1 
# 
_refine.entry_id                                 1DOK 
_refine.ls_number_reflns_obs                     12308 
_refine.ls_number_reflns_all                     ? 
_refine.pdbx_ls_sigma_I                          ? 
_refine.pdbx_ls_sigma_F                          2.0 
_refine.pdbx_data_cutoff_high_absF               10000000.00 
_refine.pdbx_data_cutoff_low_absF                0.001 
_refine.pdbx_data_cutoff_high_rms_absF           ? 
_refine.ls_d_res_low                             10.0 
_refine.ls_d_res_high                            1.85 
_refine.ls_percent_reflns_obs                    97.0 
_refine.ls_R_factor_obs                          0.191 
_refine.ls_R_factor_all                          ? 
_refine.ls_R_factor_R_work                       0.191 
_refine.ls_R_factor_R_free                       0.245 
_refine.ls_R_factor_R_free_error                 0.010 
_refine.ls_R_factor_R_free_error_details         ? 
_refine.ls_percent_reflns_R_free                 7.0 
_refine.ls_number_reflns_R_free                  572 
_refine.ls_number_parameters                     ? 
_refine.ls_number_restraints                     ? 
_refine.occupancy_min                            ? 
_refine.occupancy_max                            ? 
_refine.B_iso_mean                               30.0 
_refine.aniso_B[1][1]                            ? 
_refine.aniso_B[2][2]                            ? 
_refine.aniso_B[3][3]                            ? 
_refine.aniso_B[1][2]                            ? 
_refine.aniso_B[1][3]                            ? 
_refine.aniso_B[2][3]                            ? 
_refine.solvent_model_details                    ? 
_refine.solvent_model_param_ksol                 ? 
_refine.solvent_model_param_bsol                 ? 
_refine.pdbx_ls_cross_valid_method               ? 
_refine.details                                  
'REFLECTIONS FOR R-FREE TEST SELECTED IN 10.0 - 2.0 A RESOLUTION RANGE. THE TWO CHAINS WERE REFINED INDEPENDENTLY.' 
_refine.pdbx_starting_model                      'PDB ENTRY 1DOM' 
_refine.pdbx_method_to_determine_struct          'MOLECULAR REPLACEMENT' 
_refine.pdbx_isotropic_thermal_model             ? 
_refine.pdbx_stereochemistry_target_values       ? 
_refine.pdbx_stereochem_target_val_spec_case     ? 
_refine.pdbx_R_Free_selection_details            'RANDOM, UP TO 2.0 A' 
_refine.pdbx_overall_ESU_R                       ? 
_refine.pdbx_overall_ESU_R_Free                  ? 
_refine.overall_SU_ML                            ? 
_refine.overall_SU_B                             ? 
_refine.pdbx_refine_id                           'X-RAY DIFFRACTION' 
_refine.pdbx_diffrn_id                           1 
_refine.pdbx_TLS_residual_ADP_flag               ? 
_refine.correlation_coeff_Fo_to_Fc               ? 
_refine.correlation_coeff_Fo_to_Fc_free          ? 
_refine.pdbx_solvent_vdw_probe_radii             ? 
_refine.pdbx_solvent_ion_probe_radii             ? 
_refine.pdbx_solvent_shrinkage_radii             ? 
_refine.pdbx_overall_phase_error                 ? 
_refine.overall_SU_R_Cruickshank_DPI             ? 
_refine.pdbx_overall_SU_R_free_Cruickshank_DPI   ? 
_refine.pdbx_overall_SU_R_Blow_DPI               ? 
_refine.pdbx_overall_SU_R_free_Blow_DPI          ? 
# 
_refine_hist.pdbx_refine_id                   'X-RAY DIFFRACTION' 
_refine_hist.cycle_id                         LAST 
_refine_hist.pdbx_number_atoms_protein        1152 
_refine_hist.pdbx_number_atoms_nucleic_acid   0 
_refine_hist.pdbx_number_atoms_ligand         10 
_refine_hist.number_atoms_solvent             116 
_refine_hist.number_atoms_total               1278 
_refine_hist.d_res_high                       1.85 
_refine_hist.d_res_low                        10.0 
# 
loop_
_refine_ls_restr.type 
_refine_ls_restr.dev_ideal 
_refine_ls_restr.dev_ideal_target 
_refine_ls_restr.weight 
_refine_ls_restr.number 
_refine_ls_restr.pdbx_refine_id 
_refine_ls_restr.pdbx_restraint_function 
x_bond_d                0.014 ?   ? ? 'X-RAY DIFFRACTION' ? 
x_bond_d_na             ?     ?   ? ? 'X-RAY DIFFRACTION' ? 
x_bond_d_prot           ?     ?   ? ? 'X-RAY DIFFRACTION' ? 
x_angle_d               ?     ?   ? ? 'X-RAY DIFFRACTION' ? 
x_angle_d_na            ?     ?   ? ? 'X-RAY DIFFRACTION' ? 
x_angle_d_prot          ?     ?   ? ? 'X-RAY DIFFRACTION' ? 
x_angle_deg             1.74  ?   ? ? 'X-RAY DIFFRACTION' ? 
x_angle_deg_na          ?     ?   ? ? 'X-RAY DIFFRACTION' ? 
x_angle_deg_prot        ?     ?   ? ? 'X-RAY DIFFRACTION' ? 
x_dihedral_angle_d      27.7  ?   ? ? 'X-RAY DIFFRACTION' ? 
x_dihedral_angle_d_na   ?     ?   ? ? 'X-RAY DIFFRACTION' ? 
x_dihedral_angle_d_prot ?     ?   ? ? 'X-RAY DIFFRACTION' ? 
x_improper_angle_d      1.46  ?   ? ? 'X-RAY DIFFRACTION' ? 
x_improper_angle_d_na   ?     ?   ? ? 'X-RAY DIFFRACTION' ? 
x_improper_angle_d_prot ?     ?   ? ? 'X-RAY DIFFRACTION' ? 
x_mcbond_it             2.19  1.5 ? ? 'X-RAY DIFFRACTION' ? 
x_mcangle_it            2.32  2.0 ? ? 'X-RAY DIFFRACTION' ? 
x_scbond_it             2.19  2.0 ? ? 'X-RAY DIFFRACTION' ? 
x_scangle_it            2.32  2.5 ? ? 'X-RAY DIFFRACTION' ? 
# 
loop_
_pdbx_xplor_file.serial_no 
_pdbx_xplor_file.param_file 
_pdbx_xplor_file.topol_file 
_pdbx_xplor_file.pdbx_refine_id 
1 PARHCSDX.PRO TOPHCSDX.PRO 'X-RAY DIFFRACTION' 
2 ?            ?            'X-RAY DIFFRACTION' 
# 
_struct_ncs_oper.id             1 
_struct_ncs_oper.code           given 
_struct_ncs_oper.details        ? 
_struct_ncs_oper.matrix[1][1]   0.04701246 
_struct_ncs_oper.matrix[1][2]   -0.16900695 
_struct_ncs_oper.matrix[1][3]   -0.98449311 
_struct_ncs_oper.matrix[2][1]   -0.11162595 
_struct_ncs_oper.matrix[2][2]   -0.98029793 
_struct_ncs_oper.matrix[2][3]   0.16295627 
_struct_ncs_oper.matrix[3][1]   -0.99263786 
_struct_ncs_oper.matrix[3][2]   0.10223454 
_struct_ncs_oper.matrix[3][3]   -0.06495252 
_struct_ncs_oper.vector[1]      0.41406 
_struct_ncs_oper.vector[2]      0.26211 
_struct_ncs_oper.vector[3]      0.18266 
# 
_struct.entry_id                  1DOK 
_struct.title                     'MONOCYTE CHEMOATTRACTANT PROTEIN 1, P-FORM' 
_struct.pdbx_model_details        ? 
_struct.pdbx_CASP_flag            ? 
_struct.pdbx_model_type_details   ? 
# 
_struct_keywords.entry_id        1DOK 
_struct_keywords.pdbx_keywords   CHEMOATTRACTANT 
_struct_keywords.text            'CHEMOATTRACTANT, CYTOKINE' 
# 
loop_
_struct_asym.id 
_struct_asym.pdbx_blank_PDB_chainid_flag 
_struct_asym.pdbx_modified 
_struct_asym.entity_id 
_struct_asym.details 
A N N 1 ? 
B N N 1 ? 
C N N 2 ? 
D N N 2 ? 
E N N 3 ? 
F N N 3 ? 
# 
_struct_ref.id                         1 
_struct_ref.db_name                    UNP 
_struct_ref.db_code                    CCL2_HUMAN 
_struct_ref.entity_id                  1 
_struct_ref.pdbx_db_accession          P13500 
_struct_ref.pdbx_align_begin           1 
_struct_ref.pdbx_seq_one_letter_code   
;MKVSAALLCLLLIAATFIPQGLAQPDAINAPVTCCYNFTNRKISVQRLASYRRITSSKCPKEAVIFKTIVAKEICADPKQ
KWVQDSMDHLDKQTQTPKT
;
_struct_ref.pdbx_db_isoform            ? 
# 
loop_
_struct_ref_seq.align_id 
_struct_ref_seq.ref_id 
_struct_ref_seq.pdbx_PDB_id_code 
_struct_ref_seq.pdbx_strand_id 
_struct_ref_seq.seq_align_beg 
_struct_ref_seq.pdbx_seq_align_beg_ins_code 
_struct_ref_seq.seq_align_end 
_struct_ref_seq.pdbx_seq_align_end_ins_code 
_struct_ref_seq.pdbx_db_accession 
_struct_ref_seq.db_align_beg 
_struct_ref_seq.pdbx_db_align_beg_ins_code 
_struct_ref_seq.db_align_end 
_struct_ref_seq.pdbx_db_align_end_ins_code 
_struct_ref_seq.pdbx_auth_seq_align_beg 
_struct_ref_seq.pdbx_auth_seq_align_end 
1 1 1DOK A 2 ? 77 ? P13500 24 ? 99 ? 1 76 
2 1 1DOK B 2 ? 77 ? P13500 24 ? 99 ? 1 76 
# 
loop_
_pdbx_struct_assembly.id 
_pdbx_struct_assembly.details 
_pdbx_struct_assembly.method_details 
_pdbx_struct_assembly.oligomeric_details 
_pdbx_struct_assembly.oligomeric_count 
1 author_and_software_defined_assembly PISA dimeric    2 
2 software_defined_assembly            PISA tetrameric 4 
# 
loop_
_pdbx_struct_assembly_prop.biol_id 
_pdbx_struct_assembly_prop.type 
_pdbx_struct_assembly_prop.value 
_pdbx_struct_assembly_prop.details 
1 'ABSA (A^2)' 2130  ? 
1 MORE         -23   ? 
1 'SSA (A^2)'  9190  ? 
2 'ABSA (A^2)' 6750  ? 
2 MORE         -92   ? 
2 'SSA (A^2)'  16270 ? 
# 
loop_
_pdbx_struct_assembly_gen.assembly_id 
_pdbx_struct_assembly_gen.oper_expression 
_pdbx_struct_assembly_gen.asym_id_list 
1 1   A,B,C,D,E,F 
2 1,2 A,B,C,D,E,F 
# 
loop_
_pdbx_struct_oper_list.id 
_pdbx_struct_oper_list.type 
_pdbx_struct_oper_list.name 
_pdbx_struct_oper_list.symmetry_operation 
_pdbx_struct_oper_list.matrix[1][1] 
_pdbx_struct_oper_list.matrix[1][2] 
_pdbx_struct_oper_list.matrix[1][3] 
_pdbx_struct_oper_list.vector[1] 
_pdbx_struct_oper_list.matrix[2][1] 
_pdbx_struct_oper_list.matrix[2][2] 
_pdbx_struct_oper_list.matrix[2][3] 
_pdbx_struct_oper_list.vector[2] 
_pdbx_struct_oper_list.matrix[3][1] 
_pdbx_struct_oper_list.matrix[3][2] 
_pdbx_struct_oper_list.matrix[3][3] 
_pdbx_struct_oper_list.vector[3] 
1 'identity operation'         1_555 x,y,z            1.0000000000  0.0000000000  0.0000000000  0.0000000000  0.0000000000  1.0000000000  0.0000000000 0.0000000000  0.0000000000  0.0000000000 1.0000000000 0.0000000000 
2 'crystal symmetry operation' 8_665 -y+1,-x+1,-z+1/2 -0.8754123479 -0.2734835270 -0.3985724296 15.6486469415 -0.2734835270 -0.3996737377 0.8749100890 -6.5823273008 -0.3985724296 0.8749100890 0.2750860856 9.4080422743 
# 
_struct_biol.id   1 
# 
loop_
_struct_conf.conf_type_id 
_struct_conf.id 
_struct_conf.pdbx_PDB_helix_id 
_struct_conf.beg_label_comp_id 
_struct_conf.beg_label_asym_id 
_struct_conf.beg_label_seq_id 
_struct_conf.pdbx_beg_PDB_ins_code 
_struct_conf.end_label_comp_id 
_struct_conf.end_label_asym_id 
_struct_conf.end_label_seq_id 
_struct_conf.pdbx_end_PDB_ins_code 
_struct_conf.beg_auth_comp_id 
_struct_conf.beg_auth_asym_id 
_struct_conf.beg_auth_seq_id 
_struct_conf.end_auth_comp_id 
_struct_conf.end_auth_asym_id 
_struct_conf.end_auth_seq_id 
_struct_conf.pdbx_PDB_helix_class 
_struct_conf.details 
_struct_conf.pdbx_PDB_helix_length 
HELX_P HELX_P1 1 PRO A 3  ? ASN A 7  ? PRO A 2  ASN A 6  1 ? 5  
HELX_P HELX_P2 2 VAL A 23 ? ARG A 25 ? VAL A 22 ARG A 24 5 ? 3  
HELX_P HELX_P3 3 LYS A 59 ? LYS A 70 ? LYS A 58 LYS A 69 1 ? 12 
HELX_P HELX_P4 4 ASP B 4  ? ASN B 7  ? ASP B 3  ASN B 6  5 ? 4  
HELX_P HELX_P5 5 LYS B 59 ? LYS B 70 ? LYS B 58 LYS B 69 1 ? 12 
# 
_struct_conf_type.id          HELX_P 
_struct_conf_type.criteria    ? 
_struct_conf_type.reference   ? 
# 
loop_
_struct_conn.id 
_struct_conn.conn_type_id 
_struct_conn.pdbx_leaving_atom_flag 
_struct_conn.pdbx_PDB_id 
_struct_conn.ptnr1_label_asym_id 
_struct_conn.ptnr1_label_comp_id 
_struct_conn.ptnr1_label_seq_id 
_struct_conn.ptnr1_label_atom_id 
_struct_conn.pdbx_ptnr1_label_alt_id 
_struct_conn.pdbx_ptnr1_PDB_ins_code 
_struct_conn.pdbx_ptnr1_standard_comp_id 
_struct_conn.ptnr1_symmetry 
_struct_conn.ptnr2_label_asym_id 
_struct_conn.ptnr2_label_comp_id 
_struct_conn.ptnr2_label_seq_id 
_struct_conn.ptnr2_label_atom_id 
_struct_conn.pdbx_ptnr2_label_alt_id 
_struct_conn.pdbx_ptnr2_PDB_ins_code 
_struct_conn.ptnr1_auth_asym_id 
_struct_conn.ptnr1_auth_comp_id 
_struct_conn.ptnr1_auth_seq_id 
_struct_conn.ptnr2_auth_asym_id 
_struct_conn.ptnr2_auth_comp_id 
_struct_conn.ptnr2_auth_seq_id 
_struct_conn.ptnr2_symmetry 
_struct_conn.pdbx_ptnr3_label_atom_id 
_struct_conn.pdbx_ptnr3_label_seq_id 
_struct_conn.pdbx_ptnr3_label_comp_id 
_struct_conn.pdbx_ptnr3_label_asym_id 
_struct_conn.pdbx_ptnr3_label_alt_id 
_struct_conn.pdbx_ptnr3_PDB_ins_code 
_struct_conn.details 
_struct_conn.pdbx_dist_value 
_struct_conn.pdbx_value_order 
_struct_conn.pdbx_role 
disulf1 disulf ? ? A CYS 12 SG ? ? ? 1_555 A CYS 37 SG ? ? A CYS 11 A CYS 36 1_555 ? ? ? ? ? ? ? 2.029 ? ? 
disulf2 disulf ? ? A CYS 13 SG ? ? ? 1_555 A CYS 53 SG ? ? A CYS 12 A CYS 52 1_555 ? ? ? ? ? ? ? 2.036 ? ? 
disulf3 disulf ? ? B CYS 12 SG ? ? ? 1_555 B CYS 37 SG ? ? B CYS 11 B CYS 36 1_555 ? ? ? ? ? ? ? 2.023 ? ? 
disulf4 disulf ? ? B CYS 13 SG ? ? ? 1_555 B CYS 53 SG ? ? B CYS 12 B CYS 52 1_555 ? ? ? ? ? ? ? 2.024 ? ? 
# 
_struct_conn_type.id          disulf 
_struct_conn_type.criteria    ? 
_struct_conn_type.reference   ? 
# 
loop_
_pdbx_modification_feature.ordinal 
_pdbx_modification_feature.label_comp_id 
_pdbx_modification_feature.label_asym_id 
_pdbx_modification_feature.label_seq_id 
_pdbx_modification_feature.label_alt_id 
_pdbx_modification_feature.modified_residue_label_comp_id 
_pdbx_modification_feature.modified_residue_label_asym_id 
_pdbx_modification_feature.modified_residue_label_seq_id 
_pdbx_modification_feature.modified_residue_label_alt_id 
_pdbx_modification_feature.auth_comp_id 
_pdbx_modification_feature.auth_asym_id 
_pdbx_modification_feature.auth_seq_id 
_pdbx_modification_feature.PDB_ins_code 
_pdbx_modification_feature.symmetry 
_pdbx_modification_feature.modified_residue_auth_comp_id 
_pdbx_modification_feature.modified_residue_auth_asym_id 
_pdbx_modification_feature.modified_residue_auth_seq_id 
_pdbx_modification_feature.modified_residue_PDB_ins_code 
_pdbx_modification_feature.modified_residue_symmetry 
_pdbx_modification_feature.comp_id_linking_atom 
_pdbx_modification_feature.modified_residue_id_linking_atom 
_pdbx_modification_feature.modified_residue_id 
_pdbx_modification_feature.ref_pcm_id 
_pdbx_modification_feature.ref_comp_id 
_pdbx_modification_feature.type 
_pdbx_modification_feature.category 
1 CYS A 12 ? CYS A 37 ? CYS A 11 ? 1_555 CYS A 36 ? 1_555 SG SG . . . None 'Disulfide bridge' 
2 CYS A 13 ? CYS A 53 ? CYS A 12 ? 1_555 CYS A 52 ? 1_555 SG SG . . . None 'Disulfide bridge' 
3 CYS B 12 ? CYS B 37 ? CYS B 11 ? 1_555 CYS B 36 ? 1_555 SG SG . . . None 'Disulfide bridge' 
4 CYS B 13 ? CYS B 53 ? CYS B 12 ? 1_555 CYS B 52 ? 1_555 SG SG . . . None 'Disulfide bridge' 
# 
loop_
_struct_sheet.id 
_struct_sheet.type 
_struct_sheet.number_strands 
_struct_sheet.details 
A ? 2 ? 
B ? 3 ? 
C ? 3 ? 
# 
loop_
_struct_sheet_order.sheet_id 
_struct_sheet_order.range_id_1 
_struct_sheet_order.range_id_2 
_struct_sheet_order.offset 
_struct_sheet_order.sense 
A 1 2 ? anti-parallel 
B 1 2 ? anti-parallel 
B 2 3 ? anti-parallel 
C 1 2 ? anti-parallel 
C 2 3 ? anti-parallel 
# 
loop_
_struct_sheet_range.sheet_id 
_struct_sheet_range.id 
_struct_sheet_range.beg_label_comp_id 
_struct_sheet_range.beg_label_asym_id 
_struct_sheet_range.beg_label_seq_id 
_struct_sheet_range.pdbx_beg_PDB_ins_code 
_struct_sheet_range.end_label_comp_id 
_struct_sheet_range.end_label_asym_id 
_struct_sheet_range.end_label_seq_id 
_struct_sheet_range.pdbx_end_PDB_ins_code 
_struct_sheet_range.beg_auth_comp_id 
_struct_sheet_range.beg_auth_asym_id 
_struct_sheet_range.beg_auth_seq_id 
_struct_sheet_range.end_auth_comp_id 
_struct_sheet_range.end_auth_asym_id 
_struct_sheet_range.end_auth_seq_id 
A 1 VAL A 10 ? CYS A 12 ? VAL A 9  CYS A 11 
A 2 VAL B 10 ? CYS B 12 ? VAL B 9  CYS B 11 
B 1 GLU A 51 ? ALA A 54 ? GLU A 50 ALA A 53 
B 2 ALA A 41 ? THR A 46 ? ALA A 40 THR A 45 
B 3 LEU A 26 ? ILE A 32 ? LEU A 25 ILE A 31 
C 1 GLU B 51 ? ALA B 54 ? GLU B 50 ALA B 53 
C 2 VAL B 42 ? THR B 46 ? VAL B 41 THR B 45 
C 3 LEU B 26 ? ARG B 31 ? LEU B 25 ARG B 30 
# 
loop_
_pdbx_struct_sheet_hbond.sheet_id 
_pdbx_struct_sheet_hbond.range_id_1 
_pdbx_struct_sheet_hbond.range_id_2 
_pdbx_struct_sheet_hbond.range_1_label_atom_id 
_pdbx_struct_sheet_hbond.range_1_label_comp_id 
_pdbx_struct_sheet_hbond.range_1_label_asym_id 
_pdbx_struct_sheet_hbond.range_1_label_seq_id 
_pdbx_struct_sheet_hbond.range_1_PDB_ins_code 
_pdbx_struct_sheet_hbond.range_1_auth_atom_id 
_pdbx_struct_sheet_hbond.range_1_auth_comp_id 
_pdbx_struct_sheet_hbond.range_1_auth_asym_id 
_pdbx_struct_sheet_hbond.range_1_auth_seq_id 
_pdbx_struct_sheet_hbond.range_2_label_atom_id 
_pdbx_struct_sheet_hbond.range_2_label_comp_id 
_pdbx_struct_sheet_hbond.range_2_label_asym_id 
_pdbx_struct_sheet_hbond.range_2_label_seq_id 
_pdbx_struct_sheet_hbond.range_2_PDB_ins_code 
_pdbx_struct_sheet_hbond.range_2_auth_atom_id 
_pdbx_struct_sheet_hbond.range_2_auth_comp_id 
_pdbx_struct_sheet_hbond.range_2_auth_asym_id 
_pdbx_struct_sheet_hbond.range_2_auth_seq_id 
A 1 2 O VAL A 10 ? O VAL A 9  N CYS B 12 ? N CYS B 11 
B 1 2 O ILE A 52 ? O ILE A 51 N PHE A 44 ? N PHE A 43 
B 2 3 O ALA A 41 ? O ALA A 40 N ILE A 32 ? N ILE A 31 
C 1 2 O ILE B 52 ? O ILE B 51 N PHE B 44 ? N PHE B 43 
C 2 3 O ILE B 43 ? O ILE B 42 N ARG B 30 ? N ARG B 29 
# 
loop_
_struct_site.id 
_struct_site.pdbx_evidence_code 
_struct_site.pdbx_auth_asym_id 
_struct_site.pdbx_auth_comp_id 
_struct_site.pdbx_auth_seq_id 
_struct_site.pdbx_auth_ins_code 
_struct_site.pdbx_num_residues 
_struct_site.details 
AC1 Software B SO4 401 ? 8 'BINDING SITE FOR RESIDUE SO4 B 401' 
AC2 Software A SO4 402 ? 7 'BINDING SITE FOR RESIDUE SO4 A 402' 
# 
loop_
_struct_site_gen.id 
_struct_site_gen.site_id 
_struct_site_gen.pdbx_num_res 
_struct_site_gen.label_comp_id 
_struct_site_gen.label_asym_id 
_struct_site_gen.label_seq_id 
_struct_site_gen.pdbx_auth_ins_code 
_struct_site_gen.auth_comp_id 
_struct_site_gen.auth_asym_id 
_struct_site_gen.auth_seq_id 
_struct_site_gen.label_atom_id 
_struct_site_gen.label_alt_id 
_struct_site_gen.symmetry 
_struct_site_gen.details 
1  AC1 8 ASN A 7  ? ASN A 6   . ? 1_555 ? 
2  AC1 8 ASN A 15 ? ASN A 14  . ? 3_654 ? 
3  AC1 8 THR B 17 ? THR B 16  . ? 1_555 ? 
4  AC1 8 ASN B 18 ? ASN B 17  . ? 1_555 ? 
5  AC1 8 ARG B 19 ? ARG B 18  . ? 1_555 ? 
6  AC1 8 LYS B 36 ? LYS B 35  . ? 3_654 ? 
7  AC1 8 HOH F .  ? HOH B 234 . ? 3_654 ? 
8  AC1 8 HOH F .  ? HOH B 299 . ? 1_555 ? 
9  AC2 7 SER A 34 ? SER A 33  . ? 8_665 ? 
10 AC2 7 SER A 35 ? SER A 34  . ? 8_665 ? 
11 AC2 7 SER A 35 ? SER A 34  . ? 1_555 ? 
12 AC2 7 HOH E .  ? HOH A 279 . ? 1_555 ? 
13 AC2 7 HOH E .  ? HOH A 279 . ? 8_665 ? 
14 AC2 7 HOH E .  ? HOH A 304 . ? 8_665 ? 
15 AC2 7 HOH E .  ? HOH A 304 . ? 1_555 ? 
# 
_pdbx_entry_details.entry_id                   1DOK 
_pdbx_entry_details.compound_details           ? 
_pdbx_entry_details.source_details             ? 
_pdbx_entry_details.nonpolymer_details         ? 
_pdbx_entry_details.sequence_details           'RESIDUE MET 0 IS AN ARTIFACT OF EXPRESSION.' 
_pdbx_entry_details.has_ligand_of_interest     ? 
_pdbx_entry_details.has_protein_modification   Y 
# 
loop_
_pdbx_validate_torsion.id 
_pdbx_validate_torsion.PDB_model_num 
_pdbx_validate_torsion.auth_comp_id 
_pdbx_validate_torsion.auth_asym_id 
_pdbx_validate_torsion.auth_seq_id 
_pdbx_validate_torsion.PDB_ins_code 
_pdbx_validate_torsion.label_alt_id 
_pdbx_validate_torsion.phi 
_pdbx_validate_torsion.psi 
1 1 GLN B 1  ? ? -13.06  -65.09  
2 1 SER B 27 ? ? -170.09 -178.85 
3 1 ALA B 48 ? ? 70.68   40.05   
# 
loop_
_pdbx_unobs_or_zero_occ_residues.id 
_pdbx_unobs_or_zero_occ_residues.PDB_model_num 
_pdbx_unobs_or_zero_occ_residues.polymer_flag 
_pdbx_unobs_or_zero_occ_residues.occupancy_flag 
_pdbx_unobs_or_zero_occ_residues.auth_asym_id 
_pdbx_unobs_or_zero_occ_residues.auth_comp_id 
_pdbx_unobs_or_zero_occ_residues.auth_seq_id 
_pdbx_unobs_or_zero_occ_residues.PDB_ins_code 
_pdbx_unobs_or_zero_occ_residues.label_asym_id 
_pdbx_unobs_or_zero_occ_residues.label_comp_id 
_pdbx_unobs_or_zero_occ_residues.label_seq_id 
1  1 Y 1 A GLN 72 ? A GLN 73 
2  1 Y 1 A THR 73 ? A THR 74 
3  1 Y 1 A PRO 74 ? A PRO 75 
4  1 Y 1 A LYS 75 ? A LYS 76 
5  1 Y 1 A THR 76 ? A THR 77 
6  1 Y 1 B GLN 72 ? B GLN 73 
7  1 Y 1 B THR 73 ? B THR 74 
8  1 Y 1 B PRO 74 ? B PRO 75 
9  1 Y 1 B LYS 75 ? B LYS 76 
10 1 Y 1 B THR 76 ? B THR 77 
# 
loop_
_chem_comp_atom.comp_id 
_chem_comp_atom.atom_id 
_chem_comp_atom.type_symbol 
_chem_comp_atom.pdbx_aromatic_flag 
_chem_comp_atom.pdbx_stereo_config 
_chem_comp_atom.pdbx_ordinal 
ALA N    N N N 1   
ALA CA   C N S 2   
ALA C    C N N 3   
ALA O    O N N 4   
ALA CB   C N N 5   
ALA OXT  O N N 6   
ALA H    H N N 7   
ALA H2   H N N 8   
ALA HA   H N N 9   
ALA HB1  H N N 10  
ALA HB2  H N N 11  
ALA HB3  H N N 12  
ALA HXT  H N N 13  
ARG N    N N N 14  
ARG CA   C N S 15  
ARG C    C N N 16  
ARG O    O N N 17  
ARG CB   C N N 18  
ARG CG   C N N 19  
ARG CD   C N N 20  
ARG NE   N N N 21  
ARG CZ   C N N 22  
ARG NH1  N N N 23  
ARG NH2  N N N 24  
ARG OXT  O N N 25  
ARG H    H N N 26  
ARG H2   H N N 27  
ARG HA   H N N 28  
ARG HB2  H N N 29  
ARG HB3  H N N 30  
ARG HG2  H N N 31  
ARG HG3  H N N 32  
ARG HD2  H N N 33  
ARG HD3  H N N 34  
ARG HE   H N N 35  
ARG HH11 H N N 36  
ARG HH12 H N N 37  
ARG HH21 H N N 38  
ARG HH22 H N N 39  
ARG HXT  H N N 40  
ASN N    N N N 41  
ASN CA   C N S 42  
ASN C    C N N 43  
ASN O    O N N 44  
ASN CB   C N N 45  
ASN CG   C N N 46  
ASN OD1  O N N 47  
ASN ND2  N N N 48  
ASN OXT  O N N 49  
ASN H    H N N 50  
ASN H2   H N N 51  
ASN HA   H N N 52  
ASN HB2  H N N 53  
ASN HB3  H N N 54  
ASN HD21 H N N 55  
ASN HD22 H N N 56  
ASN HXT  H N N 57  
ASP N    N N N 58  
ASP CA   C N S 59  
ASP C    C N N 60  
ASP O    O N N 61  
ASP CB   C N N 62  
ASP CG   C N N 63  
ASP OD1  O N N 64  
ASP OD2  O N N 65  
ASP OXT  O N N 66  
ASP H    H N N 67  
ASP H2   H N N 68  
ASP HA   H N N 69  
ASP HB2  H N N 70  
ASP HB3  H N N 71  
ASP HD2  H N N 72  
ASP HXT  H N N 73  
CYS N    N N N 74  
CYS CA   C N R 75  
CYS C    C N N 76  
CYS O    O N N 77  
CYS CB   C N N 78  
CYS SG   S N N 79  
CYS OXT  O N N 80  
CYS H    H N N 81  
CYS H2   H N N 82  
CYS HA   H N N 83  
CYS HB2  H N N 84  
CYS HB3  H N N 85  
CYS HG   H N N 86  
CYS HXT  H N N 87  
GLN N    N N N 88  
GLN CA   C N S 89  
GLN C    C N N 90  
GLN O    O N N 91  
GLN CB   C N N 92  
GLN CG   C N N 93  
GLN CD   C N N 94  
GLN OE1  O N N 95  
GLN NE2  N N N 96  
GLN OXT  O N N 97  
GLN H    H N N 98  
GLN H2   H N N 99  
GLN HA   H N N 100 
GLN HB2  H N N 101 
GLN HB3  H N N 102 
GLN HG2  H N N 103 
GLN HG3  H N N 104 
GLN HE21 H N N 105 
GLN HE22 H N N 106 
GLN HXT  H N N 107 
GLU N    N N N 108 
GLU CA   C N S 109 
GLU C    C N N 110 
GLU O    O N N 111 
GLU CB   C N N 112 
GLU CG   C N N 113 
GLU CD   C N N 114 
GLU OE1  O N N 115 
GLU OE2  O N N 116 
GLU OXT  O N N 117 
GLU H    H N N 118 
GLU H2   H N N 119 
GLU HA   H N N 120 
GLU HB2  H N N 121 
GLU HB3  H N N 122 
GLU HG2  H N N 123 
GLU HG3  H N N 124 
GLU HE2  H N N 125 
GLU HXT  H N N 126 
HIS N    N N N 127 
HIS CA   C N S 128 
HIS C    C N N 129 
HIS O    O N N 130 
HIS CB   C N N 131 
HIS CG   C Y N 132 
HIS ND1  N Y N 133 
HIS CD2  C Y N 134 
HIS CE1  C Y N 135 
HIS NE2  N Y N 136 
HIS OXT  O N N 137 
HIS H    H N N 138 
HIS H2   H N N 139 
HIS HA   H N N 140 
HIS HB2  H N N 141 
HIS HB3  H N N 142 
HIS HD1  H N N 143 
HIS HD2  H N N 144 
HIS HE1  H N N 145 
HIS HE2  H N N 146 
HIS HXT  H N N 147 
HOH O    O N N 148 
HOH H1   H N N 149 
HOH H2   H N N 150 
ILE N    N N N 151 
ILE CA   C N S 152 
ILE C    C N N 153 
ILE O    O N N 154 
ILE CB   C N S 155 
ILE CG1  C N N 156 
ILE CG2  C N N 157 
ILE CD1  C N N 158 
ILE OXT  O N N 159 
ILE H    H N N 160 
ILE H2   H N N 161 
ILE HA   H N N 162 
ILE HB   H N N 163 
ILE HG12 H N N 164 
ILE HG13 H N N 165 
ILE HG21 H N N 166 
ILE HG22 H N N 167 
ILE HG23 H N N 168 
ILE HD11 H N N 169 
ILE HD12 H N N 170 
ILE HD13 H N N 171 
ILE HXT  H N N 172 
LEU N    N N N 173 
LEU CA   C N S 174 
LEU C    C N N 175 
LEU O    O N N 176 
LEU CB   C N N 177 
LEU CG   C N N 178 
LEU CD1  C N N 179 
LEU CD2  C N N 180 
LEU OXT  O N N 181 
LEU H    H N N 182 
LEU H2   H N N 183 
LEU HA   H N N 184 
LEU HB2  H N N 185 
LEU HB3  H N N 186 
LEU HG   H N N 187 
LEU HD11 H N N 188 
LEU HD12 H N N 189 
LEU HD13 H N N 190 
LEU HD21 H N N 191 
LEU HD22 H N N 192 
LEU HD23 H N N 193 
LEU HXT  H N N 194 
LYS N    N N N 195 
LYS CA   C N S 196 
LYS C    C N N 197 
LYS O    O N N 198 
LYS CB   C N N 199 
LYS CG   C N N 200 
LYS CD   C N N 201 
LYS CE   C N N 202 
LYS NZ   N N N 203 
LYS OXT  O N N 204 
LYS H    H N N 205 
LYS H2   H N N 206 
LYS HA   H N N 207 
LYS HB2  H N N 208 
LYS HB3  H N N 209 
LYS HG2  H N N 210 
LYS HG3  H N N 211 
LYS HD2  H N N 212 
LYS HD3  H N N 213 
LYS HE2  H N N 214 
LYS HE3  H N N 215 
LYS HZ1  H N N 216 
LYS HZ2  H N N 217 
LYS HZ3  H N N 218 
LYS HXT  H N N 219 
MET N    N N N 220 
MET CA   C N S 221 
MET C    C N N 222 
MET O    O N N 223 
MET CB   C N N 224 
MET CG   C N N 225 
MET SD   S N N 226 
MET CE   C N N 227 
MET OXT  O N N 228 
MET H    H N N 229 
MET H2   H N N 230 
MET HA   H N N 231 
MET HB2  H N N 232 
MET HB3  H N N 233 
MET HG2  H N N 234 
MET HG3  H N N 235 
MET HE1  H N N 236 
MET HE2  H N N 237 
MET HE3  H N N 238 
MET HXT  H N N 239 
PHE N    N N N 240 
PHE CA   C N S 241 
PHE C    C N N 242 
PHE O    O N N 243 
PHE CB   C N N 244 
PHE CG   C Y N 245 
PHE CD1  C Y N 246 
PHE CD2  C Y N 247 
PHE CE1  C Y N 248 
PHE CE2  C Y N 249 
PHE CZ   C Y N 250 
PHE OXT  O N N 251 
PHE H    H N N 252 
PHE H2   H N N 253 
PHE HA   H N N 254 
PHE HB2  H N N 255 
PHE HB3  H N N 256 
PHE HD1  H N N 257 
PHE HD2  H N N 258 
PHE HE1  H N N 259 
PHE HE2  H N N 260 
PHE HZ   H N N 261 
PHE HXT  H N N 262 
PRO N    N N N 263 
PRO CA   C N S 264 
PRO C    C N N 265 
PRO O    O N N 266 
PRO CB   C N N 267 
PRO CG   C N N 268 
PRO CD   C N N 269 
PRO OXT  O N N 270 
PRO H    H N N 271 
PRO HA   H N N 272 
PRO HB2  H N N 273 
PRO HB3  H N N 274 
PRO HG2  H N N 275 
PRO HG3  H N N 276 
PRO HD2  H N N 277 
PRO HD3  H N N 278 
PRO HXT  H N N 279 
SER N    N N N 280 
SER CA   C N S 281 
SER C    C N N 282 
SER O    O N N 283 
SER CB   C N N 284 
SER OG   O N N 285 
SER OXT  O N N 286 
SER H    H N N 287 
SER H2   H N N 288 
SER HA   H N N 289 
SER HB2  H N N 290 
SER HB3  H N N 291 
SER HG   H N N 292 
SER HXT  H N N 293 
SO4 S    S N N 294 
SO4 O1   O N N 295 
SO4 O2   O N N 296 
SO4 O3   O N N 297 
SO4 O4   O N N 298 
THR N    N N N 299 
THR CA   C N S 300 
THR C    C N N 301 
THR O    O N N 302 
THR CB   C N R 303 
THR OG1  O N N 304 
THR CG2  C N N 305 
THR OXT  O N N 306 
THR H    H N N 307 
THR H2   H N N 308 
THR HA   H N N 309 
THR HB   H N N 310 
THR HG1  H N N 311 
THR HG21 H N N 312 
THR HG22 H N N 313 
THR HG23 H N N 314 
THR HXT  H N N 315 
TRP N    N N N 316 
TRP CA   C N S 317 
TRP C    C N N 318 
TRP O    O N N 319 
TRP CB   C N N 320 
TRP CG   C Y N 321 
TRP CD1  C Y N 322 
TRP CD2  C Y N 323 
TRP NE1  N Y N 324 
TRP CE2  C Y N 325 
TRP CE3  C Y N 326 
TRP CZ2  C Y N 327 
TRP CZ3  C Y N 328 
TRP CH2  C Y N 329 
TRP OXT  O N N 330 
TRP H    H N N 331 
TRP H2   H N N 332 
TRP HA   H N N 333 
TRP HB2  H N N 334 
TRP HB3  H N N 335 
TRP HD1  H N N 336 
TRP HE1  H N N 337 
TRP HE3  H N N 338 
TRP HZ2  H N N 339 
TRP HZ3  H N N 340 
TRP HH2  H N N 341 
TRP HXT  H N N 342 
TYR N    N N N 343 
TYR CA   C N S 344 
TYR C    C N N 345 
TYR O    O N N 346 
TYR CB   C N N 347 
TYR CG   C Y N 348 
TYR CD1  C Y N 349 
TYR CD2  C Y N 350 
TYR CE1  C Y N 351 
TYR CE2  C Y N 352 
TYR CZ   C Y N 353 
TYR OH   O N N 354 
TYR OXT  O N N 355 
TYR H    H N N 356 
TYR H2   H N N 357 
TYR HA   H N N 358 
TYR HB2  H N N 359 
TYR HB3  H N N 360 
TYR HD1  H N N 361 
TYR HD2  H N N 362 
TYR HE1  H N N 363 
TYR HE2  H N N 364 
TYR HH   H N N 365 
TYR HXT  H N N 366 
VAL N    N N N 367 
VAL CA   C N S 368 
VAL C    C N N 369 
VAL O    O N N 370 
VAL CB   C N N 371 
VAL CG1  C N N 372 
VAL CG2  C N N 373 
VAL OXT  O N N 374 
VAL H    H N N 375 
VAL H2   H N N 376 
VAL HA   H N N 377 
VAL HB   H N N 378 
VAL HG11 H N N 379 
VAL HG12 H N N 380 
VAL HG13 H N N 381 
VAL HG21 H N N 382 
VAL HG22 H N N 383 
VAL HG23 H N N 384 
VAL HXT  H N N 385 
# 
loop_
_chem_comp_bond.comp_id 
_chem_comp_bond.atom_id_1 
_chem_comp_bond.atom_id_2 
_chem_comp_bond.value_order 
_chem_comp_bond.pdbx_aromatic_flag 
_chem_comp_bond.pdbx_stereo_config 
_chem_comp_bond.pdbx_ordinal 
ALA N   CA   sing N N 1   
ALA N   H    sing N N 2   
ALA N   H2   sing N N 3   
ALA CA  C    sing N N 4   
ALA CA  CB   sing N N 5   
ALA CA  HA   sing N N 6   
ALA C   O    doub N N 7   
ALA C   OXT  sing N N 8   
ALA CB  HB1  sing N N 9   
ALA CB  HB2  sing N N 10  
ALA CB  HB3  sing N N 11  
ALA OXT HXT  sing N N 12  
ARG N   CA   sing N N 13  
ARG N   H    sing N N 14  
ARG N   H2   sing N N 15  
ARG CA  C    sing N N 16  
ARG CA  CB   sing N N 17  
ARG CA  HA   sing N N 18  
ARG C   O    doub N N 19  
ARG C   OXT  sing N N 20  
ARG CB  CG   sing N N 21  
ARG CB  HB2  sing N N 22  
ARG CB  HB3  sing N N 23  
ARG CG  CD   sing N N 24  
ARG CG  HG2  sing N N 25  
ARG CG  HG3  sing N N 26  
ARG CD  NE   sing N N 27  
ARG CD  HD2  sing N N 28  
ARG CD  HD3  sing N N 29  
ARG NE  CZ   sing N N 30  
ARG NE  HE   sing N N 31  
ARG CZ  NH1  sing N N 32  
ARG CZ  NH2  doub N N 33  
ARG NH1 HH11 sing N N 34  
ARG NH1 HH12 sing N N 35  
ARG NH2 HH21 sing N N 36  
ARG NH2 HH22 sing N N 37  
ARG OXT HXT  sing N N 38  
ASN N   CA   sing N N 39  
ASN N   H    sing N N 40  
ASN N   H2   sing N N 41  
ASN CA  C    sing N N 42  
ASN CA  CB   sing N N 43  
ASN CA  HA   sing N N 44  
ASN C   O    doub N N 45  
ASN C   OXT  sing N N 46  
ASN CB  CG   sing N N 47  
ASN CB  HB2  sing N N 48  
ASN CB  HB3  sing N N 49  
ASN CG  OD1  doub N N 50  
ASN CG  ND2  sing N N 51  
ASN ND2 HD21 sing N N 52  
ASN ND2 HD22 sing N N 53  
ASN OXT HXT  sing N N 54  
ASP N   CA   sing N N 55  
ASP N   H    sing N N 56  
ASP N   H2   sing N N 57  
ASP CA  C    sing N N 58  
ASP CA  CB   sing N N 59  
ASP CA  HA   sing N N 60  
ASP C   O    doub N N 61  
ASP C   OXT  sing N N 62  
ASP CB  CG   sing N N 63  
ASP CB  HB2  sing N N 64  
ASP CB  HB3  sing N N 65  
ASP CG  OD1  doub N N 66  
ASP CG  OD2  sing N N 67  
ASP OD2 HD2  sing N N 68  
ASP OXT HXT  sing N N 69  
CYS N   CA   sing N N 70  
CYS N   H    sing N N 71  
CYS N   H2   sing N N 72  
CYS CA  C    sing N N 73  
CYS CA  CB   sing N N 74  
CYS CA  HA   sing N N 75  
CYS C   O    doub N N 76  
CYS C   OXT  sing N N 77  
CYS CB  SG   sing N N 78  
CYS CB  HB2  sing N N 79  
CYS CB  HB3  sing N N 80  
CYS SG  HG   sing N N 81  
CYS OXT HXT  sing N N 82  
GLN N   CA   sing N N 83  
GLN N   H    sing N N 84  
GLN N   H2   sing N N 85  
GLN CA  C    sing N N 86  
GLN CA  CB   sing N N 87  
GLN CA  HA   sing N N 88  
GLN C   O    doub N N 89  
GLN C   OXT  sing N N 90  
GLN CB  CG   sing N N 91  
GLN CB  HB2  sing N N 92  
GLN CB  HB3  sing N N 93  
GLN CG  CD   sing N N 94  
GLN CG  HG2  sing N N 95  
GLN CG  HG3  sing N N 96  
GLN CD  OE1  doub N N 97  
GLN CD  NE2  sing N N 98  
GLN NE2 HE21 sing N N 99  
GLN NE2 HE22 sing N N 100 
GLN OXT HXT  sing N N 101 
GLU N   CA   sing N N 102 
GLU N   H    sing N N 103 
GLU N   H2   sing N N 104 
GLU CA  C    sing N N 105 
GLU CA  CB   sing N N 106 
GLU CA  HA   sing N N 107 
GLU C   O    doub N N 108 
GLU C   OXT  sing N N 109 
GLU CB  CG   sing N N 110 
GLU CB  HB2  sing N N 111 
GLU CB  HB3  sing N N 112 
GLU CG  CD   sing N N 113 
GLU CG  HG2  sing N N 114 
GLU CG  HG3  sing N N 115 
GLU CD  OE1  doub N N 116 
GLU CD  OE2  sing N N 117 
GLU OE2 HE2  sing N N 118 
GLU OXT HXT  sing N N 119 
HIS N   CA   sing N N 120 
HIS N   H    sing N N 121 
HIS N   H2   sing N N 122 
HIS CA  C    sing N N 123 
HIS CA  CB   sing N N 124 
HIS CA  HA   sing N N 125 
HIS C   O    doub N N 126 
HIS C   OXT  sing N N 127 
HIS CB  CG   sing N N 128 
HIS CB  HB2  sing N N 129 
HIS CB  HB3  sing N N 130 
HIS CG  ND1  sing Y N 131 
HIS CG  CD2  doub Y N 132 
HIS ND1 CE1  doub Y N 133 
HIS ND1 HD1  sing N N 134 
HIS CD2 NE2  sing Y N 135 
HIS CD2 HD2  sing N N 136 
HIS CE1 NE2  sing Y N 137 
HIS CE1 HE1  sing N N 138 
HIS NE2 HE2  sing N N 139 
HIS OXT HXT  sing N N 140 
HOH O   H1   sing N N 141 
HOH O   H2   sing N N 142 
ILE N   CA   sing N N 143 
ILE N   H    sing N N 144 
ILE N   H2   sing N N 145 
ILE CA  C    sing N N 146 
ILE CA  CB   sing N N 147 
ILE CA  HA   sing N N 148 
ILE C   O    doub N N 149 
ILE C   OXT  sing N N 150 
ILE CB  CG1  sing N N 151 
ILE CB  CG2  sing N N 152 
ILE CB  HB   sing N N 153 
ILE CG1 CD1  sing N N 154 
ILE CG1 HG12 sing N N 155 
ILE CG1 HG13 sing N N 156 
ILE CG2 HG21 sing N N 157 
ILE CG2 HG22 sing N N 158 
ILE CG2 HG23 sing N N 159 
ILE CD1 HD11 sing N N 160 
ILE CD1 HD12 sing N N 161 
ILE CD1 HD13 sing N N 162 
ILE OXT HXT  sing N N 163 
LEU N   CA   sing N N 164 
LEU N   H    sing N N 165 
LEU N   H2   sing N N 166 
LEU CA  C    sing N N 167 
LEU CA  CB   sing N N 168 
LEU CA  HA   sing N N 169 
LEU C   O    doub N N 170 
LEU C   OXT  sing N N 171 
LEU CB  CG   sing N N 172 
LEU CB  HB2  sing N N 173 
LEU CB  HB3  sing N N 174 
LEU CG  CD1  sing N N 175 
LEU CG  CD2  sing N N 176 
LEU CG  HG   sing N N 177 
LEU CD1 HD11 sing N N 178 
LEU CD1 HD12 sing N N 179 
LEU CD1 HD13 sing N N 180 
LEU CD2 HD21 sing N N 181 
LEU CD2 HD22 sing N N 182 
LEU CD2 HD23 sing N N 183 
LEU OXT HXT  sing N N 184 
LYS N   CA   sing N N 185 
LYS N   H    sing N N 186 
LYS N   H2   sing N N 187 
LYS CA  C    sing N N 188 
LYS CA  CB   sing N N 189 
LYS CA  HA   sing N N 190 
LYS C   O    doub N N 191 
LYS C   OXT  sing N N 192 
LYS CB  CG   sing N N 193 
LYS CB  HB2  sing N N 194 
LYS CB  HB3  sing N N 195 
LYS CG  CD   sing N N 196 
LYS CG  HG2  sing N N 197 
LYS CG  HG3  sing N N 198 
LYS CD  CE   sing N N 199 
LYS CD  HD2  sing N N 200 
LYS CD  HD3  sing N N 201 
LYS CE  NZ   sing N N 202 
LYS CE  HE2  sing N N 203 
LYS CE  HE3  sing N N 204 
LYS NZ  HZ1  sing N N 205 
LYS NZ  HZ2  sing N N 206 
LYS NZ  HZ3  sing N N 207 
LYS OXT HXT  sing N N 208 
MET N   CA   sing N N 209 
MET N   H    sing N N 210 
MET N   H2   sing N N 211 
MET CA  C    sing N N 212 
MET CA  CB   sing N N 213 
MET CA  HA   sing N N 214 
MET C   O    doub N N 215 
MET C   OXT  sing N N 216 
MET CB  CG   sing N N 217 
MET CB  HB2  sing N N 218 
MET CB  HB3  sing N N 219 
MET CG  SD   sing N N 220 
MET CG  HG2  sing N N 221 
MET CG  HG3  sing N N 222 
MET SD  CE   sing N N 223 
MET CE  HE1  sing N N 224 
MET CE  HE2  sing N N 225 
MET CE  HE3  sing N N 226 
MET OXT HXT  sing N N 227 
PHE N   CA   sing N N 228 
PHE N   H    sing N N 229 
PHE N   H2   sing N N 230 
PHE CA  C    sing N N 231 
PHE CA  CB   sing N N 232 
PHE CA  HA   sing N N 233 
PHE C   O    doub N N 234 
PHE C   OXT  sing N N 235 
PHE CB  CG   sing N N 236 
PHE CB  HB2  sing N N 237 
PHE CB  HB3  sing N N 238 
PHE CG  CD1  doub Y N 239 
PHE CG  CD2  sing Y N 240 
PHE CD1 CE1  sing Y N 241 
PHE CD1 HD1  sing N N 242 
PHE CD2 CE2  doub Y N 243 
PHE CD2 HD2  sing N N 244 
PHE CE1 CZ   doub Y N 245 
PHE CE1 HE1  sing N N 246 
PHE CE2 CZ   sing Y N 247 
PHE CE2 HE2  sing N N 248 
PHE CZ  HZ   sing N N 249 
PHE OXT HXT  sing N N 250 
PRO N   CA   sing N N 251 
PRO N   CD   sing N N 252 
PRO N   H    sing N N 253 
PRO CA  C    sing N N 254 
PRO CA  CB   sing N N 255 
PRO CA  HA   sing N N 256 
PRO C   O    doub N N 257 
PRO C   OXT  sing N N 258 
PRO CB  CG   sing N N 259 
PRO CB  HB2  sing N N 260 
PRO CB  HB3  sing N N 261 
PRO CG  CD   sing N N 262 
PRO CG  HG2  sing N N 263 
PRO CG  HG3  sing N N 264 
PRO CD  HD2  sing N N 265 
PRO CD  HD3  sing N N 266 
PRO OXT HXT  sing N N 267 
SER N   CA   sing N N 268 
SER N   H    sing N N 269 
SER N   H2   sing N N 270 
SER CA  C    sing N N 271 
SER CA  CB   sing N N 272 
SER CA  HA   sing N N 273 
SER C   O    doub N N 274 
SER C   OXT  sing N N 275 
SER CB  OG   sing N N 276 
SER CB  HB2  sing N N 277 
SER CB  HB3  sing N N 278 
SER OG  HG   sing N N 279 
SER OXT HXT  sing N N 280 
SO4 S   O1   doub N N 281 
SO4 S   O2   doub N N 282 
SO4 S   O3   sing N N 283 
SO4 S   O4   sing N N 284 
THR N   CA   sing N N 285 
THR N   H    sing N N 286 
THR N   H2   sing N N 287 
THR CA  C    sing N N 288 
THR CA  CB   sing N N 289 
THR CA  HA   sing N N 290 
THR C   O    doub N N 291 
THR C   OXT  sing N N 292 
THR CB  OG1  sing N N 293 
THR CB  CG2  sing N N 294 
THR CB  HB   sing N N 295 
THR OG1 HG1  sing N N 296 
THR CG2 HG21 sing N N 297 
THR CG2 HG22 sing N N 298 
THR CG2 HG23 sing N N 299 
THR OXT HXT  sing N N 300 
TRP N   CA   sing N N 301 
TRP N   H    sing N N 302 
TRP N   H2   sing N N 303 
TRP CA  C    sing N N 304 
TRP CA  CB   sing N N 305 
TRP CA  HA   sing N N 306 
TRP C   O    doub N N 307 
TRP C   OXT  sing N N 308 
TRP CB  CG   sing N N 309 
TRP CB  HB2  sing N N 310 
TRP CB  HB3  sing N N 311 
TRP CG  CD1  doub Y N 312 
TRP CG  CD2  sing Y N 313 
TRP CD1 NE1  sing Y N 314 
TRP CD1 HD1  sing N N 315 
TRP CD2 CE2  doub Y N 316 
TRP CD2 CE3  sing Y N 317 
TRP NE1 CE2  sing Y N 318 
TRP NE1 HE1  sing N N 319 
TRP CE2 CZ2  sing Y N 320 
TRP CE3 CZ3  doub Y N 321 
TRP CE3 HE3  sing N N 322 
TRP CZ2 CH2  doub Y N 323 
TRP CZ2 HZ2  sing N N 324 
TRP CZ3 CH2  sing Y N 325 
TRP CZ3 HZ3  sing N N 326 
TRP CH2 HH2  sing N N 327 
TRP OXT HXT  sing N N 328 
TYR N   CA   sing N N 329 
TYR N   H    sing N N 330 
TYR N   H2   sing N N 331 
TYR CA  C    sing N N 332 
TYR CA  CB   sing N N 333 
TYR CA  HA   sing N N 334 
TYR C   O    doub N N 335 
TYR C   OXT  sing N N 336 
TYR CB  CG   sing N N 337 
TYR CB  HB2  sing N N 338 
TYR CB  HB3  sing N N 339 
TYR CG  CD1  doub Y N 340 
TYR CG  CD2  sing Y N 341 
TYR CD1 CE1  sing Y N 342 
TYR CD1 HD1  sing N N 343 
TYR CD2 CE2  doub Y N 344 
TYR CD2 HD2  sing N N 345 
TYR CE1 CZ   doub Y N 346 
TYR CE1 HE1  sing N N 347 
TYR CE2 CZ   sing Y N 348 
TYR CE2 HE2  sing N N 349 
TYR CZ  OH   sing N N 350 
TYR OH  HH   sing N N 351 
TYR OXT HXT  sing N N 352 
VAL N   CA   sing N N 353 
VAL N   H    sing N N 354 
VAL N   H2   sing N N 355 
VAL CA  C    sing N N 356 
VAL CA  CB   sing N N 357 
VAL CA  HA   sing N N 358 
VAL C   O    doub N N 359 
VAL C   OXT  sing N N 360 
VAL CB  CG1  sing N N 361 
VAL CB  CG2  sing N N 362 
VAL CB  HB   sing N N 363 
VAL CG1 HG11 sing N N 364 
VAL CG1 HG12 sing N N 365 
VAL CG1 HG13 sing N N 366 
VAL CG2 HG21 sing N N 367 
VAL CG2 HG22 sing N N 368 
VAL CG2 HG23 sing N N 369 
VAL OXT HXT  sing N N 370 
# 
_pdbx_initial_refinement_model.id               1 
_pdbx_initial_refinement_model.entity_id_list   ? 
_pdbx_initial_refinement_model.type             'experimental model' 
_pdbx_initial_refinement_model.source_name      PDB 
_pdbx_initial_refinement_model.accession_code   1DOM 
_pdbx_initial_refinement_model.details          'PDB ENTRY 1DOM' 
# 
_atom_sites.entry_id                    1DOK 
_atom_sites.fract_transf_matrix[1][1]   -0.00619559 
_atom_sites.fract_transf_matrix[1][2]   0.01849405 
_atom_sites.fract_transf_matrix[1][3]   0.00282662 
_atom_sites.fract_transf_matrix[2][1]   0.00076073 
_atom_sites.fract_transf_matrix[2][2]   0.00322415 
_atom_sites.fract_transf_matrix[2][3]   -0.01942759 
_atom_sites.fract_transf_matrix[3][1]   -0.00881076 
_atom_sites.fract_transf_matrix[3][2]   -0.00282720 
_atom_sites.fract_transf_matrix[3][3]   -0.00081420 
_atom_sites.fract_transf_vector[1]      0.290809 
_atom_sites.fract_transf_vector[2]      0.901268 
_atom_sites.fract_transf_vector[3]      0.313454 
# 
loop_
_atom_type.symbol 
C 
N 
O 
S 
# 
loop_
_atom_site.group_PDB 
_atom_site.id 
_atom_site.type_symbol 
_atom_site.label_atom_id 
_atom_site.label_alt_id 
_atom_site.label_comp_id 
_atom_site.label_asym_id 
_atom_site.label_entity_id 
_atom_site.label_seq_id 
_atom_site.pdbx_PDB_ins_code 
_atom_site.Cartn_x 
_atom_site.Cartn_y 
_atom_site.Cartn_z 
_atom_site.occupancy 
_atom_site.B_iso_or_equiv 
_atom_site.pdbx_formal_charge 
_atom_site.auth_seq_id 
_atom_site.auth_comp_id 
_atom_site.auth_asym_id 
_atom_site.auth_atom_id 
_atom_site.pdbx_PDB_model_num 
ATOM   1    N N   . MET A 1 1  ? 14.137  7.906   12.725  1.00 31.15 ? 0   MET A N   1 
ATOM   2    C CA  . MET A 1 1  ? 13.634  8.056   11.344  1.00 27.26 ? 0   MET A CA  1 
ATOM   3    C C   . MET A 1 1  ? 13.244  9.521   11.154  1.00 29.16 ? 0   MET A C   1 
ATOM   4    O O   . MET A 1 1  ? 12.836  10.176  12.118  1.00 29.17 ? 0   MET A O   1 
ATOM   5    C CB  . MET A 1 1  ? 12.444  7.136   11.154  1.00 23.93 ? 0   MET A CB  1 
ATOM   6    C CG  . MET A 1 1  ? 11.762  7.275   9.820   1.00 24.63 ? 0   MET A CG  1 
ATOM   7    S SD  . MET A 1 1  ? 12.855  6.963   8.417   1.00 25.10 ? 0   MET A SD  1 
ATOM   8    C CE  . MET A 1 1  ? 13.069  5.169   8.556   1.00 22.82 ? 0   MET A CE  1 
ATOM   9    N N   . GLN A 1 2  ? 13.432  10.057  9.946   1.00 30.26 ? 1   GLN A N   1 
ATOM   10   C CA  . GLN A 1 2  ? 13.078  11.448  9.637   1.00 29.36 ? 1   GLN A CA  1 
ATOM   11   C C   . GLN A 1 2  ? 11.554  11.663  9.510   1.00 30.50 ? 1   GLN A C   1 
ATOM   12   O O   . GLN A 1 2  ? 10.821  10.809  8.997   1.00 31.12 ? 1   GLN A O   1 
ATOM   13   C CB  . GLN A 1 2  ? 13.797  11.940  8.368   1.00 28.19 ? 1   GLN A CB  1 
ATOM   14   C CG  . GLN A 1 2  ? 15.321  12.049  8.466   1.00 26.49 ? 1   GLN A CG  1 
ATOM   15   C CD  . GLN A 1 2  ? 16.049  10.799  7.941   1.00 27.79 ? 1   GLN A CD  1 
ATOM   16   O OE1 . GLN A 1 2  ? 15.670  9.676   8.248   1.00 25.82 ? 1   GLN A OE1 1 
ATOM   17   N NE2 . GLN A 1 2  ? 17.092  11.007  7.147   1.00 26.07 ? 1   GLN A NE2 1 
ATOM   18   N N   . PRO A 1 3  ? 11.067  12.841  9.919   1.00 31.19 ? 2   PRO A N   1 
ATOM   19   C CA  . PRO A 1 3  ? 9.642   13.216  9.885   1.00 30.22 ? 2   PRO A CA  1 
ATOM   20   C C   . PRO A 1 3  ? 8.827   12.833  8.643   1.00 28.41 ? 2   PRO A C   1 
ATOM   21   O O   . PRO A 1 3  ? 7.714   12.320  8.766   1.00 30.95 ? 2   PRO A O   1 
ATOM   22   C CB  . PRO A 1 3  ? 9.686   14.728  10.062  1.00 31.81 ? 2   PRO A CB  1 
ATOM   23   C CG  . PRO A 1 3  ? 10.867  14.946  10.892  1.00 34.14 ? 2   PRO A CG  1 
ATOM   24   C CD  . PRO A 1 3  ? 11.897  13.977  10.362  1.00 32.45 ? 2   PRO A CD  1 
ATOM   25   N N   . ASP A 1 4  ? 9.356   13.089  7.450   1.00 24.02 ? 3   ASP A N   1 
ATOM   26   C CA  . ASP A 1 4  ? 8.634   12.775  6.219   1.00 21.28 ? 3   ASP A CA  1 
ATOM   27   C C   . ASP A 1 4  ? 8.179   11.335  6.175   1.00 20.89 ? 3   ASP A C   1 
ATOM   28   O O   . ASP A 1 4  ? 7.127   11.039  5.601   1.00 20.02 ? 3   ASP A O   1 
ATOM   29   C CB  . ASP A 1 4  ? 9.511   13.031  4.972   1.00 22.01 ? 3   ASP A CB  1 
ATOM   30   C CG  . ASP A 1 4  ? 9.668   14.529  4.640   1.00 26.36 ? 3   ASP A CG  1 
ATOM   31   O OD1 . ASP A 1 4  ? 8.817   15.340  5.084   1.00 25.60 ? 3   ASP A OD1 1 
ATOM   32   O OD2 . ASP A 1 4  ? 10.615  14.888  3.898   1.00 22.48 ? 3   ASP A OD2 1 
ATOM   33   N N   . ALA A 1 5  ? 8.978   10.439  6.762   1.00 18.66 ? 4   ALA A N   1 
ATOM   34   C CA  . ALA A 1 5  ? 8.676   9.012   6.716   1.00 20.35 ? 4   ALA A CA  1 
ATOM   35   C C   . ALA A 1 5  ? 7.386   8.667   7.415   1.00 19.74 ? 4   ALA A C   1 
ATOM   36   O O   . ALA A 1 5  ? 6.729   7.699   7.038   1.00 22.73 ? 4   ALA A O   1 
ATOM   37   C CB  . ALA A 1 5  ? 9.805   8.183   7.283   1.00 15.42 ? 4   ALA A CB  1 
ATOM   38   N N   . ILE A 1 6  ? 7.043   9.440   8.440   1.00 22.29 ? 5   ILE A N   1 
ATOM   39   C CA  . ILE A 1 6  ? 5.811   9.247   9.195   1.00 23.36 ? 5   ILE A CA  1 
ATOM   40   C C   . ILE A 1 6  ? 4.597   9.506   8.287   1.00 22.64 ? 5   ILE A C   1 
ATOM   41   O O   . ILE A 1 6  ? 3.490   8.964   8.499   1.00 24.58 ? 5   ILE A O   1 
ATOM   42   C CB  . ILE A 1 6  ? 5.690   10.294  10.350  1.00 27.45 ? 5   ILE A CB  1 
ATOM   43   C CG1 . ILE A 1 6  ? 6.905   10.239  11.281  1.00 29.87 ? 5   ILE A CG1 1 
ATOM   44   C CG2 . ILE A 1 6  ? 4.393   10.041  11.135  1.00 27.66 ? 5   ILE A CG2 1 
ATOM   45   C CD1 . ILE A 1 6  ? 7.004   8.932   12.068  1.00 35.84 ? 5   ILE A CD1 1 
ATOM   46   N N   . ASN A 1 7  ? 4.779   10.395  7.319   1.00 18.85 ? 6   ASN A N   1 
ATOM   47   C CA  . ASN A 1 7  ? 3.699   10.757  6.420   1.00 17.65 ? 6   ASN A CA  1 
ATOM   48   C C   . ASN A 1 7  ? 3.712   9.969   5.108   1.00 18.08 ? 6   ASN A C   1 
ATOM   49   O O   . ASN A 1 7  ? 3.009   10.338  4.143   1.00 17.21 ? 6   ASN A O   1 
ATOM   50   C CB  . ASN A 1 7  ? 3.755   12.256  6.130   1.00 16.74 ? 6   ASN A CB  1 
ATOM   51   C CG  . ASN A 1 7  ? 3.502   13.100  7.361   1.00 18.91 ? 6   ASN A CG  1 
ATOM   52   O OD1 . ASN A 1 7  ? 2.689   12.754  8.208   1.00 20.63 ? 6   ASN A OD1 1 
ATOM   53   N ND2 . ASN A 1 7  ? 4.229   14.198  7.484   1.00 17.70 ? 6   ASN A ND2 1 
ATOM   54   N N   . ALA A 1 8  ? 4.496   8.885   5.060   1.00 15.77 ? 7   ALA A N   1 
ATOM   55   C CA  . ALA A 1 8  ? 4.601   8.072   3.853   1.00 12.59 ? 7   ALA A CA  1 
ATOM   56   C C   . ALA A 1 8  ? 3.373   7.149   3.801   1.00 12.00 ? 7   ALA A C   1 
ATOM   57   O O   . ALA A 1 8  ? 2.765   6.865   4.838   1.00 12.99 ? 7   ALA A O   1 
ATOM   58   C CB  . ALA A 1 8  ? 5.920   7.267   3.871   1.00 11.88 ? 7   ALA A CB  1 
ATOM   59   N N   . PRO A 1 9  ? 2.892   6.826   2.592   1.00 13.31 ? 8   PRO A N   1 
ATOM   60   C CA  . PRO A 1 9  ? 1.720   5.946   2.475   1.00 15.76 ? 8   PRO A CA  1 
ATOM   61   C C   . PRO A 1 9  ? 2.100   4.572   2.988   1.00 17.58 ? 8   PRO A C   1 
ATOM   62   O O   . PRO A 1 9  ? 3.298   4.250   3.021   1.00 23.98 ? 8   PRO A O   1 
ATOM   63   C CB  . PRO A 1 9  ? 1.410   5.965   0.985   1.00 14.05 ? 8   PRO A CB  1 
ATOM   64   C CG  . PRO A 1 9  ? 2.732   6.265   0.338   1.00 14.52 ? 8   PRO A CG  1 
ATOM   65   C CD  . PRO A 1 9  ? 3.331   7.295   1.272   1.00 13.82 ? 8   PRO A CD  1 
ATOM   66   N N   . VAL A 1 10 ? 1.124   3.791   3.439   1.00 14.88 ? 9   VAL A N   1 
ATOM   67   C CA  . VAL A 1 10 ? 1.378   2.458   3.999   1.00 12.75 ? 9   VAL A CA  1 
ATOM   68   C C   . VAL A 1 10 ? 0.591   1.404   3.206   1.00 13.89 ? 9   VAL A C   1 
ATOM   69   O O   . VAL A 1 10 ? -0.550  1.642   2.842   1.00 16.00 ? 9   VAL A O   1 
ATOM   70   C CB  . VAL A 1 10 ? 0.889   2.413   5.491   1.00 13.34 ? 9   VAL A CB  1 
ATOM   71   C CG1 . VAL A 1 10 ? 1.162   1.037   6.069   1.00 14.66 ? 9   VAL A CG1 1 
ATOM   72   C CG2 . VAL A 1 10 ? 1.577   3.503   6.356   1.00 13.87 ? 9   VAL A CG2 1 
ATOM   73   N N   . THR A 1 11 ? 1.198   0.267   2.908   1.00 15.34 ? 10  THR A N   1 
ATOM   74   C CA  . THR A 1 11 ? 0.510   -0.834  2.201   1.00 15.59 ? 10  THR A CA  1 
ATOM   75   C C   . THR A 1 11 ? -0.044  -1.824  3.237   1.00 17.14 ? 10  THR A C   1 
ATOM   76   O O   . THR A 1 11 ? 0.707   -2.314  4.096   1.00 17.06 ? 10  THR A O   1 
ATOM   77   C CB  . THR A 1 11 ? 1.503   -1.575  1.325   1.00 19.33 ? 10  THR A CB  1 
ATOM   78   O OG1 . THR A 1 11 ? 1.916   -0.702  0.268   1.00 22.06 ? 10  THR A OG1 1 
ATOM   79   C CG2 . THR A 1 11 ? 0.887   -2.843  0.731   1.00 19.87 ? 10  THR A CG2 1 
ATOM   80   N N   . CYS A 1 12 ? -1.352  -2.092  3.175   1.00 16.73 ? 11  CYS A N   1 
ATOM   81   C CA  . CYS A 1 12 ? -2.056  -3.016  4.085   1.00 14.10 ? 11  CYS A CA  1 
ATOM   82   C C   . CYS A 1 12 ? -2.981  -3.977  3.334   1.00 13.27 ? 11  CYS A C   1 
ATOM   83   O O   . CYS A 1 12 ? -3.231  -3.867  2.136   1.00 13.98 ? 11  CYS A O   1 
ATOM   84   C CB  . CYS A 1 12 ? -2.950  -2.243  5.088   1.00 12.71 ? 11  CYS A CB  1 
ATOM   85   S SG  . CYS A 1 12 ? -2.125  -0.870  5.922   1.00 18.45 ? 11  CYS A SG  1 
ATOM   86   N N   . CYS A 1 13 ? -3.498  -4.918  4.082   1.00 14.58 ? 12  CYS A N   1 
ATOM   87   C CA  . CYS A 1 13 ? -4.431  -5.879  3.564   1.00 16.19 ? 12  CYS A CA  1 
ATOM   88   C C   . CYS A 1 13 ? -5.783  -5.628  4.196   1.00 17.27 ? 12  CYS A C   1 
ATOM   89   O O   . CYS A 1 13 ? -5.906  -5.573  5.416   1.00 17.29 ? 12  CYS A O   1 
ATOM   90   C CB  . CYS A 1 13 ? -3.963  -7.300  3.906   1.00 15.09 ? 12  CYS A CB  1 
ATOM   91   S SG  . CYS A 1 13 ? -2.644  -7.864  2.803   1.00 14.99 ? 12  CYS A SG  1 
ATOM   92   N N   A TYR A 1 14 ? -6.791  -5.484  3.343   0.50 20.21 ? 13  TYR A N   1 
ATOM   93   N N   B TYR A 1 14 ? -6.797  -5.506  3.353   0.50 18.58 ? 13  TYR A N   1 
ATOM   94   C CA  A TYR A 1 14 ? -8.181  -5.263  3.759   0.50 23.08 ? 13  TYR A CA  1 
ATOM   95   C CA  B TYR A 1 14 ? -8.169  -5.292  3.806   0.50 21.62 ? 13  TYR A CA  1 
ATOM   96   C C   A TYR A 1 14 ? -9.025  -6.501  3.407   0.50 47.87 ? 13  TYR A C   1 
ATOM   97   C C   B TYR A 1 14 ? -9.041  -6.471  3.396   0.50 25.80 ? 13  TYR A C   1 
ATOM   98   O O   A TYR A 1 14 ? -10.059 -6.741  4.026   0.50 32.13 ? 13  TYR A O   1 
ATOM   99   O O   B TYR A 1 14 ? -10.079 -6.687  4.015   0.50 29.79 ? 13  TYR A O   1 
ATOM   100  C CB  A TYR A 1 14 ? -8.770  -4.017  3.081   0.50 19.42 ? 13  TYR A CB  1 
ATOM   101  C CB  B TYR A 1 14 ? -8.748  -3.988  3.225   0.50 16.58 ? 13  TYR A CB  1 
ATOM   102  C CG  A TYR A 1 14 ? -8.375  -2.721  3.746   0.50 18.31 ? 13  TYR A CG  1 
ATOM   103  C CG  B TYR A 1 14 ? -7.925  -2.754  3.578   0.50 15.68 ? 13  TYR A CG  1 
ATOM   104  C CD1 A TYR A 1 14 ? -8.994  -2.317  4.934   0.50 15.78 ? 13  TYR A CD1 1 
ATOM   105  C CD1 B TYR A 1 14 ? -8.100  -2.097  4.805   0.50 14.91 ? 13  TYR A CD1 1 
ATOM   106  C CD2 A TYR A 1 14 ? -7.343  -1.936  3.236   0.50 15.27 ? 13  TYR A CD2 1 
ATOM   107  C CD2 B TYR A 1 14 ? -6.908  -2.314  2.740   0.50 12.70 ? 13  TYR A CD2 1 
ATOM   108  C CE1 A TYR A 1 14 ? -8.593  -1.182  5.602   0.50 13.82 ? 13  TYR A CE1 1 
ATOM   109  C CE1 B TYR A 1 14 ? -7.275  -1.054  5.189   0.50 14.50 ? 13  TYR A CE1 1 
ATOM   110  C CE2 A TYR A 1 14 ? -6.934  -0.779  3.901   0.50 16.66 ? 13  TYR A CE2 1 
ATOM   111  C CE2 B TYR A 1 14 ? -6.069  -1.263  3.110   0.50 13.25 ? 13  TYR A CE2 1 
ATOM   112  C CZ  A TYR A 1 14 ? -7.574  -0.421  5.092   0.50 15.85 ? 13  TYR A CZ  1 
ATOM   113  C CZ  B TYR A 1 14 ? -6.260  -0.642  4.329   0.50 13.29 ? 13  TYR A CZ  1 
ATOM   114  O OH  A TYR A 1 14 ? -7.201  0.682   5.790   0.50 14.12 ? 13  TYR A OH  1 
ATOM   115  O OH  B TYR A 1 14 ? -5.444  0.385   4.688   0.50 12.64 ? 13  TYR A OH  1 
ATOM   116  N N   . ASN A 1 15 ? -8.632  -7.217  2.366   1.00 28.58 ? 14  ASN A N   1 
ATOM   117  C CA  . ASN A 1 15 ? -9.359  -8.400  1.897   1.00 30.14 ? 14  ASN A CA  1 
ATOM   118  C C   . ASN A 1 15 ? -8.416  -9.601  2.083   1.00 30.88 ? 14  ASN A C   1 
ATOM   119  O O   . ASN A 1 15 ? -7.221  -9.456  1.871   1.00 33.30 ? 14  ASN A O   1 
ATOM   120  C CB  . ASN A 1 15 ? -9.593  -8.289  0.375   1.00 34.80 ? 14  ASN A CB  1 
ATOM   121  C CG  . ASN A 1 15 ? -10.087 -6.913  -0.073  1.00 44.22 ? 14  ASN A CG  1 
ATOM   122  O OD1 . ASN A 1 15 ? -9.319  -6.072  -0.603  1.00 45.94 ? 14  ASN A OD1 1 
ATOM   123  N ND2 . ASN A 1 15 ? -11.380 -6.690  0.093   1.00 48.11 ? 14  ASN A ND2 1 
ATOM   124  N N   . PHE A 1 16 ? -8.928  -10.776 2.447   1.00 28.99 ? 15  PHE A N   1 
ATOM   125  C CA  . PHE A 1 16 ? -8.113  -11.979 2.583   1.00 27.48 ? 15  PHE A CA  1 
ATOM   126  C C   . PHE A 1 16 ? -8.628  -13.014 1.583   1.00 30.59 ? 15  PHE A C   1 
ATOM   127  O O   . PHE A 1 16 ? -9.844  -13.235 1.523   1.00 32.21 ? 15  PHE A O   1 
ATOM   128  C CB  . PHE A 1 16 ? -8.222  -12.569 3.992   1.00 25.67 ? 15  PHE A CB  1 
ATOM   129  C CG  . PHE A 1 16 ? -7.388  -11.862 5.027   1.00 27.36 ? 15  PHE A CG  1 
ATOM   130  C CD1 . PHE A 1 16 ? -6.150  -11.317 4.680   1.00 24.39 ? 15  PHE A CD1 1 
ATOM   131  C CD2 . PHE A 1 16 ? -7.835  -11.750 6.348   1.00 27.93 ? 15  PHE A CD2 1 
ATOM   132  C CE1 . PHE A 1 16 ? -5.373  -10.673 5.615   1.00 24.06 ? 15  PHE A CE1 1 
ATOM   133  C CE2 . PHE A 1 16 ? -7.050  -11.097 7.325   1.00 26.93 ? 15  PHE A CE2 1 
ATOM   134  C CZ  . PHE A 1 16 ? -5.819  -10.562 6.952   1.00 27.35 ? 15  PHE A CZ  1 
ATOM   135  N N   . THR A 1 17 ? -7.733  -13.643 0.815   1.00 30.91 ? 16  THR A N   1 
ATOM   136  C CA  . THR A 1 17 ? -8.119  -14.684 -0.147  1.00 32.36 ? 16  THR A CA  1 
ATOM   137  C C   . THR A 1 17 ? -8.751  -15.814 0.640   1.00 34.76 ? 16  THR A C   1 
ATOM   138  O O   . THR A 1 17 ? -8.296  -16.171 1.723   1.00 34.69 ? 16  THR A O   1 
ATOM   139  C CB  . THR A 1 17 ? -6.921  -15.210 -0.981  1.00 31.51 ? 16  THR A CB  1 
ATOM   140  O OG1 . THR A 1 17 ? -7.401  -16.021 -2.052  1.00 31.86 ? 16  THR A OG1 1 
ATOM   141  C CG2 . THR A 1 17 ? -5.981  -16.024 -0.138  1.00 32.47 ? 16  THR A CG2 1 
ATOM   142  N N   . ASN A 1 18 ? -9.844  -16.338 0.133   1.00 39.57 ? 17  ASN A N   1 
ATOM   143  C CA  . ASN A 1 18 ? -10.544 -17.408 0.833   1.00 45.44 ? 17  ASN A CA  1 
ATOM   144  C C   . ASN A 1 18 ? -10.106 -18.788 0.372   1.00 45.77 ? 17  ASN A C   1 
ATOM   145  O O   . ASN A 1 18 ? -10.089 -19.745 1.144   1.00 47.24 ? 17  ASN A O   1 
ATOM   146  C CB  . ASN A 1 18 ? -12.059 -17.228 0.677   1.00 53.33 ? 17  ASN A CB  1 
ATOM   147  C CG  . ASN A 1 18 ? -12.480 -16.876 -0.767  1.00 59.12 ? 17  ASN A CG  1 
ATOM   148  O OD1 . ASN A 1 18 ? -11.824 -16.070 -1.450  1.00 61.40 ? 17  ASN A OD1 1 
ATOM   149  N ND2 . ASN A 1 18 ? -13.581 -17.472 -1.228  1.00 60.37 ? 17  ASN A ND2 1 
ATOM   150  N N   . ARG A 1 19 ? -9.650  -18.859 -0.866  1.00 46.91 ? 18  ARG A N   1 
ATOM   151  C CA  . ARG A 1 19 ? -9.226  -20.113 -1.448  1.00 48.82 ? 18  ARG A CA  1 
ATOM   152  C C   . ARG A 1 19 ? -7.762  -20.400 -1.192  1.00 45.52 ? 18  ARG A C   1 
ATOM   153  O O   . ARG A 1 19 ? -6.895  -19.556 -1.437  1.00 44.22 ? 18  ARG A O   1 
ATOM   154  C CB  . ARG A 1 19 ? -9.472  -20.100 -2.962  1.00 57.51 ? 18  ARG A CB  1 
ATOM   155  C CG  . ARG A 1 19 ? -9.210  -21.441 -3.662  1.00 67.54 ? 18  ARG A CG  1 
ATOM   156  C CD  . ARG A 1 19 ? -10.302 -22.472 -3.337  1.00 74.86 ? 18  ARG A CD  1 
ATOM   157  N NE  . ARG A 1 19 ? -9.937  -23.828 -3.758  1.00 78.93 ? 18  ARG A NE  1 
ATOM   158  C CZ  . ARG A 1 19 ? -10.716 -24.891 -3.592  1.00 79.61 ? 18  ARG A CZ  1 
ATOM   159  N NH1 . ARG A 1 19 ? -11.906 -24.755 -3.019  1.00 79.69 ? 18  ARG A NH1 1 
ATOM   160  N NH2 . ARG A 1 19 ? -10.293 -26.090 -3.976  1.00 80.20 ? 18  ARG A NH2 1 
ATOM   161  N N   . LYS A 1 20 ? -7.497  -21.621 -0.754  1.00 41.10 ? 19  LYS A N   1 
ATOM   162  C CA  . LYS A 1 20 ? -6.147  -22.075 -0.497  1.00 36.76 ? 19  LYS A CA  1 
ATOM   163  C C   . LYS A 1 20 ? -5.390  -22.004 -1.826  1.00 32.43 ? 19  LYS A C   1 
ATOM   164  O O   . LYS A 1 20 ? -5.925  -22.313 -2.882  1.00 32.44 ? 19  LYS A O   1 
ATOM   165  C CB  . LYS A 1 20 ? -6.196  -23.512 0.014   1.00 37.55 ? 19  LYS A CB  1 
ATOM   166  C CG  . LYS A 1 20 ? -4.844  -24.135 0.263   1.00 40.09 ? 19  LYS A CG  1 
ATOM   167  C CD  . LYS A 1 20 ? -5.018  -25.587 0.660   1.00 45.91 ? 19  LYS A CD  1 
ATOM   168  C CE  . LYS A 1 20 ? -3.786  -26.184 1.357   1.00 50.85 ? 19  LYS A CE  1 
ATOM   169  N NZ  . LYS A 1 20 ? -2.529  -26.285 0.535   1.00 52.71 ? 19  LYS A NZ  1 
ATOM   170  N N   . ILE A 1 21 ? -4.165  -21.522 -1.791  1.00 29.24 ? 20  ILE A N   1 
ATOM   171  C CA  . ILE A 1 21 ? -3.371  -21.428 -3.012  1.00 26.69 ? 20  ILE A CA  1 
ATOM   172  C C   . ILE A 1 21 ? -2.334  -22.532 -2.927  1.00 27.29 ? 20  ILE A C   1 
ATOM   173  O O   . ILE A 1 21 ? -1.747  -22.696 -1.869  1.00 25.24 ? 20  ILE A O   1 
ATOM   174  C CB  . ILE A 1 21 ? -2.638  -20.127 -3.010  1.00 23.89 ? 20  ILE A CB  1 
ATOM   175  C CG1 . ILE A 1 21 ? -3.615  -18.983 -3.224  1.00 27.64 ? 20  ILE A CG1 1 
ATOM   176  C CG2 . ILE A 1 21 ? -1.490  -20.142 -4.003  1.00 25.83 ? 20  ILE A CG2 1 
ATOM   177  C CD1 . ILE A 1 21 ? -2.938  -17.642 -3.055  1.00 28.15 ? 20  ILE A CD1 1 
ATOM   178  N N   . SER A 1 22 ? -2.111  -23.280 -4.008  1.00 29.61 ? 21  SER A N   1 
ATOM   179  C CA  . SER A 1 22 ? -1.102  -24.340 -3.997  1.00 34.03 ? 21  SER A CA  1 
ATOM   180  C C   . SER A 1 22 ? 0.317   -23.780 -3.809  1.00 33.46 ? 21  SER A C   1 
ATOM   181  O O   . SER A 1 22 ? 0.721   -22.840 -4.492  1.00 30.28 ? 21  SER A O   1 
ATOM   182  C CB  . SER A 1 22 ? -1.165  -25.151 -5.286  1.00 38.96 ? 21  SER A CB  1 
ATOM   183  O OG  . SER A 1 22 ? -0.028  -26.003 -5.410  1.00 47.94 ? 21  SER A OG  1 
ATOM   184  N N   . VAL A 1 23 ? 1.101   -24.454 -2.969  1.00 37.03 ? 22  VAL A N   1 
ATOM   185  C CA  . VAL A 1 23 ? 2.462   -24.026 -2.638  1.00 39.27 ? 22  VAL A CA  1 
ATOM   186  C C   . VAL A 1 23 ? 3.451   -23.965 -3.775  1.00 41.09 ? 22  VAL A C   1 
ATOM   187  O O   . VAL A 1 23 ? 4.464   -23.280 -3.665  1.00 42.15 ? 22  VAL A O   1 
ATOM   188  C CB  . VAL A 1 23 ? 3.109   -24.866 -1.495  1.00 41.26 ? 22  VAL A CB  1 
ATOM   189  C CG1 . VAL A 1 23 ? 2.242   -24.836 -0.227  1.00 42.48 ? 22  VAL A CG1 1 
ATOM   190  C CG2 . VAL A 1 23 ? 3.410   -26.303 -1.958  1.00 40.83 ? 22  VAL A CG2 1 
ATOM   191  N N   . GLN A 1 24 ? 3.213   -24.734 -4.828  1.00 42.38 ? 23  GLN A N   1 
ATOM   192  C CA  . GLN A 1 24 ? 4.116   -24.710 -5.970  1.00 44.10 ? 23  GLN A CA  1 
ATOM   193  C C   . GLN A 1 24 ? 3.931   -23.399 -6.737  1.00 43.35 ? 23  GLN A C   1 
ATOM   194  O O   . GLN A 1 24 ? 4.830   -22.960 -7.455  1.00 44.12 ? 23  GLN A O   1 
ATOM   195  C CB  . GLN A 1 24 ? 3.855   -25.907 -6.873  1.00 46.97 ? 23  GLN A CB  1 
ATOM   196  C CG  . GLN A 1 24 ? 2.476   -25.910 -7.434  1.00 54.35 ? 23  GLN A CG  1 
ATOM   197  C CD  . GLN A 1 24 ? 2.007   -27.302 -7.761  1.00 61.43 ? 23  GLN A CD  1 
ATOM   198  O OE1 . GLN A 1 24 ? 2.400   -28.272 -7.097  1.00 64.88 ? 23  GLN A OE1 1 
ATOM   199  N NE2 . GLN A 1 24 ? 1.151   -27.423 -8.783  1.00 62.26 ? 23  GLN A NE2 1 
ATOM   200  N N   . ARG A 1 25 ? 2.781   -22.753 -6.551  1.00 41.74 ? 24  ARG A N   1 
ATOM   201  C CA  . ARG A 1 25 ? 2.528   -21.493 -7.211  1.00 40.63 ? 24  ARG A CA  1 
ATOM   202  C C   . ARG A 1 25 ? 3.011   -20.280 -6.421  1.00 37.01 ? 24  ARG A C   1 
ATOM   203  O O   . ARG A 1 25 ? 2.894   -19.155 -6.895  1.00 36.89 ? 24  ARG A O   1 
ATOM   204  C CB  . ARG A 1 25 ? 1.053   -21.345 -7.513  1.00 47.61 ? 24  ARG A CB  1 
ATOM   205  C CG  . ARG A 1 25 ? 0.808   -20.494 -8.731  1.00 59.24 ? 24  ARG A CG  1 
ATOM   206  C CD  . ARG A 1 25 ? -0.521  -20.811 -9.378  1.00 68.55 ? 24  ARG A CD  1 
ATOM   207  N NE  . ARG A 1 25 ? -0.528  -20.438 -10.792 1.00 77.82 ? 24  ARG A NE  1 
ATOM   208  C CZ  . ARG A 1 25 ? -1.631  -20.201 -11.502 1.00 82.56 ? 24  ARG A CZ  1 
ATOM   209  N NH1 . ARG A 1 25 ? -2.836  -20.288 -10.936 1.00 84.73 ? 24  ARG A NH1 1 
ATOM   210  N NH2 . ARG A 1 25 ? -1.531  -19.904 -12.793 1.00 86.09 ? 24  ARG A NH2 1 
ATOM   211  N N   . LEU A 1 26 ? 3.581   -20.505 -5.241  1.00 34.52 ? 25  LEU A N   1 
ATOM   212  C CA  . LEU A 1 26 ? 4.092   -19.423 -4.372  1.00 31.38 ? 25  LEU A CA  1 
ATOM   213  C C   . LEU A 1 26 ? 5.600   -19.164 -4.502  1.00 29.80 ? 25  LEU A C   1 
ATOM   214  O O   . LEU A 1 26 ? 6.404   -20.086 -4.428  1.00 31.97 ? 25  LEU A O   1 
ATOM   215  C CB  . LEU A 1 26 ? 3.785   -19.741 -2.912  1.00 29.82 ? 25  LEU A CB  1 
ATOM   216  C CG  . LEU A 1 26 ? 2.316   -19.810 -2.563  1.00 25.79 ? 25  LEU A CG  1 
ATOM   217  C CD1 . LEU A 1 26 ? 2.161   -20.300 -1.147  1.00 26.00 ? 25  LEU A CD1 1 
ATOM   218  C CD2 . LEU A 1 26 ? 1.706   -18.449 -2.773  1.00 25.71 ? 25  LEU A CD2 1 
ATOM   219  N N   . ALA A 1 27 ? 5.981   -17.911 -4.663  1.00 26.72 ? 26  ALA A N   1 
ATOM   220  C CA  . ALA A 1 27 ? 7.379   -17.565 -4.821  1.00 26.29 ? 26  ALA A CA  1 
ATOM   221  C C   . ALA A 1 27 ? 7.922   -17.063 -3.511  1.00 26.95 ? 26  ALA A C   1 
ATOM   222  O O   . ALA A 1 27 ? 9.053   -17.386 -3.155  1.00 29.77 ? 26  ALA A O   1 
ATOM   223  C CB  . ALA A 1 27 ? 7.552   -16.495 -5.892  1.00 26.17 ? 26  ALA A CB  1 
ATOM   224  N N   . SER A 1 28 ? 7.159   -16.211 -2.832  1.00 25.13 ? 27  SER A N   1 
ATOM   225  C CA  . SER A 1 28 ? 7.601   -15.663 -1.548  1.00 25.36 ? 27  SER A CA  1 
ATOM   226  C C   . SER A 1 28 ? 6.438   -15.073 -0.780  1.00 22.96 ? 27  SER A C   1 
ATOM   227  O O   . SER A 1 28 ? 5.295   -15.139 -1.240  1.00 19.89 ? 27  SER A O   1 
ATOM   228  C CB  . SER A 1 28 ? 8.728   -14.604 -1.724  1.00 25.62 ? 27  SER A CB  1 
ATOM   229  O OG  . SER A 1 28 ? 8.328   -13.462 -2.455  1.00 25.94 ? 27  SER A OG  1 
ATOM   230  N N   . TYR A 1 29 ? 6.763   -14.483 0.379   1.00 23.51 ? 28  TYR A N   1 
ATOM   231  C CA  . TYR A 1 29 ? 5.786   -13.837 1.254   1.00 21.39 ? 28  TYR A CA  1 
ATOM   232  C C   . TYR A 1 29 ? 6.449   -12.797 2.117   1.00 23.47 ? 28  TYR A C   1 
ATOM   233  O O   . TYR A 1 29 ? 7.693   -12.790 2.321   1.00 24.48 ? 28  TYR A O   1 
ATOM   234  C CB  . TYR A 1 29 ? 5.114   -14.878 2.170   1.00 18.10 ? 28  TYR A CB  1 
ATOM   235  C CG  . TYR A 1 29 ? 5.920   -15.312 3.374   1.00 20.72 ? 28  TYR A CG  1 
ATOM   236  C CD1 . TYR A 1 29 ? 5.842   -14.601 4.565   1.00 18.13 ? 28  TYR A CD1 1 
ATOM   237  C CD2 . TYR A 1 29 ? 6.754   -16.422 3.327   1.00 21.19 ? 28  TYR A CD2 1 
ATOM   238  C CE1 . TYR A 1 29 ? 6.554   -14.969 5.652   1.00 21.67 ? 28  TYR A CE1 1 
ATOM   239  C CE2 . TYR A 1 29 ? 7.492   -16.813 4.445   1.00 21.70 ? 28  TYR A CE2 1 
ATOM   240  C CZ  . TYR A 1 29 ? 7.383   -16.071 5.603   1.00 21.20 ? 28  TYR A CZ  1 
ATOM   241  O OH  . TYR A 1 29 ? 8.075   -16.400 6.739   1.00 25.04 ? 28  TYR A OH  1 
ATOM   242  N N   . ARG A 1 30 ? 5.615   -11.948 2.694   1.00 23.88 ? 29  ARG A N   1 
ATOM   243  C CA  . ARG A 1 30 ? 6.074   -10.938 3.629   1.00 23.40 ? 29  ARG A CA  1 
ATOM   244  C C   . ARG A 1 30 ? 4.922   -10.703 4.571   1.00 20.57 ? 29  ARG A C   1 
ATOM   245  O O   . ARG A 1 30 ? 3.796   -10.923 4.187   1.00 20.98 ? 29  ARG A O   1 
ATOM   246  C CB  . ARG A 1 30 ? 6.488   -9.651  2.933   1.00 26.26 ? 29  ARG A CB  1 
ATOM   247  C CG  . ARG A 1 30 ? 5.446   -8.948  2.104   1.00 31.35 ? 29  ARG A CG  1 
ATOM   248  C CD  . ARG A 1 30 ? 6.147   -7.851  1.313   1.00 40.41 ? 29  ARG A CD  1 
ATOM   249  N NE  . ARG A 1 30 ? 5.302   -7.225  0.294   1.00 49.86 ? 29  ARG A NE  1 
ATOM   250  C CZ  . ARG A 1 30 ? 4.700   -6.044  0.443   1.00 53.22 ? 29  ARG A CZ  1 
ATOM   251  N NH1 . ARG A 1 30 ? 4.855   -5.362  1.576   1.00 56.38 ? 29  ARG A NH1 1 
ATOM   252  N NH2 . ARG A 1 30 ? 3.937   -5.547  -0.532  1.00 51.25 ? 29  ARG A NH2 1 
ATOM   253  N N   . ARG A 1 31 ? 5.209   -10.422 5.833   1.00 20.18 ? 30  ARG A N   1 
ATOM   254  C CA  . ARG A 1 31 ? 4.158   -10.146 6.809   1.00 18.62 ? 30  ARG A CA  1 
ATOM   255  C C   . ARG A 1 31 ? 3.938   -8.653  6.971   1.00 19.94 ? 30  ARG A C   1 
ATOM   256  O O   . ARG A 1 31 ? 4.877   -7.852  6.832   1.00 22.04 ? 30  ARG A O   1 
ATOM   257  C CB  . ARG A 1 31 ? 4.476   -10.775 8.177   1.00 18.24 ? 30  ARG A CB  1 
ATOM   258  C CG  . ARG A 1 31 ? 4.398   -12.312 8.200   1.00 24.75 ? 30  ARG A CG  1 
ATOM   259  C CD  . ARG A 1 31 ? 4.534   -12.889 9.595   1.00 27.27 ? 30  ARG A CD  1 
ATOM   260  N NE  . ARG A 1 31 ? 3.409   -12.474 10.420  1.00 32.83 ? 30  ARG A NE  1 
ATOM   261  C CZ  . ARG A 1 31 ? 2.474   -13.288 10.906  1.00 34.32 ? 30  ARG A CZ  1 
ATOM   262  N NH1 . ARG A 1 31 ? 2.525   -14.598 10.697  1.00 35.41 ? 30  ARG A NH1 1 
ATOM   263  N NH2 . ARG A 1 31 ? 1.394   -12.763 11.472  1.00 34.11 ? 30  ARG A NH2 1 
ATOM   264  N N   . ILE A 1 32 ? 2.678   -8.262  7.158   1.00 18.91 ? 31  ILE A N   1 
ATOM   265  C CA  . ILE A 1 32 ? 2.326   -6.871  7.397   1.00 19.11 ? 31  ILE A CA  1 
ATOM   266  C C   . ILE A 1 32 ? 2.292   -6.719  8.922   1.00 20.17 ? 31  ILE A C   1 
ATOM   267  O O   . ILE A 1 32 ? 1.593   -7.476  9.611   1.00 19.78 ? 31  ILE A O   1 
ATOM   268  C CB  . ILE A 1 32 ? 0.930   -6.543  6.819   1.00 19.62 ? 31  ILE A CB  1 
ATOM   269  C CG1 . ILE A 1 32 ? 0.994   -6.610  5.303   1.00 21.12 ? 31  ILE A CG1 1 
ATOM   270  C CG2 . ILE A 1 32 ? 0.479   -5.166  7.235   1.00 17.30 ? 31  ILE A CG2 1 
ATOM   271  C CD1 . ILE A 1 32 ? 2.095   -5.762  4.720   1.00 28.24 ? 31  ILE A CD1 1 
ATOM   272  N N   . THR A 1 33 ? 3.019   -5.726  9.443   1.00 18.84 ? 32  THR A N   1 
ATOM   273  C CA  . THR A 1 33 ? 3.099   -5.475  10.873  1.00 21.60 ? 32  THR A CA  1 
ATOM   274  C C   . THR A 1 33 ? 3.001   -3.986  11.215  1.00 23.32 ? 32  THR A C   1 
ATOM   275  O O   . THR A 1 33 ? 3.095   -3.604  12.376  1.00 25.37 ? 32  THR A O   1 
ATOM   276  C CB  . THR A 1 33 ? 4.451   -5.994  11.506  1.00 21.82 ? 32  THR A CB  1 
ATOM   277  O OG1 . THR A 1 33 ? 5.567   -5.469  10.794  1.00 21.88 ? 32  THR A OG1 1 
ATOM   278  C CG2 . THR A 1 33 ? 4.536   -7.471  11.504  1.00 20.17 ? 32  THR A CG2 1 
ATOM   279  N N   . SER A 1 34 ? 2.876   -3.135  10.219  1.00 23.41 ? 33  SER A N   1 
ATOM   280  C CA  . SER A 1 34 ? 2.776   -1.719  10.495  1.00 26.07 ? 33  SER A CA  1 
ATOM   281  C C   . SER A 1 34 ? 1.625   -1.425  11.452  1.00 27.03 ? 33  SER A C   1 
ATOM   282  O O   . SER A 1 34 ? 0.548   -1.992  11.322  1.00 26.25 ? 33  SER A O   1 
ATOM   283  C CB  . SER A 1 34 ? 2.570   -0.954  9.203   1.00 26.00 ? 33  SER A CB  1 
ATOM   284  O OG  . SER A 1 34 ? 2.096   0.341   9.484   1.00 29.94 ? 33  SER A OG  1 
ATOM   285  N N   . SER A 1 35 ? 1.857   -0.539  12.415  1.00 29.51 ? 34  SER A N   1 
ATOM   286  C CA  . SER A 1 35 ? 0.818   -0.171  13.381  1.00 30.35 ? 34  SER A CA  1 
ATOM   287  C C   . SER A 1 35 ? -0.358  0.572   12.709  1.00 29.80 ? 34  SER A C   1 
ATOM   288  O O   . SER A 1 35 ? -1.443  0.685   13.286  1.00 28.92 ? 34  SER A O   1 
ATOM   289  C CB  . SER A 1 35 ? 1.404   0.687   14.518  1.00 31.47 ? 34  SER A CB  1 
ATOM   290  O OG  . SER A 1 35 ? 1.989   1.882   14.010  1.00 36.59 ? 34  SER A OG  1 
ATOM   291  N N   . LYS A 1 36 ? -0.154  1.079   11.493  1.00 28.07 ? 35  LYS A N   1 
ATOM   292  C CA  . LYS A 1 36 ? -1.240  1.778   10.824  1.00 28.32 ? 35  LYS A CA  1 
ATOM   293  C C   . LYS A 1 36 ? -2.276  0.845   10.217  1.00 28.01 ? 35  LYS A C   1 
ATOM   294  O O   . LYS A 1 36 ? -3.454  1.210   10.148  1.00 29.05 ? 35  LYS A O   1 
ATOM   295  C CB  . LYS A 1 36 ? -0.700  2.727   9.764   1.00 31.56 ? 35  LYS A CB  1 
ATOM   296  C CG  . LYS A 1 36 ? 0.320   3.751   10.295  1.00 37.38 ? 35  LYS A CG  1 
ATOM   297  C CD  . LYS A 1 36 ? -0.127  4.478   11.570  1.00 42.45 ? 35  LYS A CD  1 
ATOM   298  C CE  . LYS A 1 36 ? -1.430  5.247   11.393  1.00 45.43 ? 35  LYS A CE  1 
ATOM   299  N NZ  . LYS A 1 36 ? -1.682  6.224   12.487  1.00 47.85 ? 35  LYS A NZ  1 
ATOM   300  N N   . CYS A 1 37 ? -1.870  -0.383  9.856   1.00 24.82 ? 36  CYS A N   1 
ATOM   301  C CA  . CYS A 1 37 ? -2.781  -1.339  9.241   1.00 20.71 ? 36  CYS A CA  1 
ATOM   302  C C   . CYS A 1 37 ? -3.763  -1.959  10.191  1.00 22.70 ? 36  CYS A C   1 
ATOM   303  O O   . CYS A 1 37 ? -3.435  -2.222  11.338  1.00 25.17 ? 36  CYS A O   1 
ATOM   304  C CB  . CYS A 1 37 ? -2.045  -2.436  8.519   1.00 16.71 ? 36  CYS A CB  1 
ATOM   305  S SG  . CYS A 1 37 ? -0.918  -1.830  7.241   1.00 18.21 ? 36  CYS A SG  1 
ATOM   306  N N   . PRO A 1 38 ? -4.945  -2.339  9.673   1.00 22.07 ? 37  PRO A N   1 
ATOM   307  C CA  . PRO A 1 38 ? -6.038  -2.946  10.431  1.00 23.28 ? 37  PRO A CA  1 
ATOM   308  C C   . PRO A 1 38 ? -5.760  -4.252  11.166  1.00 24.27 ? 37  PRO A C   1 
ATOM   309  O O   . PRO A 1 38 ? -6.000  -4.347  12.376  1.00 23.55 ? 37  PRO A O   1 
ATOM   310  C CB  . PRO A 1 38 ? -7.155  -3.069  9.388   1.00 23.71 ? 37  PRO A CB  1 
ATOM   311  C CG  . PRO A 1 38 ? -6.442  -3.136  8.077   1.00 25.80 ? 37  PRO A CG  1 
ATOM   312  C CD  . PRO A 1 38 ? -5.306  -2.161  8.251   1.00 23.25 ? 37  PRO A CD  1 
ATOM   313  N N   . LYS A 1 39 ? -5.118  -5.193  10.478  1.00 23.64 ? 38  LYS A N   1 
ATOM   314  C CA  . LYS A 1 39 ? -4.836  -6.482  11.045  1.00 22.39 ? 38  LYS A CA  1 
ATOM   315  C C   . LYS A 1 39 ? -3.549  -7.089  10.522  1.00 19.81 ? 38  LYS A C   1 
ATOM   316  O O   . LYS A 1 39 ? -3.085  -6.763  9.432   1.00 16.75 ? 38  LYS A O   1 
ATOM   317  C CB  . LYS A 1 39 ? -6.009  -7.417  10.742  1.00 28.62 ? 38  LYS A CB  1 
ATOM   318  C CG  . LYS A 1 39 ? -6.696  -7.131  9.410   1.00 37.24 ? 38  LYS A CG  1 
ATOM   319  C CD  . LYS A 1 39 ? -7.865  -8.080  9.133   1.00 43.27 ? 38  LYS A CD  1 
ATOM   320  C CE  . LYS A 1 39 ? -8.588  -7.722  7.792   1.00 47.82 ? 38  LYS A CE  1 
ATOM   321  N NZ  . LYS A 1 39 ? -9.315  -6.394  7.810   1.00 47.52 ? 38  LYS A NZ  1 
ATOM   322  N N   . GLU A 1 40 ? -2.991  -8.001  11.291  1.00 17.80 ? 39  GLU A N   1 
ATOM   323  C CA  . GLU A 1 40 ? -1.781  -8.693  10.841  1.00 19.66 ? 39  GLU A CA  1 
ATOM   324  C C   . GLU A 1 40 ? -2.191  -9.421  9.550   1.00 17.34 ? 39  GLU A C   1 
ATOM   325  O O   . GLU A 1 40 ? -3.325  -9.893  9.441   1.00 16.28 ? 39  GLU A O   1 
ATOM   326  C CB  . GLU A 1 40 ? -1.345  -9.728  11.883  1.00 22.04 ? 39  GLU A CB  1 
ATOM   327  C CG  . GLU A 1 40 ? -0.803  -9.137  13.171  1.00 27.67 ? 39  GLU A CG  1 
ATOM   328  C CD  . GLU A 1 40 ? -0.728  -10.143 14.301  1.00 28.36 ? 39  GLU A CD  1 
ATOM   329  O OE1 . GLU A 1 40 ? -1.725  -10.863 14.525  1.00 30.87 ? 39  GLU A OE1 1 
ATOM   330  O OE2 . GLU A 1 40 ? 0.313   -10.204 14.986  1.00 28.02 ? 39  GLU A OE2 1 
ATOM   331  N N   . ALA A 1 41 ? -1.272  -9.540  8.594   1.00 16.49 ? 40  ALA A N   1 
ATOM   332  C CA  . ALA A 1 41 ? -1.582  -10.209 7.334   1.00 14.98 ? 40  ALA A CA  1 
ATOM   333  C C   . ALA A 1 41 ? -0.328  -10.755 6.690   1.00 16.46 ? 40  ALA A C   1 
ATOM   334  O O   . ALA A 1 41 ? 0.784   -10.387 7.061   1.00 17.87 ? 40  ALA A O   1 
ATOM   335  C CB  . ALA A 1 41 ? -2.244  -9.210  6.355   1.00 12.51 ? 40  ALA A CB  1 
ATOM   336  N N   . VAL A 1 42 ? -0.506  -11.622 5.704   1.00 14.37 ? 41  VAL A N   1 
ATOM   337  C CA  . VAL A 1 42 ? 0.646   -12.148 4.961   1.00 14.69 ? 41  VAL A CA  1 
ATOM   338  C C   . VAL A 1 42 ? 0.373   -11.800 3.511   1.00 13.38 ? 41  VAL A C   1 
ATOM   339  O O   . VAL A 1 42 ? -0.746  -11.901 3.046   1.00 15.45 ? 41  VAL A O   1 
ATOM   340  C CB  . VAL A 1 42 ? 0.815   -13.682 5.126   1.00 14.56 ? 41  VAL A CB  1 
ATOM   341  C CG1 . VAL A 1 42 ? 1.963   -14.247 4.219   1.00 16.21 ? 41  VAL A CG1 1 
ATOM   342  C CG2 . VAL A 1 42 ? 1.104   -14.007 6.572   1.00 21.22 ? 41  VAL A CG2 1 
ATOM   343  N N   . ILE A 1 43 ? 1.366   -11.319 2.795   1.00 15.28 ? 42  ILE A N   1 
ATOM   344  C CA  . ILE A 1 43 ? 1.175   -11.035 1.378   1.00 14.45 ? 42  ILE A CA  1 
ATOM   345  C C   . ILE A 1 43 ? 2.043   -12.065 0.674   1.00 16.42 ? 42  ILE A C   1 
ATOM   346  O O   . ILE A 1 43 ? 3.269   -12.129 0.891   1.00 19.33 ? 42  ILE A O   1 
ATOM   347  C CB  . ILE A 1 43 ? 1.657   -9.636  0.958   1.00 16.59 ? 42  ILE A CB  1 
ATOM   348  C CG1 . ILE A 1 43 ? 0.794   -8.551  1.602   1.00 16.39 ? 42  ILE A CG1 1 
ATOM   349  C CG2 . ILE A 1 43 ? 1.625   -9.502  -0.544  1.00 13.42 ? 42  ILE A CG2 1 
ATOM   350  C CD1 . ILE A 1 43 ? 1.299   -7.182  1.345   1.00 15.07 ? 42  ILE A CD1 1 
ATOM   351  N N   . PHE A 1 44 ? 1.399   -12.909 -0.108  1.00 16.41 ? 43  PHE A N   1 
ATOM   352  C CA  . PHE A 1 44 ? 2.095   -13.935 -0.861  1.00 18.40 ? 43  PHE A CA  1 
ATOM   353  C C   . PHE A 1 44 ? 2.348   -13.417 -2.234  1.00 18.67 ? 43  PHE A C   1 
ATOM   354  O O   . PHE A 1 44 ? 1.525   -12.681 -2.786  1.00 19.34 ? 43  PHE A O   1 
ATOM   355  C CB  . PHE A 1 44 ? 1.252   -15.218 -0.964  1.00 15.29 ? 43  PHE A CB  1 
ATOM   356  C CG  . PHE A 1 44 ? 1.316   -16.083 0.244   1.00 17.67 ? 43  PHE A CG  1 
ATOM   357  C CD1 . PHE A 1 44 ? 2.513   -16.646 0.644   1.00 16.78 ? 43  PHE A CD1 1 
ATOM   358  C CD2 . PHE A 1 44 ? 0.169   -16.390 0.967   1.00 20.96 ? 43  PHE A CD2 1 
ATOM   359  C CE1 . PHE A 1 44 ? 2.558   -17.508 1.744   1.00 17.57 ? 43  PHE A CE1 1 
ATOM   360  C CE2 . PHE A 1 44 ? 0.219   -17.254 2.063   1.00 22.92 ? 43  PHE A CE2 1 
ATOM   361  C CZ  . PHE A 1 44 ? 1.417   -17.810 2.447   1.00 21.17 ? 43  PHE A CZ  1 
ATOM   362  N N   . LYS A 1 45 ? 3.509   -13.741 -2.770  1.00 21.86 ? 44  LYS A N   1 
ATOM   363  C CA  . LYS A 1 45 ? 3.828   -13.345 -4.139  1.00 26.05 ? 44  LYS A CA  1 
ATOM   364  C C   . LYS A 1 45 ? 3.914   -14.672 -4.898  1.00 24.84 ? 44  LYS A C   1 
ATOM   365  O O   . LYS A 1 45 ? 4.610   -15.589 -4.469  1.00 23.12 ? 44  LYS A O   1 
ATOM   366  C CB  . LYS A 1 45 ? 5.161   -12.581 -4.214  1.00 27.87 ? 44  LYS A CB  1 
ATOM   367  C CG  . LYS A 1 45 ? 5.440   -11.985 -5.592  1.00 32.58 ? 44  LYS A CG  1 
ATOM   368  C CD  . LYS A 1 45 ? 5.520   -10.447 -5.581  1.00 37.56 ? 44  LYS A CD  1 
ATOM   369  C CE  . LYS A 1 45 ? 6.842   -9.938  -4.981  1.00 38.75 ? 44  LYS A CE  1 
ATOM   370  N NZ  . LYS A 1 45 ? 6.865   -8.460  -4.849  1.00 40.38 ? 44  LYS A NZ  1 
ATOM   371  N N   . THR A 1 46 ? 3.146   -14.790 -5.966  1.00 27.99 ? 45  THR A N   1 
ATOM   372  C CA  . THR A 1 46 ? 3.091   -16.002 -6.792  1.00 32.05 ? 45  THR A CA  1 
ATOM   373  C C   . THR A 1 46 ? 4.156   -16.016 -7.885  1.00 34.27 ? 45  THR A C   1 
ATOM   374  O O   . THR A 1 46 ? 4.774   -14.983 -8.148  1.00 33.55 ? 45  THR A O   1 
ATOM   375  C CB  . THR A 1 46 ? 1.759   -16.090 -7.514  1.00 32.79 ? 45  THR A CB  1 
ATOM   376  O OG1 . THR A 1 46 ? 1.665   -15.007 -8.456  1.00 34.14 ? 45  THR A OG1 1 
ATOM   377  C CG2 . THR A 1 46 ? 0.612   -16.006 -6.518  1.00 34.77 ? 45  THR A CG2 1 
ATOM   378  N N   . ILE A 1 47 ? 4.289   -17.159 -8.578  1.00 37.09 ? 46  ILE A N   1 
ATOM   379  C CA  . ILE A 1 47 ? 5.262   -17.336 -9.674  1.00 37.31 ? 46  ILE A CA  1 
ATOM   380  C C   . ILE A 1 47 ? 4.993   -16.393 -10.820 1.00 41.01 ? 46  ILE A C   1 
ATOM   381  O O   . ILE A 1 47 ? 5.918   -16.009 -11.543 1.00 44.27 ? 46  ILE A O   1 
ATOM   382  C CB  . ILE A 1 47 ? 5.291   -18.760 -10.231 1.00 35.07 ? 46  ILE A CB  1 
ATOM   383  C CG1 . ILE A 1 47 ? 3.878   -19.233 -10.561 1.00 36.33 ? 46  ILE A CG1 1 
ATOM   384  C CG2 . ILE A 1 47 ? 6.037   -19.656 -9.305  1.00 34.94 ? 46  ILE A CG2 1 
ATOM   385  C CD1 . ILE A 1 47 ? 3.787   -20.683 -11.059 1.00 37.62 ? 46  ILE A CD1 1 
ATOM   386  N N   . VAL A 1 48 ? 3.727   -16.014 -10.986 1.00 43.01 ? 47  VAL A N   1 
ATOM   387  C CA  . VAL A 1 48 ? 3.352   -15.058 -12.015 1.00 44.72 ? 47  VAL A CA  1 
ATOM   388  C C   . VAL A 1 48 ? 3.431   -13.596 -11.480 1.00 46.28 ? 47  VAL A C   1 
ATOM   389  O O   . VAL A 1 48 ? 2.908   -12.680 -12.109 1.00 48.55 ? 47  VAL A O   1 
ATOM   390  C CB  . VAL A 1 48 ? 1.944   -15.360 -12.557 1.00 45.73 ? 47  VAL A CB  1 
ATOM   391  C CG1 . VAL A 1 48 ? 1.819   -16.835 -12.920 1.00 48.43 ? 47  VAL A CG1 1 
ATOM   392  C CG2 . VAL A 1 48 ? 0.909   -15.000 -11.542 1.00 50.75 ? 47  VAL A CG2 1 
ATOM   393  N N   . ALA A 1 49 ? 4.090   -13.387 -10.332 1.00 45.87 ? 48  ALA A N   1 
ATOM   394  C CA  . ALA A 1 49 ? 4.267   -12.064 -9.693  1.00 43.45 ? 48  ALA A CA  1 
ATOM   395  C C   . ALA A 1 49 ? 3.026   -11.429 -9.041  1.00 43.08 ? 48  ALA A C   1 
ATOM   396  O O   . ALA A 1 49 ? 3.055   -10.260 -8.610  1.00 43.39 ? 48  ALA A O   1 
ATOM   397  C CB  . ALA A 1 49 ? 4.931   -11.064 -10.660 1.00 41.89 ? 48  ALA A CB  1 
ATOM   398  N N   . LYS A 1 50 ? 1.934   -12.179 -8.964  1.00 40.72 ? 49  LYS A N   1 
ATOM   399  C CA  . LYS A 1 50 ? 0.730   -11.652 -8.340  1.00 37.23 ? 49  LYS A CA  1 
ATOM   400  C C   . LYS A 1 50 ? 0.961   -11.557 -6.813  1.00 35.14 ? 49  LYS A C   1 
ATOM   401  O O   . LYS A 1 50 ? 1.759   -12.311 -6.260  1.00 34.98 ? 49  LYS A O   1 
ATOM   402  C CB  . LYS A 1 50 ? -0.456  -12.556 -8.695  1.00 36.53 ? 49  LYS A CB  1 
ATOM   403  C CG  . LYS A 1 50 ? -1.781  -12.108 -8.128  1.00 41.23 ? 49  LYS A CG  1 
ATOM   404  C CD  . LYS A 1 50 ? -2.938  -12.724 -8.898  1.00 46.15 ? 49  LYS A CD  1 
ATOM   405  C CE  . LYS A 1 50 ? -2.950  -12.243 -10.347 1.00 50.74 ? 49  LYS A CE  1 
ATOM   406  N NZ  . LYS A 1 50 ? -4.119  -12.748 -11.130 1.00 53.72 ? 49  LYS A NZ  1 
ATOM   407  N N   . GLU A 1 51 ? 0.370   -10.547 -6.176  1.00 32.35 ? 50  GLU A N   1 
ATOM   408  C CA  . GLU A 1 51 ? 0.478   -10.341 -4.736  1.00 28.56 ? 50  GLU A CA  1 
ATOM   409  C C   . GLU A 1 51 ? -0.895  -10.560 -4.147  1.00 26.57 ? 50  GLU A C   1 
ATOM   410  O O   . GLU A 1 51 ? -1.860  -9.965  -4.598  1.00 26.20 ? 50  GLU A O   1 
ATOM   411  C CB  . GLU A 1 51 ? 0.959   -8.945  -4.431  1.00 27.98 ? 50  GLU A CB  1 
ATOM   412  C CG  . GLU A 1 51 ? 2.378   -8.751  -4.858  1.00 34.38 ? 50  GLU A CG  1 
ATOM   413  C CD  . GLU A 1 51 ? 3.076   -7.684  -4.053  1.00 35.86 ? 50  GLU A CD  1 
ATOM   414  O OE1 . GLU A 1 51 ? 2.670   -6.523  -4.158  1.00 38.39 ? 50  GLU A OE1 1 
ATOM   415  O OE2 . GLU A 1 51 ? 4.009   -8.009  -3.287  1.00 40.01 ? 50  GLU A OE2 1 
ATOM   416  N N   . ILE A 1 52 ? -1.002  -11.451 -3.168  1.00 24.45 ? 51  ILE A N   1 
ATOM   417  C CA  . ILE A 1 52 ? -2.303  -11.748 -2.589  1.00 23.90 ? 51  ILE A CA  1 
ATOM   418  C C   . ILE A 1 52 ? -2.254  -11.725 -1.084  1.00 21.42 ? 51  ILE A C   1 
ATOM   419  O O   . ILE A 1 52 ? -1.355  -12.284 -0.463  1.00 22.93 ? 51  ILE A O   1 
ATOM   420  C CB  . ILE A 1 52 ? -2.816  -13.154 -2.995  1.00 23.99 ? 51  ILE A CB  1 
ATOM   421  C CG1 . ILE A 1 52 ? -2.868  -13.304 -4.509  1.00 26.67 ? 51  ILE A CG1 1 
ATOM   422  C CG2 . ILE A 1 52 ? -4.228  -13.384 -2.465  1.00 23.76 ? 51  ILE A CG2 1 
ATOM   423  C CD1 . ILE A 1 52 ? -3.039  -14.752 -4.913  1.00 33.30 ? 51  ILE A CD1 1 
ATOM   424  N N   . CYS A 1 53 ? -3.271  -11.132 -0.509  1.00 19.82 ? 52  CYS A N   1 
ATOM   425  C CA  . CYS A 1 53 ? -3.416  -11.032 0.927   1.00 21.26 ? 52  CYS A CA  1 
ATOM   426  C C   . CYS A 1 53 ? -3.992  -12.321 1.458   1.00 19.60 ? 52  CYS A C   1 
ATOM   427  O O   . CYS A 1 53 ? -5.037  -12.775 0.973   1.00 19.52 ? 52  CYS A O   1 
ATOM   428  C CB  . CYS A 1 53 ? -4.361  -9.857  1.284   1.00 18.61 ? 52  CYS A CB  1 
ATOM   429  S SG  . CYS A 1 53 ? -3.610  -8.209  1.046   1.00 18.37 ? 52  CYS A SG  1 
ATOM   430  N N   . ALA A 1 54 ? -3.351  -12.885 2.476   1.00 17.68 ? 53  ALA A N   1 
ATOM   431  C CA  . ALA A 1 54 ? -3.808  -14.134 3.082   1.00 16.38 ? 53  ALA A CA  1 
ATOM   432  C C   . ALA A 1 54 ? -3.876  -13.986 4.605   1.00 16.56 ? 53  ALA A C   1 
ATOM   433  O O   . ALA A 1 54 ? -3.128  -13.204 5.211   1.00 16.49 ? 53  ALA A O   1 
ATOM   434  C CB  . ALA A 1 54 ? -2.916  -15.234 2.702   1.00 14.50 ? 53  ALA A CB  1 
ATOM   435  N N   . ASP A 1 55 ? -4.845  -14.661 5.202   1.00 17.69 ? 54  ASP A N   1 
ATOM   436  C CA  . ASP A 1 55 ? -5.096  -14.618 6.650   1.00 19.84 ? 54  ASP A CA  1 
ATOM   437  C C   . ASP A 1 55 ? -4.155  -15.576 7.434   1.00 16.45 ? 54  ASP A C   1 
ATOM   438  O O   . ASP A 1 55 ? -4.246  -16.812 7.301   1.00 12.87 ? 54  ASP A O   1 
ATOM   439  C CB  . ASP A 1 55 ? -6.590  -14.954 6.900   1.00 19.53 ? 54  ASP A CB  1 
ATOM   440  C CG  . ASP A 1 55 ? -6.978  -14.961 8.357   1.00 23.94 ? 54  ASP A CG  1 
ATOM   441  O OD1 . ASP A 1 55 ? -6.249  -14.427 9.233   1.00 21.23 ? 54  ASP A OD1 1 
ATOM   442  O OD2 . ASP A 1 55 ? -8.076  -15.500 8.628   1.00 30.04 ? 54  ASP A OD2 1 
ATOM   443  N N   . PRO A 1 56 ? -3.317  -15.007 8.330   1.00 14.84 ? 55  PRO A N   1 
ATOM   444  C CA  . PRO A 1 56 ? -2.383  -15.798 9.124   1.00 15.59 ? 55  PRO A CA  1 
ATOM   445  C C   . PRO A 1 56 ? -3.015  -16.707 10.190  1.00 15.34 ? 55  PRO A C   1 
ATOM   446  O O   . PRO A 1 56 ? -2.323  -17.509 10.786  1.00 15.10 ? 55  PRO A O   1 
ATOM   447  C CB  . PRO A 1 56 ? -1.422  -14.739 9.716   1.00 17.53 ? 55  PRO A CB  1 
ATOM   448  C CG  . PRO A 1 56 ? -2.230  -13.530 9.813   1.00 18.92 ? 55  PRO A CG  1 
ATOM   449  C CD  . PRO A 1 56 ? -3.156  -13.557 8.583   1.00 17.03 ? 55  PRO A CD  1 
ATOM   450  N N   . LYS A 1 57 ? -4.334  -16.629 10.387  1.00 15.20 ? 56  LYS A N   1 
ATOM   451  C CA  . LYS A 1 57 ? -4.999  -17.479 11.357  1.00 15.27 ? 56  LYS A CA  1 
ATOM   452  C C   . LYS A 1 57 ? -5.464  -18.807 10.725  1.00 15.72 ? 56  LYS A C   1 
ATOM   453  O O   . LYS A 1 57 ? -6.053  -19.670 11.406  1.00 16.84 ? 56  LYS A O   1 
ATOM   454  C CB  . LYS A 1 57 ? -6.176  -16.739 11.969  1.00 18.52 ? 56  LYS A CB  1 
ATOM   455  C CG  . LYS A 1 57 ? -5.797  -15.443 12.657  1.00 24.17 ? 56  LYS A CG  1 
ATOM   456  C CD  . LYS A 1 57 ? -7.017  -14.805 13.291  1.00 24.92 ? 56  LYS A CD  1 
ATOM   457  C CE  . LYS A 1 57 ? -6.653  -13.505 13.987  1.00 31.46 ? 56  LYS A CE  1 
ATOM   458  N NZ  . LYS A 1 57 ? -7.823  -12.971 14.735  1.00 35.48 ? 56  LYS A NZ  1 
ATOM   459  N N   A GLN A 1 58 ? -5.214  -18.965 9.432   0.50 16.05 ? 57  GLN A N   1 
ATOM   460  N N   B GLN A 1 58 ? -5.209  -18.963 9.432   0.50 16.62 ? 57  GLN A N   1 
ATOM   461  C CA  A GLN A 1 58 ? -5.568  -20.197 8.736   0.50 15.32 ? 57  GLN A CA  1 
ATOM   462  C CA  B GLN A 1 58 ? -5.570  -20.177 8.692   0.50 16.53 ? 57  GLN A CA  1 
ATOM   463  C C   A GLN A 1 58 ? -4.328  -21.087 8.659   0.50 16.73 ? 57  GLN A C   1 
ATOM   464  C C   B GLN A 1 58 ? -4.351  -21.084 8.618   0.50 12.90 ? 57  GLN A C   1 
ATOM   465  O O   A GLN A 1 58 ? -3.209  -20.601 8.471   0.50 15.79 ? 57  GLN A O   1 
ATOM   466  O O   B GLN A 1 58 ? -3.231  -20.598 8.428   0.50 15.00 ? 57  GLN A O   1 
ATOM   467  C CB  A GLN A 1 58 ? -6.046  -19.916 7.317   0.50 14.48 ? 57  GLN A CB  1 
ATOM   468  C CB  B GLN A 1 58 ? -5.962  -19.821 7.265   0.50 17.24 ? 57  GLN A CB  1 
ATOM   469  C CG  A GLN A 1 58 ? -7.370  -19.176 7.232   0.50 14.78 ? 57  GLN A CG  1 
ATOM   470  C CG  B GLN A 1 58 ? -7.063  -18.797 7.193   0.50 19.84 ? 57  GLN A CG  1 
ATOM   471  C CD  A GLN A 1 58 ? -7.616  -18.660 5.833   0.50 16.59 ? 57  GLN A CD  1 
ATOM   472  C CD  B GLN A 1 58 ? -8.402  -19.434 7.051   0.50 22.40 ? 57  GLN A CD  1 
ATOM   473  O OE1 A GLN A 1 58 ? -7.500  -19.397 4.862   0.50 18.50 ? 57  GLN A OE1 1 
ATOM   474  O OE1 B GLN A 1 58 ? -8.906  -19.577 5.930   0.50 27.96 ? 57  GLN A OE1 1 
ATOM   475  N NE2 A GLN A 1 58 ? -7.934  -17.383 5.720   0.50 21.06 ? 57  GLN A NE2 1 
ATOM   476  N NE2 B GLN A 1 58 ? -9.001  -19.835 8.169   0.50 19.77 ? 57  GLN A NE2 1 
ATOM   477  N N   . LYS A 1 59 ? -4.554  -22.390 8.749   1.00 17.02 ? 58  LYS A N   1 
ATOM   478  C CA  . LYS A 1 59 ? -3.487  -23.388 8.699   1.00 17.43 ? 58  LYS A CA  1 
ATOM   479  C C   . LYS A 1 59 ? -2.695  -23.405 7.396   1.00 15.52 ? 58  LYS A C   1 
ATOM   480  O O   . LYS A 1 59 ? -1.474  -23.440 7.444   1.00 17.94 ? 58  LYS A O   1 
ATOM   481  C CB  . LYS A 1 59 ? -4.082  -24.789 8.951   1.00 20.82 ? 58  LYS A CB  1 
ATOM   482  C CG  . LYS A 1 59 ? -3.013  -25.910 9.143   1.00 23.10 ? 58  LYS A CG  1 
ATOM   483  C CD  . LYS A 1 59 ? -3.656  -27.293 9.388   1.00 22.15 ? 58  LYS A CD  1 
ATOM   484  C CE  . LYS A 1 59 ? -2.592  -28.349 9.405   1.00 21.08 ? 58  LYS A CE  1 
ATOM   485  N NZ  . LYS A 1 59 ? -2.149  -28.582 8.002   1.00 18.85 ? 58  LYS A NZ  1 
ATOM   486  N N   . TRP A 1 60 ? -3.363  -23.390 6.245   1.00 16.84 ? 59  TRP A N   1 
ATOM   487  C CA  . TRP A 1 60 ? -2.658  -23.404 4.958   1.00 15.64 ? 59  TRP A CA  1 
ATOM   488  C C   . TRP A 1 60 ? -1.670  -22.251 4.761   1.00 16.24 ? 59  TRP A C   1 
ATOM   489  O O   . TRP A 1 60 ? -0.673  -22.411 4.068   1.00 16.94 ? 59  TRP A O   1 
ATOM   490  C CB  . TRP A 1 60 ? -3.626  -23.470 3.771   1.00 13.82 ? 59  TRP A CB  1 
ATOM   491  C CG  . TRP A 1 60 ? -4.393  -22.147 3.398   1.00 18.04 ? 59  TRP A CG  1 
ATOM   492  C CD1 . TRP A 1 60 ? -5.623  -21.742 3.860   1.00 15.03 ? 59  TRP A CD1 1 
ATOM   493  C CD2 . TRP A 1 60 ? -3.974  -21.132 2.460   1.00 15.52 ? 59  TRP A CD2 1 
ATOM   494  N NE1 . TRP A 1 60 ? -5.980  -20.555 3.263   1.00 16.40 ? 59  TRP A NE1 1 
ATOM   495  C CE2 . TRP A 1 60 ? -4.996  -20.165 2.406   1.00 14.87 ? 59  TRP A CE2 1 
ATOM   496  C CE3 . TRP A 1 60 ? -2.820  -20.940 1.691   1.00 17.63 ? 59  TRP A CE3 1 
ATOM   497  C CZ2 . TRP A 1 60 ? -4.899  -19.040 1.611   1.00 14.54 ? 59  TRP A CZ2 1 
ATOM   498  C CZ3 . TRP A 1 60 ? -2.719  -19.818 0.911   1.00 16.23 ? 59  TRP A CZ3 1 
ATOM   499  C CH2 . TRP A 1 60 ? -3.749  -18.882 0.871   1.00 17.27 ? 59  TRP A CH2 1 
ATOM   500  N N   . VAL A 1 61 ? -1.956  -21.102 5.356   1.00 14.45 ? 60  VAL A N   1 
ATOM   501  C CA  . VAL A 1 61 ? -1.105  -19.941 5.246   1.00 15.31 ? 60  VAL A CA  1 
ATOM   502  C C   . VAL A 1 61 ? 0.155   -20.176 6.100   1.00 18.99 ? 60  VAL A C   1 
ATOM   503  O O   . VAL A 1 61 ? 1.265   -19.857 5.649   1.00 22.93 ? 60  VAL A O   1 
ATOM   504  C CB  . VAL A 1 61 ? -1.816  -18.627 5.695   1.00 13.95 ? 60  VAL A CB  1 
ATOM   505  C CG1 . VAL A 1 61 ? -0.902  -17.429 5.456   1.00 13.09 ? 60  VAL A CG1 1 
ATOM   506  C CG2 . VAL A 1 61 ? -3.160  -18.420 4.937   1.00 11.08 ? 60  VAL A CG2 1 
ATOM   507  N N   . GLN A 1 62 ? -0.012  -20.738 7.296   1.00 16.79 ? 61  GLN A N   1 
ATOM   508  C CA  . GLN A 1 62 ? 1.114   -21.027 8.198   1.00 18.26 ? 61  GLN A CA  1 
ATOM   509  C C   . GLN A 1 62 ? 2.005   -22.104 7.549   1.00 18.99 ? 61  GLN A C   1 
ATOM   510  O O   . GLN A 1 62 ? 3.214   -21.961 7.464   1.00 20.38 ? 61  GLN A O   1 
ATOM   511  C CB  . GLN A 1 62 ? 0.585   -21.432 9.594   1.00 16.22 ? 61  GLN A CB  1 
ATOM   512  C CG  . GLN A 1 62 ? -0.296  -20.319 10.265  1.00 17.91 ? 61  GLN A CG  1 
ATOM   513  C CD  . GLN A 1 62 ? -1.190  -20.831 11.385  1.00 20.80 ? 61  GLN A CD  1 
ATOM   514  O OE1 . GLN A 1 62 ? -1.091  -22.000 11.845  1.00 23.09 ? 61  GLN A OE1 1 
ATOM   515  N NE2 . GLN A 1 62 ? -2.082  -19.972 11.843  1.00 20.92 ? 61  GLN A NE2 1 
ATOM   516  N N   . ASP A 1 63 ? 1.364   -23.081 6.918   1.00 19.61 ? 62  ASP A N   1 
ATOM   517  C CA  . ASP A 1 63 ? 2.017   -24.183 6.215   1.00 20.78 ? 62  ASP A CA  1 
ATOM   518  C C   . ASP A 1 63 ? 2.813   -23.714 4.984   1.00 20.46 ? 62  ASP A C   1 
ATOM   519  O O   . ASP A 1 63 ? 3.880   -24.261 4.686   1.00 23.38 ? 62  ASP A O   1 
ATOM   520  C CB  . ASP A 1 63 ? 0.963   -25.220 5.765   1.00 24.07 ? 62  ASP A CB  1 
ATOM   521  C CG  . ASP A 1 63 ? 0.517   -26.160 6.886   1.00 23.66 ? 62  ASP A CG  1 
ATOM   522  O OD1 . ASP A 1 63 ? 1.110   -26.192 7.971   1.00 26.85 ? 62  ASP A OD1 1 
ATOM   523  O OD2 . ASP A 1 63 ? -0.455  -26.893 6.666   1.00 27.35 ? 62  ASP A OD2 1 
ATOM   524  N N   . SER A 1 64 ? 2.259   -22.759 4.250   1.00 20.86 ? 63  SER A N   1 
ATOM   525  C CA  . SER A 1 64 ? 2.874   -22.160 3.066   1.00 19.19 ? 63  SER A CA  1 
ATOM   526  C C   . SER A 1 64 ? 4.073   -21.324 3.478   1.00 19.62 ? 63  SER A C   1 
ATOM   527  O O   . SER A 1 64 ? 5.052   -21.253 2.743   1.00 22.45 ? 63  SER A O   1 
ATOM   528  C CB  . SER A 1 64 ? 1.860   -21.294 2.317   1.00 17.81 ? 63  SER A CB  1 
ATOM   529  O OG  . SER A 1 64 ? 0.879   -22.109 1.718   1.00 18.17 ? 63  SER A OG  1 
ATOM   530  N N   . MET A 1 65 ? 3.980   -20.643 4.616   1.00 19.23 ? 64  MET A N   1 
ATOM   531  C CA  . MET A 1 65 ? 5.121   -19.889 5.125   1.00 20.70 ? 64  MET A CA  1 
ATOM   532  C C   . MET A 1 65 ? 6.268   -20.858 5.473   1.00 22.80 ? 64  MET A C   1 
ATOM   533  O O   . MET A 1 65 ? 7.406   -20.607 5.082   1.00 25.23 ? 64  MET A O   1 
ATOM   534  C CB  . MET A 1 65 ? 4.749   -19.061 6.353   1.00 17.69 ? 64  MET A CB  1 
ATOM   535  C CG  . MET A 1 65 ? 3.928   -17.808 6.024   1.00 19.84 ? 64  MET A CG  1 
ATOM   536  S SD  . MET A 1 65 ? 3.679   -16.718 7.424   1.00 24.11 ? 64  MET A SD  1 
ATOM   537  C CE  . MET A 1 65 ? 2.279   -17.315 7.936   1.00 14.58 ? 64  MET A CE  1 
ATOM   538  N N   . ASP A 1 66 ? 5.982   -21.982 6.137   1.00 23.34 ? 65  ASP A N   1 
ATOM   539  C CA  . ASP A 1 66 ? 7.051   -22.944 6.480   1.00 24.63 ? 65  ASP A CA  1 
ATOM   540  C C   . ASP A 1 66 ? 7.694   -23.533 5.226   1.00 25.60 ? 65  ASP A C   1 
ATOM   541  O O   . ASP A 1 66 ? 8.919   -23.679 5.164   1.00 30.02 ? 65  ASP A O   1 
ATOM   542  C CB  . ASP A 1 66 ? 6.557   -24.067 7.415   1.00 25.74 ? 65  ASP A CB  1 
ATOM   543  C CG  . ASP A 1 66 ? 6.155   -23.562 8.796   1.00 27.29 ? 65  ASP A CG  1 
ATOM   544  O OD1 . ASP A 1 66 ? 6.620   -22.488 9.219   1.00 29.76 ? 65  ASP A OD1 1 
ATOM   545  O OD2 . ASP A 1 66 ? 5.351   -24.236 9.471   1.00 28.73 ? 65  ASP A OD2 1 
ATOM   546  N N   . HIS A 1 67 ? 6.893   -23.790 4.199   1.00 24.23 ? 66  HIS A N   1 
ATOM   547  C CA  . HIS A 1 67 ? 7.386   -24.340 2.932   1.00 24.45 ? 66  HIS A CA  1 
ATOM   548  C C   . HIS A 1 67 ? 8.337   -23.370 2.246   1.00 23.27 ? 66  HIS A C   1 
ATOM   549  O O   . HIS A 1 67 ? 9.345   -23.773 1.630   1.00 22.90 ? 66  HIS A O   1 
ATOM   550  C CB  . HIS A 1 67 ? 6.207   -24.660 2.009   1.00 27.11 ? 66  HIS A CB  1 
ATOM   551  C CG  . HIS A 1 67 ? 6.588   -24.898 0.568   1.00 35.36 ? 66  HIS A CG  1 
ATOM   552  N ND1 . HIS A 1 67 ? 6.971   -26.134 0.085   1.00 37.04 ? 66  HIS A ND1 1 
ATOM   553  C CD2 . HIS A 1 67 ? 6.593   -24.062 -0.505  1.00 37.68 ? 66  HIS A CD2 1 
ATOM   554  C CE1 . HIS A 1 67 ? 7.189   -26.048 -1.221  1.00 39.59 ? 66  HIS A CE1 1 
ATOM   555  N NE2 . HIS A 1 67 ? 6.967   -24.804 -1.602  1.00 37.78 ? 66  HIS A NE2 1 
ATOM   556  N N   . LEU A 1 68 ? 8.001   -22.092 2.325   1.00 23.78 ? 67  LEU A N   1 
ATOM   557  C CA  . LEU A 1 68 ? 8.810   -21.050 1.716   1.00 27.27 ? 67  LEU A CA  1 
ATOM   558  C C   . LEU A 1 68 ? 10.089  -20.847 2.542   1.00 30.78 ? 67  LEU A C   1 
ATOM   559  O O   . LEU A 1 68 ? 11.150  -20.603 1.976   1.00 33.04 ? 67  LEU A O   1 
ATOM   560  C CB  . LEU A 1 68 ? 8.023   -19.735 1.582   1.00 23.36 ? 67  LEU A CB  1 
ATOM   561  C CG  . LEU A 1 68 ? 7.256   -19.408 0.288   1.00 24.29 ? 67  LEU A CG  1 
ATOM   562  C CD1 . LEU A 1 68 ? 7.089   -20.593 -0.660  1.00 21.58 ? 67  LEU A CD1 1 
ATOM   563  C CD2 . LEU A 1 68 ? 5.917   -18.842 0.652   1.00 20.04 ? 67  LEU A CD2 1 
ATOM   564  N N   . ASP A 1 69 ? 9.990   -20.980 3.861   1.00 31.57 ? 68  ASP A N   1 
ATOM   565  C CA  . ASP A 1 69 ? 11.141  -20.818 4.744   1.00 35.04 ? 68  ASP A CA  1 
ATOM   566  C C   . ASP A 1 69 ? 12.126  -21.991 4.679   1.00 37.28 ? 68  ASP A C   1 
ATOM   567  O O   . ASP A 1 69 ? 13.330  -21.809 4.869   1.00 38.79 ? 68  ASP A O   1 
ATOM   568  C CB  . ASP A 1 69 ? 10.701  -20.596 6.202   1.00 31.23 ? 68  ASP A CB  1 
ATOM   569  C CG  . ASP A 1 69 ? 10.079  -19.220 6.435   1.00 32.85 ? 68  ASP A CG  1 
ATOM   570  O OD1 . ASP A 1 69 ? 10.289  -18.297 5.634   1.00 33.16 ? 68  ASP A OD1 1 
ATOM   571  O OD2 . ASP A 1 69 ? 9.363   -19.049 7.426   1.00 34.31 ? 68  ASP A OD2 1 
ATOM   572  N N   . LYS A 1 70 ? 11.633  -23.183 4.384   1.00 39.71 ? 69  LYS A N   1 
ATOM   573  C CA  . LYS A 1 70 ? 12.509  -24.336 4.331   1.00 44.80 ? 69  LYS A CA  1 
ATOM   574  C C   . LYS A 1 70 ? 13.548  -24.210 3.229   1.00 46.89 ? 69  LYS A C   1 
ATOM   575  O O   . LYS A 1 70 ? 14.659  -24.699 3.373   1.00 48.15 ? 69  LYS A O   1 
ATOM   576  C CB  . LYS A 1 70 ? 11.713  -25.620 4.106   1.00 48.05 ? 69  LYS A CB  1 
ATOM   577  C CG  . LYS A 1 70 ? 11.166  -25.762 2.678   1.00 53.05 ? 69  LYS A CG  1 
ATOM   578  C CD  . LYS A 1 70 ? 10.571  -27.145 2.399   1.00 56.01 ? 69  LYS A CD  1 
ATOM   579  C CE  . LYS A 1 70 ? 9.426   -27.475 3.343   1.00 58.45 ? 69  LYS A CE  1 
ATOM   580  N NZ  . LYS A 1 70 ? 8.878   -28.853 3.134   1.00 60.18 ? 69  LYS A NZ  1 
ATOM   581  N N   . GLN A 1 71 ? 13.182  -23.583 2.124   1.00 49.61 ? 70  GLN A N   1 
ATOM   582  C CA  . GLN A 1 71 ? 14.103  -23.468 1.011   1.00 55.54 ? 70  GLN A CA  1 
ATOM   583  C C   . GLN A 1 71 ? 15.211  -22.478 1.250   1.00 60.20 ? 70  GLN A C   1 
ATOM   584  O O   . GLN A 1 71 ? 15.025  -21.472 1.936   1.00 60.32 ? 70  GLN A O   1 
ATOM   585  C CB  . GLN A 1 71 ? 13.380  -23.072 -0.264  1.00 56.61 ? 70  GLN A CB  1 
ATOM   586  C CG  . GLN A 1 71 ? 12.242  -23.970 -0.639  1.00 58.16 ? 70  GLN A CG  1 
ATOM   587  C CD  . GLN A 1 71 ? 11.578  -23.503 -1.903  1.00 60.09 ? 70  GLN A CD  1 
ATOM   588  O OE1 . GLN A 1 71 ? 12.190  -23.493 -2.980  1.00 61.12 ? 70  GLN A OE1 1 
ATOM   589  N NE2 . GLN A 1 71 ? 10.327  -23.089 -1.787  1.00 58.69 ? 70  GLN A NE2 1 
ATOM   590  N N   . THR A 1 72 ? 16.352  -22.765 0.630   1.00 67.29 ? 71  THR A N   1 
ATOM   591  C CA  . THR A 1 72 ? 17.554  -21.936 0.708   1.00 72.20 ? 71  THR A CA  1 
ATOM   592  C C   . THR A 1 72 ? 18.252  -21.857 -0.677  1.00 74.43 ? 71  THR A C   1 
ATOM   593  O O   . THR A 1 72 ? 17.612  -22.218 -1.705  1.00 75.66 ? 71  THR A O   1 
ATOM   594  C CB  . THR A 1 72 ? 18.537  -22.462 1.817   1.00 73.32 ? 71  THR A CB  1 
ATOM   595  O OG1 . THR A 1 72 ? 18.847  -23.848 1.600   1.00 74.25 ? 71  THR A OG1 1 
ATOM   596  C CG2 . THR A 1 72 ? 17.911  -22.307 3.207   1.00 75.29 ? 71  THR A CG2 1 
ATOM   597  N N   . MET B 1 1  ? -5.314  -17.668 -10.176 1.00 79.90 ? 0   MET B N   1 
ATOM   598  C CA  . MET B 1 1  ? -4.903  -16.279 -10.539 1.00 79.58 ? 0   MET B CA  1 
ATOM   599  C C   . MET B 1 1  ? -6.113  -15.377 -10.829 1.00 80.94 ? 0   MET B C   1 
ATOM   600  O O   . MET B 1 1  ? -6.370  -14.444 -10.076 1.00 80.25 ? 0   MET B O   1 
ATOM   601  C CB  . MET B 1 1  ? -3.927  -16.286 -11.731 1.00 77.60 ? 0   MET B CB  1 
ATOM   602  C CG  . MET B 1 1  ? -2.626  -17.093 -11.524 1.00 76.61 ? 0   MET B CG  1 
ATOM   603  S SD  . MET B 1 1  ? -1.464  -16.599 -10.165 1.00 76.65 ? 0   MET B SD  1 
ATOM   604  C CE  . MET B 1 1  ? -1.925  -17.738 -8.809  1.00 73.40 ? 0   MET B CE  1 
ATOM   605  N N   . GLN B 1 2  ? -6.884  -15.729 -11.865 1.00 83.11 ? 1   GLN B N   1 
ATOM   606  C CA  . GLN B 1 2  ? -8.081  -14.997 -12.355 1.00 83.08 ? 1   GLN B CA  1 
ATOM   607  C C   . GLN B 1 2  ? -8.777  -13.872 -11.556 1.00 81.84 ? 1   GLN B C   1 
ATOM   608  O O   . GLN B 1 2  ? -8.859  -12.728 -12.032 1.00 81.09 ? 1   GLN B O   1 
ATOM   609  C CB  . GLN B 1 2  ? -9.143  -15.982 -12.883 1.00 84.13 ? 1   GLN B CB  1 
ATOM   610  C CG  . GLN B 1 2  ? -9.045  -16.307 -14.376 1.00 87.00 ? 1   GLN B CG  1 
ATOM   611  C CD  . GLN B 1 2  ? -10.366 -16.819 -14.989 1.00 89.91 ? 1   GLN B CD  1 
ATOM   612  O OE1 . GLN B 1 2  ? -10.384 -17.295 -16.130 1.00 91.52 ? 1   GLN B OE1 1 
ATOM   613  N NE2 . GLN B 1 2  ? -11.471 -16.703 -14.245 1.00 89.73 ? 1   GLN B NE2 1 
ATOM   614  N N   . PRO B 1 3  ? -9.369  -14.194 -10.387 1.00 80.62 ? 2   PRO B N   1 
ATOM   615  C CA  . PRO B 1 3  ? -10.036 -13.131 -9.622  1.00 79.03 ? 2   PRO B CA  1 
ATOM   616  C C   . PRO B 1 3  ? -9.219  -12.620 -8.423  1.00 77.50 ? 2   PRO B C   1 
ATOM   617  O O   . PRO B 1 3  ? -9.654  -11.712 -7.714  1.00 78.92 ? 2   PRO B O   1 
ATOM   618  C CB  . PRO B 1 3  ? -11.300 -13.829 -9.150  1.00 78.61 ? 2   PRO B CB  1 
ATOM   619  C CG  . PRO B 1 3  ? -10.750 -15.183 -8.742  1.00 80.01 ? 2   PRO B CG  1 
ATOM   620  C CD  . PRO B 1 3  ? -9.692  -15.519 -9.816  1.00 79.99 ? 2   PRO B CD  1 
ATOM   621  N N   . ASP B 1 4  ? -8.017  -13.166 -8.243  1.00 74.19 ? 3   ASP B N   1 
ATOM   622  C CA  . ASP B 1 4  ? -7.129  -12.821 -7.132  1.00 69.86 ? 3   ASP B CA  1 
ATOM   623  C C   . ASP B 1 4  ? -6.844  -11.343 -6.918  1.00 66.21 ? 3   ASP B C   1 
ATOM   624  O O   . ASP B 1 4  ? -6.331  -10.949 -5.860  1.00 64.00 ? 3   ASP B O   1 
ATOM   625  C CB  . ASP B 1 4  ? -5.828  -13.595 -7.283  1.00 71.87 ? 3   ASP B CB  1 
ATOM   626  C CG  . ASP B 1 4  ? -6.050  -15.095 -7.273  1.00 73.52 ? 3   ASP B CG  1 
ATOM   627  O OD1 . ASP B 1 4  ? -7.176  -15.519 -6.928  1.00 73.42 ? 3   ASP B OD1 1 
ATOM   628  O OD2 . ASP B 1 4  ? -5.104  -15.846 -7.600  1.00 74.18 ? 3   ASP B OD2 1 
ATOM   629  N N   . ALA B 1 5  ? -7.181  -10.535 -7.923  1.00 61.92 ? 4   ALA B N   1 
ATOM   630  C CA  . ALA B 1 5  ? -6.993  -9.089  -7.873  1.00 56.88 ? 4   ALA B CA  1 
ATOM   631  C C   . ALA B 1 5  ? -7.813  -8.491  -6.742  1.00 52.39 ? 4   ALA B C   1 
ATOM   632  O O   . ALA B 1 5  ? -7.382  -7.562  -6.076  1.00 52.08 ? 4   ALA B O   1 
ATOM   633  C CB  . ALA B 1 5  ? -7.391  -8.471  -9.194  1.00 58.50 ? 4   ALA B CB  1 
ATOM   634  N N   . ILE B 1 6  ? -8.979  -9.068  -6.489  1.00 48.16 ? 5   ILE B N   1 
ATOM   635  C CA  . ILE B 1 6  ? -9.847  -8.595  -5.417  1.00 44.99 ? 5   ILE B CA  1 
ATOM   636  C C   . ILE B 1 6  ? -9.127  -8.670  -4.051  1.00 42.02 ? 5   ILE B C   1 
ATOM   637  O O   . ILE B 1 6  ? -9.490  -7.954  -3.107  1.00 42.04 ? 5   ILE B O   1 
ATOM   638  C CB  . ILE B 1 6  ? -11.206 -9.400  -5.398  1.00 45.91 ? 5   ILE B CB  1 
ATOM   639  C CG1 . ILE B 1 6  ? -12.094 -8.976  -4.216  1.00 48.18 ? 5   ILE B CG1 1 
ATOM   640  C CG2 . ILE B 1 6  ? -10.956 -10.893 -5.325  1.00 47.68 ? 5   ILE B CG2 1 
ATOM   641  C CD1 . ILE B 1 6  ? -13.293 -9.891  -3.967  1.00 48.91 ? 5   ILE B CD1 1 
ATOM   642  N N   . ASN B 1 7  ? -8.085  -9.504  -3.970  1.00 37.35 ? 6   ASN B N   1 
ATOM   643  C CA  . ASN B 1 7  ? -7.322  -9.695  -2.734  1.00 29.92 ? 6   ASN B CA  1 
ATOM   644  C C   . ASN B 1 7  ? -5.921  -9.103  -2.710  1.00 25.79 ? 6   ASN B C   1 
ATOM   645  O O   . ASN B 1 7  ? -5.116  -9.445  -1.845  1.00 24.70 ? 6   ASN B O   1 
ATOM   646  C CB  . ASN B 1 7  ? -7.244  -11.177 -2.405  1.00 28.81 ? 6   ASN B CB  1 
ATOM   647  C CG  . ASN B 1 7  ? -8.585  -11.763 -2.129  1.00 30.12 ? 6   ASN B CG  1 
ATOM   648  O OD1 . ASN B 1 7  ? -9.041  -12.647 -2.858  1.00 34.00 ? 6   ASN B OD1 1 
ATOM   649  N ND2 . ASN B 1 7  ? -9.245  -11.285 -1.068  1.00 28.31 ? 6   ASN B ND2 1 
ATOM   650  N N   . ALA B 1 8  ? -5.622  -8.176  -3.609  1.00 21.59 ? 7   ALA B N   1 
ATOM   651  C CA  . ALA B 1 8  ? -4.296  -7.593  -3.605  1.00 18.58 ? 7   ALA B CA  1 
ATOM   652  C C   . ALA B 1 8  ? -4.278  -6.581  -2.467  1.00 17.94 ? 7   ALA B C   1 
ATOM   653  O O   . ALA B 1 8  ? -5.361  -6.228  -1.938  1.00 16.21 ? 7   ALA B O   1 
ATOM   654  C CB  . ALA B 1 8  ? -4.029  -6.912  -4.910  1.00 22.05 ? 7   ALA B CB  1 
ATOM   655  N N   . PRO B 1 9  ? -3.067  -6.184  -1.997  1.00 17.54 ? 8   PRO B N   1 
ATOM   656  C CA  . PRO B 1 9  ? -2.893  -5.194  -0.909  1.00 18.03 ? 8   PRO B CA  1 
ATOM   657  C C   . PRO B 1 9  ? -3.253  -3.798  -1.426  1.00 17.72 ? 8   PRO B C   1 
ATOM   658  O O   . PRO B 1 9  ? -3.181  -3.549  -2.624  1.00 19.28 ? 8   PRO B O   1 
ATOM   659  C CB  . PRO B 1 9  ? -1.387  -5.260  -0.603  1.00 17.91 ? 8   PRO B CB  1 
ATOM   660  C CG  . PRO B 1 9  ? -0.777  -5.809  -1.848  1.00 18.37 ? 8   PRO B CG  1 
ATOM   661  C CD  . PRO B 1 9  ? -1.786  -6.843  -2.305  1.00 15.35 ? 8   PRO B CD  1 
ATOM   662  N N   . VAL B 1 10 ? -3.618  -2.890  -0.537  1.00 16.34 ? 9   VAL B N   1 
ATOM   663  C CA  . VAL B 1 10 ? -3.964  -1.545  -0.953  1.00 14.54 ? 9   VAL B CA  1 
ATOM   664  C C   . VAL B 1 10 ? -3.041  -0.563  -0.207  1.00 15.78 ? 9   VAL B C   1 
ATOM   665  O O   . VAL B 1 10 ? -2.770  -0.765  0.936   1.00 15.74 ? 9   VAL B O   1 
ATOM   666  C CB  . VAL B 1 10 ? -5.405  -1.198  -0.602  1.00 14.55 ? 9   VAL B CB  1 
ATOM   667  C CG1 . VAL B 1 10 ? -5.810  0.147   -1.262  1.00 15.17 ? 9   VAL B CG1 1 
ATOM   668  C CG2 . VAL B 1 10 ? -6.362  -2.331  -0.959  1.00 16.13 ? 9   VAL B CG2 1 
ATOM   669  N N   . THR B 1 11 ? -2.519  0.426   -0.920  1.00 14.87 ? 10  THR B N   1 
ATOM   670  C CA  . THR B 1 11 ? -1.676  1.498   -0.385  1.00 17.52 ? 10  THR B CA  1 
ATOM   671  C C   . THR B 1 11 ? -2.584  2.666   0.029   1.00 15.11 ? 10  THR B C   1 
ATOM   672  O O   . THR B 1 11 ? -3.361  3.161   -0.805  1.00 18.92 ? 10  THR B O   1 
ATOM   673  C CB  . THR B 1 11 ? -0.683  1.961   -1.489  1.00 17.62 ? 10  THR B CB  1 
ATOM   674  O OG1 . THR B 1 11 ? 0.189   0.871   -1.796  1.00 21.92 ? 10  THR B OG1 1 
ATOM   675  C CG2 . THR B 1 11 ? 0.125   3.180   -1.024  1.00 18.35 ? 10  THR B CG2 1 
ATOM   676  N N   . CYS B 1 12 ? -2.507  3.106   1.289   1.00 12.80 ? 11  CYS B N   1 
ATOM   677  C CA  . CYS B 1 12 ? -3.370  4.170   1.803   1.00 14.37 ? 11  CYS B CA  1 
ATOM   678  C C   . CYS B 1 12 ? -2.591  5.179   2.645   1.00 15.03 ? 11  CYS B C   1 
ATOM   679  O O   . CYS B 1 12 ? -1.470  4.889   3.075   1.00 17.10 ? 11  CYS B O   1 
ATOM   680  C CB  . CYS B 1 12 ? -4.445  3.568   2.744   1.00 13.60 ? 11  CYS B CB  1 
ATOM   681  S SG  . CYS B 1 12 ? -5.613  2.368   1.995   1.00 13.95 ? 11  CYS B SG  1 
ATOM   682  N N   . CYS B 1 13 ? -3.191  6.343   2.890   1.00 13.60 ? 12  CYS B N   1 
ATOM   683  C CA  . CYS B 1 13 ? -2.574  7.349   3.737   1.00 15.02 ? 12  CYS B CA  1 
ATOM   684  C C   . CYS B 1 13 ? -3.305  7.401   5.079   1.00 16.83 ? 12  CYS B C   1 
ATOM   685  O O   . CYS B 1 13 ? -4.555  7.506   5.120   1.00 16.87 ? 12  CYS B O   1 
ATOM   686  C CB  . CYS B 1 13 ? -2.635  8.728   3.091   1.00 11.92 ? 12  CYS B CB  1 
ATOM   687  S SG  . CYS B 1 13 ? -1.639  8.912   1.607   1.00 12.54 ? 12  CYS B SG  1 
ATOM   688  N N   A TYR B 1 14 ? -2.541  7.324   6.164   0.50 15.87 ? 13  TYR B N   1 
ATOM   689  N N   B TYR B 1 14 ? -2.545  7.316   6.171   0.50 15.50 ? 13  TYR B N   1 
ATOM   690  C CA  A TYR B 1 14 ? -3.098  7.356   7.508   0.50 17.67 ? 13  TYR B CA  1 
ATOM   691  C CA  B TYR B 1 14 ? -3.100  7.380   7.523   0.50 17.64 ? 13  TYR B CA  1 
ATOM   692  C C   A TYR B 1 14 ? -2.644  8.631   8.217   0.50 18.72 ? 13  TYR B C   1 
ATOM   693  C C   B TYR B 1 14 ? -2.653  8.657   8.188   0.50 22.84 ? 13  TYR B C   1 
ATOM   694  O O   A TYR B 1 14 ? -3.368  9.187   9.025   0.50 18.52 ? 13  TYR B O   1 
ATOM   695  O O   B TYR B 1 14 ? -3.406  9.271   8.927   0.50 18.09 ? 13  TYR B O   1 
ATOM   696  C CB  A TYR B 1 14 ? -2.694  6.071   8.258   0.50 16.01 ? 13  TYR B CB  1 
ATOM   697  C CB  B TYR B 1 14 ? -2.656  6.189   8.372   0.50 16.62 ? 13  TYR B CB  1 
ATOM   698  C CG  A TYR B 1 14 ? -3.204  4.803   7.560   0.50 16.14 ? 13  TYR B CG  1 
ATOM   699  C CG  B TYR B 1 14 ? -3.409  4.929   8.053   0.50 18.01 ? 13  TYR B CG  1 
ATOM   700  C CD1 A TYR B 1 14 ? -2.485  4.200   6.520   0.50 15.74 ? 13  TYR B CD1 1 
ATOM   701  C CD1 B TYR B 1 14 ? -2.896  3.998   7.158   0.50 16.68 ? 13  TYR B CD1 1 
ATOM   702  C CD2 A TYR B 1 14 ? -4.441  4.271   7.879   0.50 13.61 ? 13  TYR B CD2 1 
ATOM   703  C CD2 B TYR B 1 14 ? -4.652  4.688   8.607   0.50 17.53 ? 13  TYR B CD2 1 
ATOM   704  C CE1 A TYR B 1 14 ? -3.008  3.096   5.813   0.50 13.94 ? 13  TYR B CE1 1 
ATOM   705  C CE1 B TYR B 1 14 ? -3.604  2.864   6.816   0.50 17.87 ? 13  TYR B CE1 1 
ATOM   706  C CE2 A TYR B 1 14 ? -4.962  3.191   7.196   0.50 12.97 ? 13  TYR B CE2 1 
ATOM   707  C CE2 B TYR B 1 14 ? -5.369  3.552   8.277   0.50 17.95 ? 13  TYR B CE2 1 
ATOM   708  C CZ  A TYR B 1 14 ? -4.254  2.608   6.169   0.50 14.21 ? 13  TYR B CZ  1 
ATOM   709  C CZ  B TYR B 1 14 ? -4.841  2.644   7.376   0.50 17.47 ? 13  TYR B CZ  1 
ATOM   710  O OH  A TYR B 1 14 ? -4.817  1.532   5.522   0.50 10.89 ? 13  TYR B OH  1 
ATOM   711  O OH  B TYR B 1 14 ? -5.566  1.528   7.030   0.50 16.63 ? 13  TYR B OH  1 
ATOM   712  N N   . ASN B 1 15 ? -1.440  9.101   7.898   1.00 22.92 ? 14  ASN B N   1 
ATOM   713  C CA  . ASN B 1 15 ? -0.914  10.338  8.479   1.00 22.45 ? 14  ASN B CA  1 
ATOM   714  C C   . ASN B 1 15 ? -0.597  11.264  7.337   1.00 20.07 ? 14  ASN B C   1 
ATOM   715  O O   . ASN B 1 15 ? -0.161  10.808  6.279   1.00 18.86 ? 14  ASN B O   1 
ATOM   716  C CB  . ASN B 1 15 ? 0.326   10.086  9.317   1.00 27.24 ? 14  ASN B CB  1 
ATOM   717  C CG  . ASN B 1 15 ? 0.010   9.314   10.595  1.00 30.93 ? 14  ASN B CG  1 
ATOM   718  O OD1 . ASN B 1 15 ? 0.204   8.096   10.679  1.00 35.53 ? 14  ASN B OD1 1 
ATOM   719  N ND2 . ASN B 1 15 ? -0.509  10.020  11.583  1.00 34.98 ? 14  ASN B ND2 1 
ATOM   720  N N   . PHE B 1 16 ? -0.916  12.535  7.537   1.00 16.66 ? 15  PHE B N   1 
ATOM   721  C CA  . PHE B 1 16 ? -0.707  13.576  6.555   1.00 19.23 ? 15  PHE B CA  1 
ATOM   722  C C   . PHE B 1 16 ? 0.236   14.676  7.046   1.00 21.16 ? 15  PHE B C   1 
ATOM   723  O O   . PHE B 1 16 ? 0.232   15.051  8.222   1.00 20.98 ? 15  PHE B O   1 
ATOM   724  C CB  . PHE B 1 16 ? -2.029  14.272  6.203   1.00 20.40 ? 15  PHE B CB  1 
ATOM   725  C CG  . PHE B 1 16 ? -3.103  13.328  5.723   1.00 25.48 ? 15  PHE B CG  1 
ATOM   726  C CD1 . PHE B 1 16 ? -3.701  12.423  6.600   1.00 28.62 ? 15  PHE B CD1 1 
ATOM   727  C CD2 . PHE B 1 16 ? -3.463  13.290  4.377   1.00 24.52 ? 15  PHE B CD2 1 
ATOM   728  C CE1 . PHE B 1 16 ? -4.630  11.499  6.129   1.00 29.07 ? 15  PHE B CE1 1 
ATOM   729  C CE2 . PHE B 1 16 ? -4.388  12.377  3.904   1.00 23.51 ? 15  PHE B CE2 1 
ATOM   730  C CZ  . PHE B 1 16 ? -4.965  11.486  4.759   1.00 27.03 ? 15  PHE B CZ  1 
ATOM   731  N N   . THR B 1 17 ? 0.945   15.265  6.096   1.00 21.68 ? 16  THR B N   1 
ATOM   732  C CA  . THR B 1 17 ? 1.814   16.373  6.399   1.00 25.12 ? 16  THR B CA  1 
ATOM   733  C C   . THR B 1 17 ? 0.929   17.604  6.571   1.00 28.43 ? 16  THR B C   1 
ATOM   734  O O   . THR B 1 17 ? -0.072  17.765  5.871   1.00 29.91 ? 16  THR B O   1 
ATOM   735  C CB  . THR B 1 17 ? 2.781   16.648  5.281   1.00 21.82 ? 16  THR B CB  1 
ATOM   736  O OG1 . THR B 1 17 ? 3.636   17.706  5.689   1.00 25.18 ? 16  THR B OG1 1 
ATOM   737  C CG2 . THR B 1 17 ? 2.036   17.096  4.013   1.00 24.57 ? 16  THR B CG2 1 
ATOM   738  N N   . ASN B 1 18 ? 1.280   18.468  7.513   1.00 32.82 ? 17  ASN B N   1 
ATOM   739  C CA  . ASN B 1 18 ? 0.488   19.664  7.721   1.00 36.77 ? 17  ASN B CA  1 
ATOM   740  C C   . ASN B 1 18 ? 1.180   20.893  7.216   1.00 37.66 ? 17  ASN B C   1 
ATOM   741  O O   . ASN B 1 18 ? 0.609   21.982  7.206   1.00 41.39 ? 17  ASN B O   1 
ATOM   742  C CB  . ASN B 1 18 ? 0.128   19.811  9.187   1.00 39.60 ? 17  ASN B CB  1 
ATOM   743  C CG  . ASN B 1 18 ? -0.862  18.772  9.615   1.00 43.34 ? 17  ASN B CG  1 
ATOM   744  O OD1 . ASN B 1 18 ? -1.887  18.561  8.943   1.00 42.41 ? 17  ASN B OD1 1 
ATOM   745  N ND2 . ASN B 1 18 ? -0.534  18.046  10.676  1.00 46.84 ? 17  ASN B ND2 1 
ATOM   746  N N   . ARG B 1 19 ? 2.380   20.702  6.708   1.00 35.13 ? 18  ARG B N   1 
ATOM   747  C CA  . ARG B 1 19 ? 3.137   21.803  6.205   1.00 34.35 ? 18  ARG B CA  1 
ATOM   748  C C   . ARG B 1 19 ? 3.029   21.857  4.702   1.00 31.89 ? 18  ARG B C   1 
ATOM   749  O O   . ARG B 1 19 ? 3.253   20.857  4.030   1.00 33.90 ? 18  ARG B O   1 
ATOM   750  C CB  . ARG B 1 19 ? 4.589   21.628  6.654   1.00 40.93 ? 18  ARG B CB  1 
ATOM   751  C CG  . ARG B 1 19 ? 5.563   22.659  6.099   1.00 47.15 ? 18  ARG B CG  1 
ATOM   752  C CD  . ARG B 1 19 ? 6.842   22.660  6.875   1.00 53.03 ? 18  ARG B CD  1 
ATOM   753  N NE  . ARG B 1 19 ? 6.668   23.373  8.137   1.00 62.71 ? 18  ARG B NE  1 
ATOM   754  C CZ  . ARG B 1 19 ? 6.781   24.697  8.271   1.00 69.09 ? 18  ARG B CZ  1 
ATOM   755  N NH1 . ARG B 1 19 ? 7.079   25.462  7.215   1.00 70.57 ? 18  ARG B NH1 1 
ATOM   756  N NH2 . ARG B 1 19 ? 6.589   25.264  9.463   1.00 71.82 ? 18  ARG B NH2 1 
ATOM   757  N N   . LYS B 1 20 ? 2.645   22.998  4.154   1.00 29.24 ? 19  LYS B N   1 
ATOM   758  C CA  . LYS B 1 20 ? 2.577   23.121  2.704   1.00 28.50 ? 19  LYS B CA  1 
ATOM   759  C C   . LYS B 1 20 ? 3.961   22.822  2.114   1.00 29.38 ? 19  LYS B C   1 
ATOM   760  O O   . LYS B 1 20 ? 4.972   23.113  2.756   1.00 31.71 ? 19  LYS B O   1 
ATOM   761  C CB  . LYS B 1 20 ? 2.158   24.520  2.310   1.00 29.24 ? 19  LYS B CB  1 
ATOM   762  C CG  . LYS B 1 20 ? 2.279   24.735  0.822   1.00 34.79 ? 19  LYS B CG  1 
ATOM   763  C CD  . LYS B 1 20 ? 2.029   26.163  0.452   1.00 41.63 ? 19  LYS B CD  1 
ATOM   764  C CE  . LYS B 1 20 ? 2.953   26.607  -0.689  1.00 48.84 ? 19  LYS B CE  1 
ATOM   765  N NZ  . LYS B 1 20 ? 4.424   26.696  -0.311  1.00 49.47 ? 19  LYS B NZ  1 
ATOM   766  N N   . ILE B 1 21 ? 4.006   22.182  0.943   1.00 26.55 ? 20  ILE B N   1 
ATOM   767  C CA  . ILE B 1 21 ? 5.250   21.844  0.258   1.00 24.81 ? 20  ILE B CA  1 
ATOM   768  C C   . ILE B 1 21 ? 5.237   22.610  -1.039  1.00 24.77 ? 20  ILE B C   1 
ATOM   769  O O   . ILE B 1 21 ? 4.238   22.613  -1.751  1.00 25.05 ? 20  ILE B O   1 
ATOM   770  C CB  . ILE B 1 21 ? 5.347   20.344  -0.095  1.00 24.43 ? 20  ILE B CB  1 
ATOM   771  C CG1 . ILE B 1 21 ? 5.169   19.500  1.158   1.00 25.65 ? 20  ILE B CG1 1 
ATOM   772  C CG2 . ILE B 1 21 ? 6.684   20.030  -0.726  1.00 22.48 ? 20  ILE B CG2 1 
ATOM   773  C CD1 . ILE B 1 21 ? 4.896   18.053  0.879   1.00 25.87 ? 20  ILE B CD1 1 
ATOM   774  N N   . SER B 1 22 ? 6.318   23.345  -1.287  1.00 26.82 ? 21  SER B N   1 
ATOM   775  C CA  . SER B 1 22 ? 6.482   24.149  -2.480  1.00 27.18 ? 21  SER B CA  1 
ATOM   776  C C   . SER B 1 22 ? 6.327   23.257  -3.689  1.00 30.68 ? 21  SER B C   1 
ATOM   777  O O   . SER B 1 22 ? 6.907   22.174  -3.742  1.00 33.93 ? 21  SER B O   1 
ATOM   778  C CB  . SER B 1 22 ? 7.873   24.815  -2.451  1.00 30.98 ? 21  SER B CB  1 
ATOM   779  O OG  . SER B 1 22 ? 8.220   25.395  -3.708  1.00 32.30 ? 21  SER B OG  1 
ATOM   780  N N   . VAL B 1 23 ? 5.590   23.738  -4.681  1.00 32.86 ? 22  VAL B N   1 
ATOM   781  C CA  . VAL B 1 23 ? 5.283   23.009  -5.918  1.00 35.48 ? 22  VAL B CA  1 
ATOM   782  C C   . VAL B 1 23 ? 6.451   22.699  -6.837  1.00 36.54 ? 22  VAL B C   1 
ATOM   783  O O   . VAL B 1 23 ? 6.337   21.912  -7.779  1.00 35.30 ? 22  VAL B O   1 
ATOM   784  C CB  . VAL B 1 23 ? 4.155   23.733  -6.720  1.00 37.37 ? 22  VAL B CB  1 
ATOM   785  C CG1 . VAL B 1 23 ? 4.719   24.559  -7.871  1.00 37.87 ? 22  VAL B CG1 1 
ATOM   786  C CG2 . VAL B 1 23 ? 3.138   22.737  -7.220  1.00 38.51 ? 22  VAL B CG2 1 
ATOM   787  N N   . GLN B 1 24 ? 7.583   23.335  -6.589  1.00 39.51 ? 23  GLN B N   1 
ATOM   788  C CA  . GLN B 1 24 ? 8.744   23.073  -7.419  1.00 42.16 ? 23  GLN B CA  1 
ATOM   789  C C   . GLN B 1 24 ? 9.530   21.888  -6.847  1.00 37.76 ? 23  GLN B C   1 
ATOM   790  O O   . GLN B 1 24 ? 10.452  21.375  -7.476  1.00 37.62 ? 23  GLN B O   1 
ATOM   791  C CB  . GLN B 1 24 ? 9.588   24.348  -7.572  1.00 49.23 ? 23  GLN B CB  1 
ATOM   792  C CG  . GLN B 1 24 ? 9.926   24.695  -9.046  1.00 59.16 ? 23  GLN B CG  1 
ATOM   793  C CD  . GLN B 1 24 ? 8.700   24.748  -9.988  1.00 64.61 ? 23  GLN B CD  1 
ATOM   794  O OE1 . GLN B 1 24 ? 8.323   23.740  -10.617 1.00 66.80 ? 23  GLN B OE1 1 
ATOM   795  N NE2 . GLN B 1 24 ? 8.100   25.933  -10.110 1.00 65.97 ? 23  GLN B NE2 1 
ATOM   796  N N   . ARG B 1 25 ? 9.143   21.464  -5.649  1.00 31.85 ? 24  ARG B N   1 
ATOM   797  C CA  . ARG B 1 25 ? 9.758   20.321  -4.992  1.00 28.08 ? 24  ARG B CA  1 
ATOM   798  C C   . ARG B 1 25 ? 9.015   19.041  -5.420  1.00 25.97 ? 24  ARG B C   1 
ATOM   799  O O   . ARG B 1 25 ? 9.501   17.927  -5.206  1.00 24.58 ? 24  ARG B O   1 
ATOM   800  C CB  . ARG B 1 25 ? 9.604   20.468  -3.479  1.00 26.63 ? 24  ARG B CB  1 
ATOM   801  C CG  . ARG B 1 25 ? 10.247  21.736  -2.931  1.00 27.27 ? 24  ARG B CG  1 
ATOM   802  C CD  . ARG B 1 25 ? 11.641  21.450  -2.543  1.00 23.04 ? 24  ARG B CD  1 
ATOM   803  N NE  . ARG B 1 25 ? 11.719  21.251  -1.122  1.00 24.60 ? 24  ARG B NE  1 
ATOM   804  C CZ  . ARG B 1 25 ? 12.518  20.401  -0.491  1.00 19.72 ? 24  ARG B CZ  1 
ATOM   805  N NH1 . ARG B 1 25 ? 13.350  19.610  -1.115  1.00 22.54 ? 24  ARG B NH1 1 
ATOM   806  N NH2 . ARG B 1 25 ? 12.475  20.358  0.809   1.00 23.59 ? 24  ARG B NH2 1 
ATOM   807  N N   . LEU B 1 26 ? 7.860   19.212  -6.048  1.00 22.22 ? 25  LEU B N   1 
ATOM   808  C CA  . LEU B 1 26 ? 7.006   18.078  -6.422  1.00 20.15 ? 25  LEU B CA  1 
ATOM   809  C C   . LEU B 1 26 ? 7.147   17.580  -7.851  1.00 18.28 ? 25  LEU B C   1 
ATOM   810  O O   . LEU B 1 26 ? 7.319   18.359  -8.771  1.00 24.46 ? 25  LEU B O   1 
ATOM   811  C CB  . LEU B 1 26 ? 5.558   18.447  -6.096  1.00 16.60 ? 25  LEU B CB  1 
ATOM   812  C CG  . LEU B 1 26 ? 5.323   18.912  -4.652  1.00 14.07 ? 25  LEU B CG  1 
ATOM   813  C CD1 . LEU B 1 26 ? 3.993   19.639  -4.563  1.00 16.80 ? 25  LEU B CD1 1 
ATOM   814  C CD2 . LEU B 1 26 ? 5.366   17.712  -3.661  1.00 9.29  ? 25  LEU B CD2 1 
ATOM   815  N N   . ALA B 1 27 ? 7.144   16.272  -8.037  1.00 15.78 ? 26  ALA B N   1 
ATOM   816  C CA  . ALA B 1 27 ? 7.284   15.719  -9.363  1.00 16.14 ? 26  ALA B CA  1 
ATOM   817  C C   . ALA B 1 27 ? 5.965   15.265  -9.982  1.00 16.61 ? 26  ALA B C   1 
ATOM   818  O O   . ALA B 1 27 ? 5.743   15.461  -11.164 1.00 18.99 ? 26  ALA B O   1 
ATOM   819  C CB  . ALA B 1 27 ? 8.250   14.560  -9.333  1.00 17.85 ? 26  ALA B CB  1 
ATOM   820  N N   . SER B 1 28 ? 5.108   14.643  -9.186  1.00 16.96 ? 27  SER B N   1 
ATOM   821  C CA  . SER B 1 28 ? 3.819   14.109  -9.677  1.00 14.20 ? 27  SER B CA  1 
ATOM   822  C C   . SER B 1 28 ? 2.963   13.679  -8.502  1.00 12.68 ? 27  SER B C   1 
ATOM   823  O O   . SER B 1 28 ? 3.340   13.881  -7.352  1.00 12.32 ? 27  SER B O   1 
ATOM   824  C CB  . SER B 1 28 ? 4.096   12.911  -10.550 1.00 15.87 ? 27  SER B CB  1 
ATOM   825  O OG  . SER B 1 28 ? 4.774   11.874  -9.836  1.00 18.01 ? 27  SER B OG  1 
ATOM   826  N N   . TYR B 1 29 ? 1.766   13.146  -8.757  1.00 12.46 ? 28  TYR B N   1 
ATOM   827  C CA  . TYR B 1 29 ? 0.917   12.730  -7.654  1.00 9.17  ? 28  TYR B CA  1 
ATOM   828  C C   . TYR B 1 29 ? -0.106  11.701  -8.107  1.00 9.01  ? 28  TYR B C   1 
ATOM   829  O O   . TYR B 1 29 ? -0.221  11.420  -9.300  1.00 9.53  ? 28  TYR B O   1 
ATOM   830  C CB  . TYR B 1 29 ? 0.134   13.965  -7.133  1.00 9.18  ? 28  TYR B CB  1 
ATOM   831  C CG  . TYR B 1 29 ? -0.983  14.413  -8.042  1.00 10.08 ? 28  TYR B CG  1 
ATOM   832  C CD1 . TYR B 1 29 ? -0.740  15.249  -9.127  1.00 13.10 ? 28  TYR B CD1 1 
ATOM   833  C CD2 . TYR B 1 29 ? -2.287  13.954  -7.837  1.00 11.34 ? 28  TYR B CD2 1 
ATOM   834  C CE1 . TYR B 1 29 ? -1.751  15.632  -9.971  1.00 14.80 ? 28  TYR B CE1 1 
ATOM   835  C CE2 . TYR B 1 29 ? -3.313  14.291  -8.694  1.00 11.55 ? 28  TYR B CE2 1 
ATOM   836  C CZ  . TYR B 1 29 ? -3.049  15.139  -9.754  1.00 16.44 ? 28  TYR B CZ  1 
ATOM   837  O OH  . TYR B 1 29 ? -4.051  15.506  -10.597 1.00 15.49 ? 28  TYR B OH  1 
ATOM   838  N N   . ARG B 1 30 ? -0.777  11.099  -7.151  1.00 8.57  ? 29  ARG B N   1 
ATOM   839  C CA  . ARG B 1 30 ? -1.866  10.233  -7.492  1.00 13.57 ? 29  ARG B CA  1 
ATOM   840  C C   . ARG B 1 30 ? -2.880  10.403  -6.375  1.00 13.23 ? 29  ARG B C   1 
ATOM   841  O O   . ARG B 1 30 ? -2.518  10.579  -5.225  1.00 12.68 ? 29  ARG B O   1 
ATOM   842  C CB  . ARG B 1 30 ? -1.383  8.797   -7.689  1.00 15.81 ? 29  ARG B CB  1 
ATOM   843  C CG  . ARG B 1 30 ? -0.841  8.188   -6.470  1.00 23.85 ? 29  ARG B CG  1 
ATOM   844  C CD  . ARG B 1 30 ? -0.786  6.700   -6.646  1.00 32.52 ? 29  ARG B CD  1 
ATOM   845  N NE  . ARG B 1 30 ? 0.573   6.182   -6.654  1.00 38.26 ? 29  ARG B NE  1 
ATOM   846  C CZ  . ARG B 1 30 ? 1.352   6.104   -5.583  1.00 38.56 ? 29  ARG B CZ  1 
ATOM   847  N NH1 . ARG B 1 30 ? 0.926   6.510   -4.417  1.00 42.81 ? 29  ARG B NH1 1 
ATOM   848  N NH2 . ARG B 1 30 ? 2.549   5.571   -5.677  1.00 45.15 ? 29  ARG B NH2 1 
ATOM   849  N N   . ARG B 1 31 ? -4.156  10.464  -6.724  1.00 13.82 ? 30  ARG B N   1 
ATOM   850  C CA  . ARG B 1 31 ? -5.219  10.595  -5.734  1.00 13.22 ? 30  ARG B CA  1 
ATOM   851  C C   . ARG B 1 31 ? -5.670  9.153   -5.412  1.00 13.46 ? 30  ARG B C   1 
ATOM   852  O O   . ARG B 1 31 ? -5.786  8.286   -6.308  1.00 17.68 ? 30  ARG B O   1 
ATOM   853  C CB  . ARG B 1 31 ? -6.385  11.402  -6.322  1.00 15.45 ? 30  ARG B CB  1 
ATOM   854  C CG  . ARG B 1 31 ? -7.611  11.552  -5.421  1.00 19.82 ? 30  ARG B CG  1 
ATOM   855  C CD  . ARG B 1 31 ? -7.438  12.748  -4.481  1.00 22.99 ? 30  ARG B CD  1 
ATOM   856  N NE  . ARG B 1 31 ? -8.605  13.068  -3.672  1.00 21.03 ? 30  ARG B NE  1 
ATOM   857  C CZ  . ARG B 1 31 ? -9.509  14.002  -3.961  1.00 23.14 ? 30  ARG B CZ  1 
ATOM   858  N NH1 . ARG B 1 31 ? -9.416  14.745  -5.057  1.00 25.82 ? 30  ARG B NH1 1 
ATOM   859  N NH2 . ARG B 1 31 ? -10.508 14.215  -3.119  1.00 24.57 ? 30  ARG B NH2 1 
ATOM   860  N N   A ILE B 1 32 ? -5.869  8.888   -4.129  0.50 12.68 ? 31  ILE B N   1 
ATOM   861  N N   B ILE B 1 32 ? -5.857  8.872   -4.140  0.50 12.48 ? 31  ILE B N   1 
ATOM   862  C CA  A ILE B 1 32 ? -6.307  7.575   -3.634  0.50 13.60 ? 31  ILE B CA  1 
ATOM   863  C CA  B ILE B 1 32 ? -6.282  7.540   -3.752  0.50 13.51 ? 31  ILE B CA  1 
ATOM   864  C C   A ILE B 1 32 ? -7.788  7.398   -4.072  0.50 14.69 ? 31  ILE B C   1 
ATOM   865  C C   B ILE B 1 32 ? -7.777  7.415   -4.118  0.50 22.38 ? 31  ILE B C   1 
ATOM   866  O O   A ILE B 1 32 ? -8.641  8.220   -3.730  0.50 14.59 ? 31  ILE B O   1 
ATOM   867  O O   B ILE B 1 32 ? -8.599  8.270   -3.790  0.50 14.17 ? 31  ILE B O   1 
ATOM   868  C CB  A ILE B 1 32 ? -6.179  7.541   -2.057  0.50 13.80 ? 31  ILE B CB  1 
ATOM   869  C CB  B ILE B 1 32 ? -5.992  7.289   -2.261  0.50 14.14 ? 31  ILE B CB  1 
ATOM   870  C CG1 A ILE B 1 32 ? -4.706  7.513   -1.610  0.50 12.77 ? 31  ILE B CG1 1 
ATOM   871  C CG1 B ILE B 1 32 ? -4.485  7.404   -2.012  0.50 13.80 ? 31  ILE B CG1 1 
ATOM   872  C CG2 A ILE B 1 32 ? -7.032  6.435   -1.436  0.50 13.16 ? 31  ILE B CG2 1 
ATOM   873  C CG2 B ILE B 1 32 ? -6.485  5.922   -1.847  0.50 16.16 ? 31  ILE B CG2 1 
ATOM   874  C CD1 A ILE B 1 32 ? -3.844  6.377   -2.163  0.50 11.49 ? 31  ILE B CD1 1 
ATOM   875  C CD1 B ILE B 1 32 ? -4.073  7.019   -0.629  0.50 11.71 ? 31  ILE B CD1 1 
ATOM   876  N N   . THR B 1 33 ? -8.071  6.372   -4.867  1.00 17.00 ? 32  THR B N   1 
ATOM   877  C CA  . THR B 1 33 ? -9.433  6.098   -5.350  1.00 18.50 ? 32  THR B CA  1 
ATOM   878  C C   . THR B 1 33 ? -10.045 4.841   -4.727  1.00 18.75 ? 32  THR B C   1 
ATOM   879  O O   . THR B 1 33 ? -11.242 4.652   -4.846  1.00 22.65 ? 32  THR B O   1 
ATOM   880  C CB  . THR B 1 33 ? -9.482  5.938   -6.895  1.00 17.23 ? 32  THR B CB  1 
ATOM   881  O OG1 . THR B 1 33 ? -8.586  4.898   -7.298  1.00 21.30 ? 32  THR B OG1 1 
ATOM   882  C CG2 . THR B 1 33 ? -9.080  7.250   -7.616  1.00 13.79 ? 32  THR B CG2 1 
ATOM   883  N N   . SER B 1 34 ? -9.249  3.986   -4.095  1.00 14.99 ? 33  SER B N   1 
ATOM   884  C CA  . SER B 1 34 ? -9.811  2.783   -3.470  1.00 14.61 ? 33  SER B CA  1 
ATOM   885  C C   . SER B 1 34 ? -10.725 3.152   -2.314  1.00 16.23 ? 33  SER B C   1 
ATOM   886  O O   . SER B 1 34 ? -10.324 3.875   -1.420  1.00 15.26 ? 33  SER B O   1 
ATOM   887  C CB  . SER B 1 34 ? -8.710  1.878   -2.963  1.00 14.37 ? 33  SER B CB  1 
ATOM   888  O OG  . SER B 1 34 ? -9.234  0.776   -2.221  1.00 14.54 ? 33  SER B OG  1 
ATOM   889  N N   . SER B 1 35 ? -11.921 2.550   -2.268  1.00 16.07 ? 34  SER B N   1 
ATOM   890  C CA  . SER B 1 35 ? -12.869 2.833   -1.215  1.00 14.93 ? 34  SER B CA  1 
ATOM   891  C C   . SER B 1 35 ? -12.451 2.185   0.094   1.00 15.41 ? 34  SER B C   1 
ATOM   892  O O   . SER B 1 35 ? -12.943 2.579   1.151   1.00 19.37 ? 34  SER B O   1 
ATOM   893  C CB  . SER B 1 35 ? -14.289 2.302   -1.629  1.00 18.17 ? 34  SER B CB  1 
ATOM   894  O OG  . SER B 1 35 ? -14.316 0.865   -1.678  1.00 16.03 ? 34  SER B OG  1 
ATOM   895  N N   . LYS B 1 36 ? -11.493 1.251   0.030   1.00 15.31 ? 35  LYS B N   1 
ATOM   896  C CA  . LYS B 1 36 ? -11.013 0.487   1.191   1.00 12.79 ? 35  LYS B CA  1 
ATOM   897  C C   . LYS B 1 36 ? -10.216 1.382   2.169   1.00 14.38 ? 35  LYS B C   1 
ATOM   898  O O   . LYS B 1 36 ? -10.069 1.053   3.331   1.00 16.49 ? 35  LYS B O   1 
ATOM   899  C CB  . LYS B 1 36 ? -10.088 -0.634  0.714   1.00 17.61 ? 35  LYS B CB  1 
ATOM   900  C CG  . LYS B 1 36 ? -10.672 -1.973  0.415   1.00 20.26 ? 35  LYS B CG  1 
ATOM   901  C CD  . LYS B 1 36 ? -11.529 -1.920  -0.796  1.00 24.53 ? 35  LYS B CD  1 
ATOM   902  C CE  . LYS B 1 36 ? -12.179 -3.266  -1.003  1.00 25.19 ? 35  LYS B CE  1 
ATOM   903  N NZ  . LYS B 1 36 ? -13.161 -3.176  -2.112  1.00 30.85 ? 35  LYS B NZ  1 
ATOM   904  N N   . CYS B 1 37 ? -9.604  2.447   1.652   1.00 15.18 ? 36  CYS B N   1 
ATOM   905  C CA  . CYS B 1 37 ? -8.808  3.353   2.474   1.00 16.49 ? 36  CYS B CA  1 
ATOM   906  C C   . CYS B 1 37 ? -9.731  4.222   3.348   1.00 17.61 ? 36  CYS B C   1 
ATOM   907  O O   . CYS B 1 37 ? -10.769 4.717   2.878   1.00 18.06 ? 36  CYS B O   1 
ATOM   908  C CB  . CYS B 1 37 ? -7.901  4.235   1.585   1.00 18.40 ? 36  CYS B CB  1 
ATOM   909  S SG  . CYS B 1 37 ? -6.623  3.418   0.592   1.00 12.80 ? 36  CYS B SG  1 
ATOM   910  N N   . PRO B 1 38 ? -9.312  4.507   4.590   1.00 18.56 ? 37  PRO B N   1 
ATOM   911  C CA  . PRO B 1 38 ? -10.061 5.311   5.559   1.00 19.28 ? 37  PRO B CA  1 
ATOM   912  C C   . PRO B 1 38 ? -10.424 6.733   5.195   1.00 20.97 ? 37  PRO B C   1 
ATOM   913  O O   . PRO B 1 38 ? -11.435 7.233   5.680   1.00 23.06 ? 37  PRO B O   1 
ATOM   914  C CB  . PRO B 1 38 ? -9.181  5.238   6.814   1.00 19.69 ? 37  PRO B CB  1 
ATOM   915  C CG  . PRO B 1 38 ? -7.837  5.045   6.279   1.00 19.85 ? 37  PRO B CG  1 
ATOM   916  C CD  . PRO B 1 38 ? -8.056  4.033   5.201   1.00 20.45 ? 37  PRO B CD  1 
ATOM   917  N N   . LYS B 1 39 ? -9.630  7.385   4.339   1.00 20.92 ? 38  LYS B N   1 
ATOM   918  C CA  . LYS B 1 39 ? -9.895  8.762   3.948   1.00 21.32 ? 38  LYS B CA  1 
ATOM   919  C C   . LYS B 1 39 ? -9.311  9.267   2.617   1.00 17.08 ? 38  LYS B C   1 
ATOM   920  O O   . LYS B 1 39 ? -8.494  8.595   1.973   1.00 17.94 ? 38  LYS B O   1 
ATOM   921  C CB  . LYS B 1 39 ? -9.545  9.703   5.107   1.00 28.54 ? 38  LYS B CB  1 
ATOM   922  C CG  . LYS B 1 39 ? -8.115  9.624   5.561   1.00 33.91 ? 38  LYS B CG  1 
ATOM   923  C CD  . LYS B 1 39 ? -7.861  10.718  6.588   1.00 42.37 ? 38  LYS B CD  1 
ATOM   924  C CE  . LYS B 1 39 ? -8.261  10.270  7.960   1.00 45.36 ? 38  LYS B CE  1 
ATOM   925  N NZ  . LYS B 1 39 ? -7.346  9.152   8.305   1.00 48.99 ? 38  LYS B NZ  1 
ATOM   926  N N   . GLU B 1 40 ? -9.901  10.360  2.127   1.00 16.08 ? 39  GLU B N   1 
ATOM   927  C CA  . GLU B 1 40 ? -9.511  11.004  0.883   1.00 13.22 ? 39  GLU B CA  1 
ATOM   928  C C   . GLU B 1 40 ? -8.042  11.381  1.108   1.00 14.33 ? 39  GLU B C   1 
ATOM   929  O O   . GLU B 1 40 ? -7.688  11.794  2.206   1.00 13.83 ? 39  GLU B O   1 
ATOM   930  C CB  . GLU B 1 40 ? -10.332 12.257  0.650   1.00 15.33 ? 39  GLU B CB  1 
ATOM   931  C CG  . GLU B 1 40 ? -11.780 12.050  0.179   1.00 15.98 ? 39  GLU B CG  1 
ATOM   932  C CD  . GLU B 1 40 ? -11.831 11.164  -1.024  1.00 15.45 ? 39  GLU B CD  1 
ATOM   933  O OE1 . GLU B 1 40 ? -11.481 11.585  -2.148  1.00 17.58 ? 39  GLU B OE1 1 
ATOM   934  O OE2 . GLU B 1 40 ? -12.232 10.018  -0.850  1.00 21.52 ? 39  GLU B OE2 1 
ATOM   935  N N   . ALA B 1 41 ? -7.219  11.256  0.093   1.00 14.46 ? 40  ALA B N   1 
ATOM   936  C CA  . ALA B 1 41 ? -5.781  11.526  0.274   1.00 14.67 ? 40  ALA B CA  1 
ATOM   937  C C   . ALA B 1 41 ? -5.102  11.633  -1.074  1.00 14.75 ? 40  ALA B C   1 
ATOM   938  O O   . ALA B 1 41 ? -5.614  11.119  -2.073  1.00 11.57 ? 40  ALA B O   1 
ATOM   939  C CB  . ALA B 1 41 ? -5.162  10.372  1.072   1.00 10.86 ? 40  ALA B CB  1 
ATOM   940  N N   . VAL B 1 42 ? -4.015  12.398  -1.124  1.00 13.87 ? 41  VAL B N   1 
ATOM   941  C CA  . VAL B 1 42 ? -3.197  12.560  -2.332  1.00 15.24 ? 41  VAL B CA  1 
ATOM   942  C C   . VAL B 1 42 ? -1.766  12.164  -1.918  1.00 12.89 ? 41  VAL B C   1 
ATOM   943  O O   . VAL B 1 42 ? -1.335  12.519  -0.831  1.00 12.89 ? 41  VAL B O   1 
ATOM   944  C CB  . VAL B 1 42 ? -3.156  14.047  -2.845  1.00 15.00 ? 41  VAL B CB  1 
ATOM   945  C CG1 . VAL B 1 42 ? -2.076  14.225  -3.966  1.00 14.72 ? 41  VAL B CG1 1 
ATOM   946  C CG2 . VAL B 1 42 ? -4.548  14.406  -3.389  1.00 17.31 ? 41  VAL B CG2 1 
ATOM   947  N N   . ILE B 1 43 ? -1.139  11.318  -2.719  1.00 12.33 ? 42  ILE B N   1 
ATOM   948  C CA  . ILE B 1 43 ? 0.248   10.902  -2.507  1.00 12.13 ? 42  ILE B CA  1 
ATOM   949  C C   . ILE B 1 43 ? 1.089   11.689  -3.524  1.00 11.80 ? 42  ILE B C   1 
ATOM   950  O O   . ILE B 1 43 ? 1.023   11.483  -4.748  1.00 15.72 ? 42  ILE B O   1 
ATOM   951  C CB  . ILE B 1 43 ? 0.436   9.366   -2.747  1.00 13.77 ? 42  ILE B CB  1 
ATOM   952  C CG1 . ILE B 1 43 ? -0.502  8.585   -1.842  1.00 14.26 ? 42  ILE B CG1 1 
ATOM   953  C CG2 . ILE B 1 43 ? 1.913   8.898   -2.469  1.00 12.98 ? 42  ILE B CG2 1 
ATOM   954  C CD1 . ILE B 1 43 ? -0.536  7.071   -2.203  1.00 15.20 ? 42  ILE B CD1 1 
ATOM   955  N N   . PHE B 1 44 ? 1.884   12.625  -3.024  1.00 12.98 ? 43  PHE B N   1 
ATOM   956  C CA  . PHE B 1 44 ? 2.737   13.395  -3.900  1.00 10.87 ? 43  PHE B CA  1 
ATOM   957  C C   . PHE B 1 44 ? 4.047   12.648  -3.944  1.00 12.39 ? 43  PHE B C   1 
ATOM   958  O O   . PHE B 1 44 ? 4.446   12.049  -2.957  1.00 13.68 ? 43  PHE B O   1 
ATOM   959  C CB  . PHE B 1 44 ? 3.029   14.762  -3.302  1.00 13.29 ? 43  PHE B CB  1 
ATOM   960  C CG  . PHE B 1 44 ? 1.896   15.761  -3.402  1.00 9.11  ? 43  PHE B CG  1 
ATOM   961  C CD1 . PHE B 1 44 ? 1.488   16.254  -4.613  1.00 12.99 ? 43  PHE B CD1 1 
ATOM   962  C CD2 . PHE B 1 44 ? 1.279   16.216  -2.246  1.00 12.74 ? 43  PHE B CD2 1 
ATOM   963  C CE1 . PHE B 1 44 ? 0.449   17.203  -4.669  1.00 14.28 ? 43  PHE B CE1 1 
ATOM   964  C CE2 . PHE B 1 44 ? 0.275   17.145  -2.296  1.00 15.56 ? 43  PHE B CE2 1 
ATOM   965  C CZ  . PHE B 1 44 ? -0.145  17.632  -3.514  1.00 12.09 ? 43  PHE B CZ  1 
ATOM   966  N N   . LYS B 1 45 ? 4.722   12.703  -5.080  1.00 14.38 ? 44  LYS B N   1 
ATOM   967  C CA  . LYS B 1 45 ? 6.036   12.097  -5.216  1.00 16.40 ? 44  LYS B CA  1 
ATOM   968  C C   . LYS B 1 45 ? 6.889   13.338  -5.419  1.00 16.12 ? 44  LYS B C   1 
ATOM   969  O O   . LYS B 1 45 ? 6.582   14.166  -6.278  1.00 16.15 ? 44  LYS B O   1 
ATOM   970  C CB  . LYS B 1 45 ? 6.098   11.192  -6.441  1.00 19.86 ? 44  LYS B CB  1 
ATOM   971  C CG  . LYS B 1 45 ? 7.503   10.671  -6.744  1.00 25.67 ? 44  LYS B CG  1 
ATOM   972  C CD  . LYS B 1 45 ? 7.463   9.768   -7.951  1.00 35.55 ? 44  LYS B CD  1 
ATOM   973  C CE  . LYS B 1 45 ? 8.833   9.218   -8.332  1.00 41.62 ? 44  LYS B CE  1 
ATOM   974  N NZ  . LYS B 1 45 ? 8.723   8.277   -9.508  1.00 45.16 ? 44  LYS B NZ  1 
ATOM   975  N N   . THR B 1 46 ? 7.916   13.507  -4.604  1.00 16.17 ? 45  THR B N   1 
ATOM   976  C CA  . THR B 1 46 ? 8.773   14.683  -4.717  1.00 15.97 ? 45  THR B CA  1 
ATOM   977  C C   . THR B 1 46 ? 9.864   14.451  -5.721  1.00 15.38 ? 45  THR B C   1 
ATOM   978  O O   . THR B 1 46 ? 10.101  13.306  -6.131  1.00 13.04 ? 45  THR B O   1 
ATOM   979  C CB  . THR B 1 46 ? 9.467   14.994  -3.395  1.00 16.26 ? 45  THR B CB  1 
ATOM   980  O OG1 . THR B 1 46 ? 10.332  13.900  -3.058  1.00 17.53 ? 45  THR B OG1 1 
ATOM   981  C CG2 . THR B 1 46 ? 8.456   15.199  -2.299  1.00 16.37 ? 45  THR B CG2 1 
ATOM   982  N N   . ILE B 1 47 ? 10.585  15.528  -6.039  1.00 15.76 ? 46  ILE B N   1 
ATOM   983  C CA  . ILE B 1 47 ? 11.686  15.439  -6.987  1.00 17.90 ? 46  ILE B CA  1 
ATOM   984  C C   . ILE B 1 47 ? 12.727  14.408  -6.596  1.00 14.67 ? 46  ILE B C   1 
ATOM   985  O O   . ILE B 1 47 ? 13.382  13.859  -7.450  1.00 17.74 ? 46  ILE B O   1 
ATOM   986  C CB  . ILE B 1 47 ? 12.472  16.759  -7.168  1.00 20.76 ? 46  ILE B CB  1 
ATOM   987  C CG1 . ILE B 1 47 ? 11.605  17.878  -7.740  1.00 22.14 ? 46  ILE B CG1 1 
ATOM   988  C CG2 . ILE B 1 47 ? 13.634  16.521  -8.125  1.00 22.75 ? 46  ILE B CG2 1 
ATOM   989  C CD1 . ILE B 1 47 ? 10.825  17.470  -8.931  1.00 21.28 ? 46  ILE B CD1 1 
ATOM   990  N N   . VAL B 1 48 ? 12.906  14.145  -5.316  1.00 17.17 ? 47  VAL B N   1 
ATOM   991  C CA  . VAL B 1 48 ? 13.907  13.181  -4.911  1.00 16.65 ? 47  VAL B CA  1 
ATOM   992  C C   . VAL B 1 48 ? 13.361  11.799  -4.756  1.00 13.81 ? 47  VAL B C   1 
ATOM   993  O O   . VAL B 1 48 ? 14.026  10.904  -4.248  1.00 16.56 ? 47  VAL B O   1 
ATOM   994  C CB  . VAL B 1 48 ? 14.663  13.641  -3.623  1.00 21.87 ? 47  VAL B CB  1 
ATOM   995  C CG1 . VAL B 1 48 ? 15.456  14.926  -3.905  1.00 22.29 ? 47  VAL B CG1 1 
ATOM   996  C CG2 . VAL B 1 48 ? 13.688  13.842  -2.481  1.00 21.15 ? 47  VAL B CG2 1 
ATOM   997  N N   . ALA B 1 49 ? 12.134  11.619  -5.203  1.00 16.80 ? 48  ALA B N   1 
ATOM   998  C CA  . ALA B 1 49 ? 11.445  10.322  -5.177  1.00 15.56 ? 48  ALA B CA  1 
ATOM   999  C C   . ALA B 1 49 ? 10.991  9.733   -3.857  1.00 14.97 ? 48  ALA B C   1 
ATOM   1000 O O   . ALA B 1 49 ? 11.160  8.537   -3.583  1.00 17.43 ? 48  ALA B O   1 
ATOM   1001 C CB  . ALA B 1 49 ? 12.205  9.285   -6.003  1.00 14.60 ? 48  ALA B CB  1 
ATOM   1002 N N   . LYS B 1 50 ? 10.481  10.572  -2.980  1.00 15.04 ? 49  LYS B N   1 
ATOM   1003 C CA  . LYS B 1 50 ? 9.943   10.032  -1.755  1.00 13.75 ? 49  LYS B CA  1 
ATOM   1004 C C   . LYS B 1 50 ? 8.448   10.349  -1.927  1.00 14.51 ? 49  LYS B C   1 
ATOM   1005 O O   . LYS B 1 50 ? 8.093   11.252  -2.672  1.00 16.25 ? 49  LYS B O   1 
ATOM   1006 C CB  . LYS B 1 50 ? 10.525  10.664  -0.495  1.00 15.96 ? 49  LYS B CB  1 
ATOM   1007 C CG  . LYS B 1 50 ? 10.029  12.024  -0.103  1.00 16.60 ? 49  LYS B CG  1 
ATOM   1008 C CD  . LYS B 1 50 ? 10.488  12.412  1.323   1.00 19.93 ? 49  LYS B CD  1 
ATOM   1009 C CE  . LYS B 1 50 ? 12.035  12.420  1.481   1.00 15.07 ? 49  LYS B CE  1 
ATOM   1010 N NZ  . LYS B 1 50 ? 12.342  12.944  2.839   1.00 13.02 ? 49  LYS B NZ  1 
ATOM   1011 N N   . GLU B 1 51 ? 7.593   9.598   -1.272  1.00 16.15 ? 50  GLU B N   1 
ATOM   1012 C CA  . GLU B 1 51 ? 6.163   9.815   -1.392  1.00 13.93 ? 50  GLU B CA  1 
ATOM   1013 C C   . GLU B 1 51 ? 5.674   10.347  -0.087  1.00 14.78 ? 50  GLU B C   1 
ATOM   1014 O O   . GLU B 1 51 ? 6.102   9.876   0.967   1.00 15.21 ? 50  GLU B O   1 
ATOM   1015 C CB  . GLU B 1 51 ? 5.523   8.496   -1.717  1.00 16.05 ? 50  GLU B CB  1 
ATOM   1016 C CG  . GLU B 1 51 ? 6.014   7.939   -3.006  1.00 17.13 ? 50  GLU B CG  1 
ATOM   1017 C CD  . GLU B 1 51 ? 5.163   6.729   -3.438  1.00 23.82 ? 50  GLU B CD  1 
ATOM   1018 O OE1 . GLU B 1 51 ? 4.556   6.814   -4.512  1.00 31.06 ? 50  GLU B OE1 1 
ATOM   1019 O OE2 . GLU B 1 51 ? 5.092   5.717   -2.719  1.00 21.62 ? 50  GLU B OE2 1 
ATOM   1020 N N   A ILE B 1 52 ? 4.791   11.347  -0.154  0.50 13.55 ? 51  ILE B N   1 
ATOM   1021 N N   B ILE B 1 52 ? 4.815   11.372  -0.138  0.50 15.08 ? 51  ILE B N   1 
ATOM   1022 C CA  A ILE B 1 52 ? 4.242   12.008  1.023   0.50 13.20 ? 51  ILE B CA  1 
ATOM   1023 C CA  B ILE B 1 52 ? 4.240   11.978  1.063   0.50 15.39 ? 51  ILE B CA  1 
ATOM   1024 C C   A ILE B 1 52 ? 2.720   12.162  0.840   0.50 13.47 ? 51  ILE B C   1 
ATOM   1025 C C   B ILE B 1 52 ? 2.727   12.207  0.852   0.50 13.02 ? 51  ILE B C   1 
ATOM   1026 O O   A ILE B 1 52 ? 2.250   12.518  -0.237  0.50 11.26 ? 51  ILE B O   1 
ATOM   1027 O O   B ILE B 1 52 ? 2.271   12.603  -0.217  0.50 10.11 ? 51  ILE B O   1 
ATOM   1028 C CB  A ILE B 1 52 ? 4.870   13.420  1.215   0.50 10.42 ? 51  ILE B CB  1 
ATOM   1029 C CB  B ILE B 1 52 ? 4.945   13.306  1.518   0.50 15.30 ? 51  ILE B CB  1 
ATOM   1030 C CG1 A ILE B 1 52 ? 6.412   13.324  1.231   0.50 9.43  ? 51  ILE B CG1 1 
ATOM   1031 C CG1 B ILE B 1 52 ? 4.750   14.417  0.494   0.50 15.63 ? 51  ILE B CG1 1 
ATOM   1032 C CG2 A ILE B 1 52 ? 4.390   14.056  2.495   0.50 8.27  ? 51  ILE B CG2 1 
ATOM   1033 C CG2 B ILE B 1 52 ? 6.451   13.079  1.771   0.50 15.27 ? 51  ILE B CG2 1 
ATOM   1034 C CD1 A ILE B 1 52 ? 7.115   14.601  1.625   0.50 6.54  ? 51  ILE B CD1 1 
ATOM   1035 C CD1 B ILE B 1 52 ? 3.576   15.300  0.811   0.50 18.41 ? 51  ILE B CD1 1 
ATOM   1036 N N   . CYS B 1 53 ? 1.990   11.821  1.889   1.00 13.38 ? 52  CYS B N   1 
ATOM   1037 C CA  . CYS B 1 53 ? 0.523   11.905  1.922   1.00 14.96 ? 52  CYS B CA  1 
ATOM   1038 C C   . CYS B 1 53 ? 0.089   13.312  2.281   1.00 15.18 ? 52  CYS B C   1 
ATOM   1039 O O   . CYS B 1 53 ? 0.665   13.908  3.209   1.00 17.70 ? 52  CYS B O   1 
ATOM   1040 C CB  . CYS B 1 53 ? -0.018  10.949  2.962   1.00 9.99  ? 52  CYS B CB  1 
ATOM   1041 S SG  . CYS B 1 53 ? 0.138   9.203   2.530   1.00 14.75 ? 52  CYS B SG  1 
ATOM   1042 N N   . ALA B 1 54 ? -0.855  13.874  1.510   1.00 15.91 ? 53  ALA B N   1 
ATOM   1043 C CA  . ALA B 1 54 ? -1.395  15.226  1.766   1.00 15.90 ? 53  ALA B CA  1 
ATOM   1044 C C   . ALA B 1 54 ? -2.910  15.166  1.747   1.00 16.90 ? 53  ALA B C   1 
ATOM   1045 O O   . ALA B 1 54 ? -3.492  14.223  1.199   1.00 16.78 ? 53  ALA B O   1 
ATOM   1046 C CB  . ALA B 1 54 ? -0.880  16.228  0.744   1.00 14.76 ? 53  ALA B CB  1 
ATOM   1047 N N   . ASP B 1 55 ? -3.558  16.143  2.385   1.00 18.23 ? 54  ASP B N   1 
ATOM   1048 C CA  . ASP B 1 55 ? -5.026  16.177  2.511   1.00 17.63 ? 54  ASP B CA  1 
ATOM   1049 C C   . ASP B 1 55 ? -5.663  17.020  1.429   1.00 17.48 ? 54  ASP B C   1 
ATOM   1050 O O   . ASP B 1 55 ? -5.521  18.244  1.456   1.00 18.96 ? 54  ASP B O   1 
ATOM   1051 C CB  . ASP B 1 55 ? -5.322  16.783  3.853   1.00 17.55 ? 54  ASP B CB  1 
ATOM   1052 C CG  . ASP B 1 55 ? -6.757  16.666  4.250   1.00 22.08 ? 54  ASP B CG  1 
ATOM   1053 O OD1 . ASP B 1 55 ? -7.625  16.494  3.365   1.00 21.58 ? 54  ASP B OD1 1 
ATOM   1054 O OD2 . ASP B 1 55 ? -7.000  16.743  5.478   1.00 24.27 ? 54  ASP B OD2 1 
ATOM   1055 N N   . PRO B 1 56 ? -6.448  16.407  0.498   1.00 16.64 ? 55  PRO B N   1 
ATOM   1056 C CA  . PRO B 1 56 ? -7.050  17.227  -0.557  1.00 14.21 ? 55  PRO B CA  1 
ATOM   1057 C C   . PRO B 1 56 ? -8.088  18.297  -0.076  1.00 17.92 ? 55  PRO B C   1 
ATOM   1058 O O   . PRO B 1 56 ? -8.579  19.068  -0.868  1.00 16.48 ? 55  PRO B O   1 
ATOM   1059 C CB  . PRO B 1 56 ? -7.609  16.194  -1.528  1.00 13.37 ? 55  PRO B CB  1 
ATOM   1060 C CG  . PRO B 1 56 ? -8.000  15.055  -0.655  1.00 13.37 ? 55  PRO B CG  1 
ATOM   1061 C CD  . PRO B 1 56 ? -6.846  14.996  0.372   1.00 13.71 ? 55  PRO B CD  1 
ATOM   1062 N N   . LYS B 1 57 ? -8.420  18.320  1.210   1.00 19.43 ? 56  LYS B N   1 
ATOM   1063 C CA  . LYS B 1 57 ? -9.326  19.337  1.752   1.00 25.68 ? 56  LYS B CA  1 
ATOM   1064 C C   . LYS B 1 57 ? -8.572  20.660  1.937   1.00 27.81 ? 56  LYS B C   1 
ATOM   1065 O O   . LYS B 1 57 ? -9.201  21.697  2.108   1.00 32.05 ? 56  LYS B O   1 
ATOM   1066 C CB  . LYS B 1 57 ? -9.836  18.955  3.126   1.00 26.38 ? 56  LYS B CB  1 
ATOM   1067 C CG  . LYS B 1 57 ? -10.766 17.787  3.140   1.00 36.54 ? 56  LYS B CG  1 
ATOM   1068 C CD  . LYS B 1 57 ? -11.423 17.642  4.508   1.00 42.30 ? 56  LYS B CD  1 
ATOM   1069 C CE  . LYS B 1 57 ? -12.599 16.665  4.425   1.00 48.48 ? 56  LYS B CE  1 
ATOM   1070 N NZ  . LYS B 1 57 ? -13.588 16.799  5.550   1.00 52.98 ? 56  LYS B NZ  1 
ATOM   1071 N N   . GLN B 1 58 ? -7.245  20.595  2.076   1.00 27.59 ? 57  GLN B N   1 
ATOM   1072 C CA  . GLN B 1 58 ? -6.431  21.805  2.251   1.00 25.66 ? 57  GLN B CA  1 
ATOM   1073 C C   . GLN B 1 58 ? -6.220  22.416  0.886   1.00 25.07 ? 57  GLN B C   1 
ATOM   1074 O O   . GLN B 1 58 ? -5.914  21.715  -0.074  1.00 27.40 ? 57  GLN B O   1 
ATOM   1075 C CB  . GLN B 1 58 ? -5.084  21.484  2.911   1.00 25.31 ? 57  GLN B CB  1 
ATOM   1076 C CG  . GLN B 1 58 ? -5.240  20.863  4.273   1.00 29.35 ? 57  GLN B CG  1 
ATOM   1077 C CD  . GLN B 1 58 ? -3.934  20.559  4.957   1.00 32.34 ? 57  GLN B CD  1 
ATOM   1078 O OE1 . GLN B 1 58 ? -2.872  20.808  4.414   1.00 39.01 ? 57  GLN B OE1 1 
ATOM   1079 N NE2 . GLN B 1 58 ? -4.005  20.017  6.164   1.00 35.02 ? 57  GLN B NE2 1 
ATOM   1080 N N   . LYS B 1 59 ? -6.434  23.716  0.779   1.00 25.28 ? 58  LYS B N   1 
ATOM   1081 C CA  . LYS B 1 59 ? -6.255  24.452  -0.485  1.00 23.28 ? 58  LYS B CA  1 
ATOM   1082 C C   . LYS B 1 59 ? -4.938  24.227  -1.221  1.00 22.80 ? 58  LYS B C   1 
ATOM   1083 O O   . LYS B 1 59 ? -4.945  23.995  -2.434  1.00 23.47 ? 58  LYS B O   1 
ATOM   1084 C CB  . LYS B 1 59 ? -6.462  25.955  -0.240  1.00 27.36 ? 58  LYS B CB  1 
ATOM   1085 C CG  . LYS B 1 59 ? -6.301  26.852  -1.456  1.00 30.59 ? 58  LYS B CG  1 
ATOM   1086 C CD  . LYS B 1 59 ? -6.326  28.336  -1.030  1.00 33.37 ? 58  LYS B CD  1 
ATOM   1087 C CE  . LYS B 1 59 ? -5.701  29.266  -2.087  1.00 33.20 ? 58  LYS B CE  1 
ATOM   1088 N NZ  . LYS B 1 59 ? -6.331  29.102  -3.431  1.00 35.87 ? 58  LYS B NZ  1 
ATOM   1089 N N   . TRP B 1 60 ? -3.803  24.329  -0.527  1.00 19.94 ? 59  TRP B N   1 
ATOM   1090 C CA  . TRP B 1 60 ? -2.519  24.142  -1.209  1.00 20.05 ? 59  TRP B CA  1 
ATOM   1091 C C   . TRP B 1 60 ? -2.447  22.810  -2.001  1.00 19.87 ? 59  TRP B C   1 
ATOM   1092 O O   . TRP B 1 60 ? -1.844  22.763  -3.069  1.00 16.57 ? 59  TRP B O   1 
ATOM   1093 C CB  . TRP B 1 60 ? -1.341  24.280  -0.224  1.00 18.83 ? 59  TRP B CB  1 
ATOM   1094 C CG  . TRP B 1 60 ? -1.074  23.121  0.694   1.00 17.02 ? 59  TRP B CG  1 
ATOM   1095 C CD1 . TRP B 1 60 ? -1.570  22.926  1.953   1.00 19.83 ? 59  TRP B CD1 1 
ATOM   1096 C CD2 . TRP B 1 60 ? -0.221  22.021  0.429   1.00 14.64 ? 59  TRP B CD2 1 
ATOM   1097 N NE1 . TRP B 1 60 ? -1.083  21.771  2.484   1.00 15.52 ? 59  TRP B NE1 1 
ATOM   1098 C CE2 . TRP B 1 60 ? -0.258  21.183  1.566   1.00 15.27 ? 59  TRP B CE2 1 
ATOM   1099 C CE3 . TRP B 1 60 ? 0.578   21.648  -0.661  1.00 19.28 ? 59  TRP B CE3 1 
ATOM   1100 C CZ2 . TRP B 1 60 ? 0.460   20.006  1.647   1.00 12.16 ? 59  TRP B CZ2 1 
ATOM   1101 C CZ3 . TRP B 1 60 ? 1.303   20.473  -0.584  1.00 20.13 ? 59  TRP B CZ3 1 
ATOM   1102 C CH2 . TRP B 1 60 ? 1.233   19.663  0.566   1.00 15.72 ? 59  TRP B CH2 1 
ATOM   1103 N N   . VAL B 1 61 ? -3.125  21.763  -1.504  1.00 18.98 ? 60  VAL B N   1 
ATOM   1104 C CA  . VAL B 1 61 ? -3.133  20.463  -2.164  1.00 17.97 ? 60  VAL B CA  1 
ATOM   1105 C C   . VAL B 1 61 ? -3.847  20.541  -3.496  1.00 19.83 ? 60  VAL B C   1 
ATOM   1106 O O   . VAL B 1 61 ? -3.278  20.177  -4.544  1.00 20.39 ? 60  VAL B O   1 
ATOM   1107 C CB  . VAL B 1 61 ? -3.688  19.342  -1.226  1.00 15.43 ? 60  VAL B CB  1 
ATOM   1108 C CG1 . VAL B 1 61 ? -3.739  17.990  -1.943  1.00 12.22 ? 60  VAL B CG1 1 
ATOM   1109 C CG2 . VAL B 1 61 ? -2.794  19.200  -0.027  1.00 12.66 ? 60  VAL B CG2 1 
ATOM   1110 N N   . GLN B 1 62 ? -5.036  21.145  -3.483  1.00 22.12 ? 61  GLN B N   1 
ATOM   1111 C CA  . GLN B 1 62 ? -5.848  21.303  -4.682  1.00 24.35 ? 61  GLN B CA  1 
ATOM   1112 C C   . GLN B 1 62 ? -5.066  22.110  -5.719  1.00 22.54 ? 61  GLN B C   1 
ATOM   1113 O O   . GLN B 1 62 ? -5.001  21.736  -6.887  1.00 21.34 ? 61  GLN B O   1 
ATOM   1114 C CB  . GLN B 1 62 ? -7.145  22.045  -4.350  1.00 30.24 ? 61  GLN B CB  1 
ATOM   1115 C CG  . GLN B 1 62 ? -7.975  21.482  -3.217  1.00 36.67 ? 61  GLN B CG  1 
ATOM   1116 C CD  . GLN B 1 62 ? -8.831  22.579  -2.516  1.00 47.65 ? 61  GLN B CD  1 
ATOM   1117 O OE1 . GLN B 1 62 ? -9.201  23.609  -3.124  1.00 48.58 ? 61  GLN B OE1 1 
ATOM   1118 N NE2 . GLN B 1 62 ? -9.135  22.359  -1.227  1.00 49.49 ? 61  GLN B NE2 1 
ATOM   1119 N N   . ASP B 1 63 ? -4.449  23.208  -5.291  1.00 22.03 ? 62  ASP B N   1 
ATOM   1120 C CA  . ASP B 1 63 ? -3.679  24.015  -6.236  1.00 23.67 ? 62  ASP B CA  1 
ATOM   1121 C C   . ASP B 1 63 ? -2.526  23.224  -6.845  1.00 23.88 ? 62  ASP B C   1 
ATOM   1122 O O   . ASP B 1 63 ? -2.273  23.292  -8.056  1.00 24.57 ? 62  ASP B O   1 
ATOM   1123 C CB  . ASP B 1 63 ? -3.130  25.267  -5.564  1.00 26.27 ? 62  ASP B CB  1 
ATOM   1124 C CG  . ASP B 1 63 ? -4.216  26.221  -5.141  1.00 31.64 ? 62  ASP B CG  1 
ATOM   1125 O OD1 . ASP B 1 63 ? -5.292  26.236  -5.777  1.00 34.49 ? 62  ASP B OD1 1 
ATOM   1126 O OD2 . ASP B 1 63 ? -3.994  26.949  -4.159  1.00 33.07 ? 62  ASP B OD2 1 
ATOM   1127 N N   . SER B 1 64 ? -1.818  22.495  -5.990  1.00 24.26 ? 63  SER B N   1 
ATOM   1128 C CA  . SER B 1 64 ? -0.692  21.702  -6.418  1.00 22.85 ? 63  SER B CA  1 
ATOM   1129 C C   . SER B 1 64 ? -1.049  20.685  -7.463  1.00 24.04 ? 63  SER B C   1 
ATOM   1130 O O   . SER B 1 64 ? -0.271  20.501  -8.404  1.00 24.34 ? 63  SER B O   1 
ATOM   1131 C CB  . SER B 1 64 ? -0.045  21.017  -5.235  1.00 23.12 ? 63  SER B CB  1 
ATOM   1132 O OG  . SER B 1 64 ? 0.324   21.984  -4.278  1.00 26.88 ? 63  SER B OG  1 
ATOM   1133 N N   . MET B 1 65 ? -2.218  20.039  -7.327  1.00 19.72 ? 64  MET B N   1 
ATOM   1134 C CA  . MET B 1 65 ? -2.629  19.043  -8.304  1.00 18.01 ? 64  MET B CA  1 
ATOM   1135 C C   . MET B 1 65 ? -2.898  19.766  -9.579  1.00 17.86 ? 64  MET B C   1 
ATOM   1136 O O   . MET B 1 65 ? -2.595  19.277  -10.638 1.00 18.18 ? 64  MET B O   1 
ATOM   1137 C CB  . MET B 1 65 ? -3.903  18.343  -7.856  1.00 19.98 ? 64  MET B CB  1 
ATOM   1138 C CG  . MET B 1 65 ? -3.732  17.276  -6.763  1.00 19.53 ? 64  MET B CG  1 
ATOM   1139 S SD  . MET B 1 65 ? -5.212  16.245  -6.386  1.00 15.83 ? 64  MET B SD  1 
ATOM   1140 C CE  . MET B 1 65 ? -6.110  17.322  -5.378  1.00 12.44 ? 64  MET B CE  1 
ATOM   1141 N N   . ASP B 1 66 ? -3.566  20.906  -9.480  1.00 21.70 ? 65  ASP B N   1 
ATOM   1142 C CA  . ASP B 1 66 ? -3.850  21.718  -10.651 1.00 26.65 ? 65  ASP B CA  1 
ATOM   1143 C C   . ASP B 1 66 ? -2.556  22.140  -11.371 1.00 27.69 ? 65  ASP B C   1 
ATOM   1144 O O   . ASP B 1 66 ? -2.464  22.026  -12.593 1.00 28.09 ? 65  ASP B O   1 
ATOM   1145 C CB  . ASP B 1 66 ? -4.702  22.940  -10.262 1.00 31.65 ? 65  ASP B CB  1 
ATOM   1146 C CG  . ASP B 1 66 ? -6.180  22.602  -10.125 1.00 34.06 ? 65  ASP B CG  1 
ATOM   1147 O OD1 . ASP B 1 66 ? -6.579  21.573  -10.705 1.00 39.93 ? 65  ASP B OD1 1 
ATOM   1148 O OD2 . ASP B 1 66 ? -6.940  23.357  -9.465  1.00 36.08 ? 65  ASP B OD2 1 
ATOM   1149 N N   . HIS B 1 67 ? -1.532  22.536  -10.612 1.00 28.55 ? 66  HIS B N   1 
ATOM   1150 C CA  . HIS B 1 67 ? -0.240  22.923  -11.202 1.00 28.75 ? 66  HIS B CA  1 
ATOM   1151 C C   . HIS B 1 67 ? 0.361   21.712  -11.904 1.00 27.97 ? 66  HIS B C   1 
ATOM   1152 O O   . HIS B 1 67 ? 0.692   21.774  -13.080 1.00 27.99 ? 66  HIS B O   1 
ATOM   1153 C CB  . HIS B 1 67 ? 0.735   23.449  -10.123 1.00 32.66 ? 66  HIS B CB  1 
ATOM   1154 C CG  . HIS B 1 67 ? 2.121   23.755  -10.632 1.00 40.69 ? 66  HIS B CG  1 
ATOM   1155 N ND1 . HIS B 1 67 ? 2.460   24.957  -11.222 1.00 43.24 ? 66  HIS B ND1 1 
ATOM   1156 C CD2 . HIS B 1 67 ? 3.255   23.011  -10.640 1.00 42.87 ? 66  HIS B CD2 1 
ATOM   1157 C CE1 . HIS B 1 67 ? 3.732   24.940  -11.569 1.00 42.66 ? 66  HIS B CE1 1 
ATOM   1158 N NE2 . HIS B 1 67 ? 4.240   23.769  -11.229 1.00 44.07 ? 66  HIS B NE2 1 
ATOM   1159 N N   . LEU B 1 68 ? 0.461   20.597  -11.189 1.00 25.93 ? 67  LEU B N   1 
ATOM   1160 C CA  . LEU B 1 68 ? 1.038   19.395  -11.762 1.00 28.46 ? 67  LEU B CA  1 
ATOM   1161 C C   . LEU B 1 68 ? 0.270   18.863  -12.979 1.00 29.76 ? 67  LEU B C   1 
ATOM   1162 O O   . LEU B 1 68 ? 0.865   18.198  -13.815 1.00 31.25 ? 67  LEU B O   1 
ATOM   1163 C CB  . LEU B 1 68 ? 1.206   18.295  -10.699 1.00 28.82 ? 67  LEU B CB  1 
ATOM   1164 C CG  . LEU B 1 68 ? 2.318   18.381  -9.654  1.00 29.37 ? 67  LEU B CG  1 
ATOM   1165 C CD1 . LEU B 1 68 ? 2.327   19.697  -9.005  1.00 32.08 ? 67  LEU B CD1 1 
ATOM   1166 C CD2 . LEU B 1 68 ? 2.149   17.331  -8.609  1.00 30.81 ? 67  LEU B CD2 1 
ATOM   1167 N N   . ASP B 1 69 ? -1.042  19.125  -13.074 1.00 30.10 ? 68  ASP B N   1 
ATOM   1168 C CA  . ASP B 1 69 ? -1.843  18.642  -14.220 1.00 31.24 ? 68  ASP B CA  1 
ATOM   1169 C C   . ASP B 1 69 ? -1.487  19.276  -15.572 1.00 34.89 ? 68  ASP B C   1 
ATOM   1170 O O   . ASP B 1 69 ? -1.551  18.599  -16.603 1.00 33.58 ? 68  ASP B O   1 
ATOM   1171 C CB  . ASP B 1 69 ? -3.366  18.807  -13.970 1.00 26.21 ? 68  ASP B CB  1 
ATOM   1172 C CG  . ASP B 1 69 ? -3.968  17.667  -13.145 1.00 21.92 ? 68  ASP B CG  1 
ATOM   1173 O OD1 . ASP B 1 69 ? -5.119  17.758  -12.709 1.00 18.88 ? 68  ASP B OD1 1 
ATOM   1174 O OD2 . ASP B 1 69 ? -3.285  16.679  -12.918 1.00 21.20 ? 68  ASP B OD2 1 
ATOM   1175 N N   . LYS B 1 70 ? -1.195  20.577  -15.572 1.00 39.72 ? 69  LYS B N   1 
ATOM   1176 C CA  . LYS B 1 70 ? -0.824  21.312  -16.803 1.00 45.48 ? 69  LYS B CA  1 
ATOM   1177 C C   . LYS B 1 70 ? 0.667   21.120  -17.183 1.00 47.72 ? 69  LYS B C   1 
ATOM   1178 O O   . LYS B 1 70 ? 1.067   21.272  -18.340 1.00 44.66 ? 69  LYS B O   1 
ATOM   1179 C CB  . LYS B 1 70 ? -1.205  22.799  -16.693 1.00 44.10 ? 69  LYS B CB  1 
ATOM   1180 C CG  . LYS B 1 70 ? -0.835  23.423  -15.383 1.00 47.96 ? 69  LYS B CG  1 
ATOM   1181 C CD  . LYS B 1 70 ? -1.459  24.778  -15.170 1.00 50.24 ? 69  LYS B CD  1 
ATOM   1182 C CE  . LYS B 1 70 ? -1.120  25.262  -13.766 1.00 52.59 ? 69  LYS B CE  1 
ATOM   1183 N NZ  . LYS B 1 70 ? -1.696  26.595  -13.467 1.00 55.57 ? 69  LYS B NZ  1 
ATOM   1184 N N   . GLN B 1 71 ? 1.465   20.744  -16.191 1.00 51.93 ? 70  GLN B N   1 
ATOM   1185 C CA  . GLN B 1 71 ? 2.873   20.454  -16.368 1.00 55.95 ? 70  GLN B CA  1 
ATOM   1186 C C   . GLN B 1 71 ? 2.891   19.194  -17.217 1.00 59.15 ? 70  GLN B C   1 
ATOM   1187 O O   . GLN B 1 71 ? 2.320   18.169  -16.835 1.00 59.25 ? 70  GLN B O   1 
ATOM   1188 C CB  . GLN B 1 71 ? 3.496   20.188  -14.998 1.00 57.70 ? 70  GLN B CB  1 
ATOM   1189 C CG  . GLN B 1 71 ? 4.813   19.439  -15.014 1.00 61.49 ? 70  GLN B CG  1 
ATOM   1190 C CD  . GLN B 1 71 ? 5.455   19.360  -13.629 1.00 64.54 ? 70  GLN B CD  1 
ATOM   1191 O OE1 . GLN B 1 71 ? 5.725   18.272  -13.117 1.00 65.24 ? 70  GLN B OE1 1 
ATOM   1192 N NE2 . GLN B 1 71 ? 5.722   20.519  -13.028 1.00 64.94 ? 70  GLN B NE2 1 
ATOM   1193 N N   . THR B 1 72 ? 3.474   19.295  -18.404 1.00 63.09 ? 71  THR B N   1 
ATOM   1194 C CA  . THR B 1 72 ? 3.548   18.158  -19.317 1.00 67.09 ? 71  THR B CA  1 
ATOM   1195 C C   . THR B 1 72 ? 3.961   16.863  -18.594 1.00 68.61 ? 71  THR B C   1 
ATOM   1196 O O   . THR B 1 72 ? 4.902   16.913  -17.768 1.00 70.89 ? 71  THR B O   1 
ATOM   1197 C CB  . THR B 1 72 ? 4.498   18.466  -20.516 1.00 68.52 ? 71  THR B CB  1 
ATOM   1198 O OG1 . THR B 1 72 ? 4.640   17.302  -21.344 1.00 70.90 ? 71  THR B OG1 1 
ATOM   1199 C CG2 . THR B 1 72 ? 5.873   18.943  -20.034 1.00 67.83 ? 71  THR B CG2 1 
HETATM 1200 S S   . SO4 C 2 .  ? 6.059   2.065   12.078  0.50 77.74 ? 402 SO4 A S   1 
HETATM 1201 O O1  . SO4 C 2 .  ? 6.511   2.788   10.933  0.50 76.44 ? 402 SO4 A O1  1 
HETATM 1202 O O2  . SO4 C 2 .  ? 5.337   0.898   11.665  0.50 76.65 ? 402 SO4 A O2  1 
HETATM 1203 O O3  . SO4 C 2 .  ? 7.184   1.678   12.870  0.50 76.95 ? 402 SO4 A O3  1 
HETATM 1204 O O4  . SO4 C 2 .  ? 5.201   2.902   12.850  0.50 77.39 ? 402 SO4 A O4  1 
HETATM 1205 S S   . SO4 D 2 .  ? 4.167   17.736  9.535   1.00 60.92 ? 401 SO4 B S   1 
HETATM 1206 O O1  . SO4 D 2 .  ? 4.193   18.427  8.281   1.00 61.76 ? 401 SO4 B O1  1 
HETATM 1207 O O2  . SO4 D 2 .  ? 3.744   16.380  9.402   1.00 60.44 ? 401 SO4 B O2  1 
HETATM 1208 O O3  . SO4 D 2 .  ? 5.489   17.721  10.064  1.00 64.01 ? 401 SO4 B O3  1 
HETATM 1209 O O4  . SO4 D 2 .  ? 3.266   18.433  10.398  1.00 62.12 ? 401 SO4 B O4  1 
HETATM 1210 O O   . HOH E 3 .  ? -6.028  -0.038  12.790  1.00 58.31 ? 201 HOH A O   1 
HETATM 1211 O O   . HOH E 3 .  ? 6.118   15.540  5.648   1.00 42.55 ? 204 HOH A O   1 
HETATM 1212 O O   . HOH E 3 .  ? -3.579  -5.339  7.125   1.00 13.27 ? 205 HOH A O   1 
HETATM 1213 O O   . HOH E 3 .  ? -6.713  -16.172 3.659   1.00 22.04 ? 207 HOH A O   1 
HETATM 1214 O O   . HOH E 3 .  ? -0.545  -23.756 0.275   1.00 38.25 ? 209 HOH A O   1 
HETATM 1215 O O   . HOH E 3 .  ? -4.456  -21.922 -6.895  1.00 47.48 ? 210 HOH A O   1 
HETATM 1216 O O   . HOH E 3 .  ? 7.285   -22.972 -3.868  1.00 33.21 ? 211 HOH A O   1 
HETATM 1217 O O   . HOH E 3 .  ? 10.034  -16.462 1.265   1.00 55.47 ? 212 HOH A O   1 
HETATM 1218 O O   . HOH E 3 .  ? 6.490   5.400   9.237   1.00 27.27 ? 213 HOH A O   1 
HETATM 1219 O O   . HOH E 3 .  ? 7.983   -13.692 -7.828  1.00 61.09 ? 214 HOH A O   1 
HETATM 1220 O O   . HOH E 3 .  ? -3.231  -12.801 13.160  1.00 30.06 ? 215 HOH A O   1 
HETATM 1221 O O   . HOH E 3 .  ? 4.037   5.735   7.188   1.00 34.44 ? 216 HOH A O   1 
HETATM 1222 O O   . HOH E 3 .  ? 4.861   -27.241 4.511   1.00 53.12 ? 217 HOH A O   1 
HETATM 1223 O O   . HOH E 3 .  ? 13.813  -20.443 7.816   1.00 79.48 ? 218 HOH A O   1 
HETATM 1224 O O   . HOH E 3 .  ? 0.477   7.467   6.043   1.00 20.17 ? 221 HOH A O   1 
HETATM 1225 O O   . HOH E 3 .  ? 9.990   9.398   12.085  1.00 49.22 ? 242 HOH A O   1 
HETATM 1226 O O   . HOH E 3 .  ? 4.808   -10.271 -0.959  1.00 52.31 ? 244 HOH A O   1 
HETATM 1227 O O   . HOH E 3 .  ? 7.478   -11.343 -1.130  1.00 38.81 ? 246 HOH A O   1 
HETATM 1228 O O   . HOH E 3 .  ? 8.247   -10.156 7.777   1.00 70.38 ? 247 HOH A O   1 
HETATM 1229 O O   . HOH E 3 .  ? 4.283   -3.777  7.694   1.00 27.19 ? 248 HOH A O   1 
HETATM 1230 O O   . HOH E 3 .  ? 3.288   -2.027  5.719   1.00 31.21 ? 249 HOH A O   1 
HETATM 1231 O O   . HOH E 3 .  ? 0.206   -11.959 -12.609 1.00 86.07 ? 250 HOH A O   1 
HETATM 1232 O O   . HOH E 3 .  ? -4.892  -11.128 11.701  1.00 28.92 ? 251 HOH A O   1 
HETATM 1233 O O   . HOH E 3 .  ? -0.013  -14.206 13.162  1.00 40.65 ? 252 HOH A O   1 
HETATM 1234 O O   . HOH E 3 .  ? 0.257   -16.607 11.715  1.00 19.32 ? 253 HOH A O   1 
HETATM 1235 O O   . HOH E 3 .  ? 2.015   -9.860  10.770  1.00 40.49 ? 254 HOH A O   1 
HETATM 1236 O O   . HOH E 3 .  ? -1.853  -27.111 3.953   1.00 49.36 ? 255 HOH A O   1 
HETATM 1237 O O   . HOH E 3 .  ? 7.388   -19.921 9.034   1.00 51.05 ? 256 HOH A O   1 
HETATM 1238 O O   . HOH E 3 .  ? 12.277  -21.696 -5.270  1.00 50.87 ? 257 HOH A O   1 
HETATM 1239 O O   . HOH E 3 .  ? 4.104   -0.115  3.887   1.00 32.02 ? 270 HOH A O   1 
HETATM 1240 O O   . HOH E 3 .  ? -12.253 -10.889 3.068   1.00 34.18 ? 271 HOH A O   1 
HETATM 1241 O O   . HOH E 3 .  ? -1.702  -25.014 -10.190 1.00 54.83 ? 272 HOH A O   1 
HETATM 1242 O O   . HOH E 3 .  ? 11.590  -11.996 -1.093  1.00 88.33 ? 273 HOH A O   1 
HETATM 1243 O O   . HOH E 3 .  ? 11.724  -12.727 -5.025  1.00 75.08 ? 274 HOH A O   1 
HETATM 1244 O O   . HOH E 3 .  ? -1.764  -7.002  -7.673  1.00 74.08 ? 275 HOH A O   1 
HETATM 1245 O O   . HOH E 3 .  ? -9.909  -15.739 10.963  1.00 36.76 ? 276 HOH A O   1 
HETATM 1246 O O   . HOH E 3 .  ? -10.370 -11.950 12.402  1.00 42.57 ? 277 HOH A O   1 
HETATM 1247 O O   . HOH E 3 .  ? -7.381  -12.582 10.855  1.00 41.55 ? 278 HOH A O   1 
HETATM 1248 O O   . HOH E 3 .  ? 6.513   1.100   15.652  1.00 71.00 ? 279 HOH A O   1 
HETATM 1249 O O   . HOH E 3 .  ? -2.200  -28.171 -5.998  1.00 57.89 ? 284 HOH A O   1 
HETATM 1250 O O   . HOH E 3 .  ? -11.396 -7.370  9.586   1.00 74.67 ? 285 HOH A O   1 
HETATM 1251 O O   . HOH E 3 .  ? 11.924  14.695  6.817   1.00 20.03 ? 286 HOH A O   1 
HETATM 1252 O O   . HOH E 3 .  ? -11.902 -13.694 -0.429  1.00 54.33 ? 295 HOH A O   1 
HETATM 1253 O O   . HOH E 3 .  ? -13.682 -17.006 -4.103  1.00 76.85 ? 296 HOH A O   1 
HETATM 1254 O O   . HOH E 3 .  ? 11.814  -18.253 0.005   1.00 64.09 ? 300 HOH A O   1 
HETATM 1255 O O   . HOH E 3 .  ? 5.327   1.814   8.368   1.00 53.02 ? 304 HOH A O   1 
HETATM 1256 O O   . HOH E 3 .  ? 6.276   2.234   19.058  1.00 70.87 ? 306 HOH A O   1 
HETATM 1257 O O   . HOH E 3 .  ? 9.567   -22.142 8.515   1.00 59.79 ? 307 HOH A O   1 
HETATM 1258 O O   . HOH E 3 .  ? 9.760   -21.347 -3.983  1.00 82.89 ? 308 HOH A O   1 
HETATM 1259 O O   . HOH E 3 .  ? 9.345   -17.152 9.610   1.00 61.31 ? 309 HOH A O   1 
HETATM 1260 O O   . HOH E 3 .  ? -3.243  0.265   3.300   1.00 86.40 ? 313 HOH A O   1 
HETATM 1261 O O   . HOH E 3 .  ? 19.128  -21.199 6.244   1.00 55.95 ? 316 HOH A O   1 
HETATM 1262 O O   . HOH F 3 .  ? 7.784   10.067  2.983   1.00 25.33 ? 202 HOH B O   1 
HETATM 1263 O O   . HOH F 3 .  ? 10.258  8.639   3.235   1.00 25.21 ? 203 HOH B O   1 
HETATM 1264 O O   . HOH F 3 .  ? -6.643  -5.881  0.549   1.00 24.93 ? 206 HOH B O   1 
HETATM 1265 O O   . HOH F 3 .  ? -5.955  -18.028 -4.849  1.00 68.16 ? 208 HOH B O   1 
HETATM 1266 O O   . HOH F 3 .  ? -5.654  -6.415  -7.653  1.00 59.48 ? 219 HOH B O   1 
HETATM 1267 O O   . HOH F 3 .  ? -6.260  6.869   2.721   1.00 14.64 ? 220 HOH B O   1 
HETATM 1268 O O   . HOH F 3 .  ? -2.293  13.655  10.159  1.00 31.34 ? 222 HOH B O   1 
HETATM 1269 O O   . HOH F 3 .  ? 8.624   22.934  0.998   1.00 31.86 ? 223 HOH B O   1 
HETATM 1270 O O   . HOH F 3 .  ? 7.146   20.993  -10.637 1.00 40.66 ? 224 HOH B O   1 
HETATM 1271 O O   . HOH F 3 .  ? -12.377 7.023   7.968   1.00 72.48 ? 225 HOH B O   1 
HETATM 1272 O O   . HOH F 3 .  ? 4.566   27.103  -4.388  1.00 31.31 ? 226 HOH B O   1 
HETATM 1273 O O   . HOH F 3 .  ? 0.708   13.383  -11.653 1.00 29.86 ? 227 HOH B O   1 
HETATM 1274 O O   . HOH F 3 .  ? -0.878  15.238  -13.319 1.00 37.62 ? 228 HOH B O   1 
HETATM 1275 O O   . HOH F 3 .  ? -8.671  10.641  -2.435  1.00 16.14 ? 229 HOH B O   1 
HETATM 1276 O O   . HOH F 3 .  ? -6.228  3.909   -5.219  1.00 18.02 ? 230 HOH B O   1 
HETATM 1277 O O   . HOH F 3 .  ? -4.944  0.494   -5.950  1.00 38.05 ? 231 HOH B O   1 
HETATM 1278 O O   . HOH F 3 .  ? -2.873  4.992   -5.260  1.00 39.18 ? 232 HOH B O   1 
HETATM 1279 O O   . HOH F 3 .  ? -13.450 5.985   -3.958  1.00 17.64 ? 233 HOH B O   1 
HETATM 1280 O O   . HOH F 3 .  ? -15.003 -2.190  -0.254  1.00 46.47 ? 234 HOH B O   1 
HETATM 1281 O O   . HOH F 3 .  ? -14.912 0.497   2.472   1.00 29.94 ? 235 HOH B O   1 
HETATM 1282 O O   . HOH F 3 .  ? 14.322  11.064  -8.912  1.00 41.57 ? 236 HOH B O   1 
HETATM 1283 O O   . HOH F 3 .  ? 10.807  12.660  -10.990 1.00 71.97 ? 237 HOH B O   1 
HETATM 1284 O O   . HOH F 3 .  ? 8.526   7.659   0.805   1.00 29.61 ? 238 HOH B O   1 
HETATM 1285 O O   . HOH F 3 .  ? -2.199  17.948  3.859   1.00 20.44 ? 239 HOH B O   1 
HETATM 1286 O O   . HOH F 3 .  ? 0.207   25.117  -4.963  1.00 43.42 ? 240 HOH B O   1 
HETATM 1287 O O   . HOH F 3 .  ? 14.361  13.522  4.990   1.00 32.68 ? 241 HOH B O   1 
HETATM 1288 O O   . HOH F 3 .  ? -14.940 -11.323 -1.488  1.00 70.25 ? 243 HOH B O   1 
HETATM 1289 O O   . HOH F 3 .  ? -7.525  0.788   8.787   1.00 59.23 ? 245 HOH B O   1 
HETATM 1290 O O   . HOH F 3 .  ? -6.808  -4.812  -3.655  1.00 31.50 ? 258 HOH B O   1 
HETATM 1291 O O   . HOH F 3 .  ? -8.922  13.620  3.915   1.00 31.18 ? 259 HOH B O   1 
HETATM 1292 O O   . HOH F 3 .  ? -7.160  7.062   9.897   1.00 52.77 ? 260 HOH B O   1 
HETATM 1293 O O   . HOH F 3 .  ? 2.283   23.633  -3.761  1.00 64.37 ? 261 HOH B O   1 
HETATM 1294 O O   . HOH F 3 .  ? 11.754  17.318  -3.051  1.00 36.09 ? 262 HOH B O   1 
HETATM 1295 O O   . HOH F 3 .  ? 7.217   11.480  -10.913 1.00 66.86 ? 263 HOH B O   1 
HETATM 1296 O O   . HOH F 3 .  ? 3.379   9.591   -8.802  1.00 32.88 ? 264 HOH B O   1 
HETATM 1297 O O   . HOH F 3 .  ? -7.556  -0.615  -4.759  1.00 59.11 ? 265 HOH B O   1 
HETATM 1298 O O   . HOH F 3 .  ? 9.639   6.134   -4.040  1.00 34.26 ? 266 HOH B O   1 
HETATM 1299 O O   . HOH F 3 .  ? 7.106   5.303   0.286   1.00 34.41 ? 267 HOH B O   1 
HETATM 1300 O O   . HOH F 3 .  ? -7.692  25.955  -4.573  1.00 54.16 ? 268 HOH B O   1 
HETATM 1301 O O   . HOH F 3 .  ? -6.467  19.959  -12.897 1.00 23.05 ? 269 HOH B O   1 
HETATM 1302 O O   . HOH F 3 .  ? -5.214  -2.997  -4.868  1.00 44.56 ? 280 HOH B O   1 
HETATM 1303 O O   . HOH F 3 .  ? -3.121  0.586   -4.011  1.00 28.15 ? 281 HOH B O   1 
HETATM 1304 O O   . HOH F 3 .  ? -4.091  3.349   -3.470  1.00 25.92 ? 282 HOH B O   1 
HETATM 1305 O O   . HOH F 3 .  ? -0.163  13.264  11.566  1.00 43.30 ? 283 HOH B O   1 
HETATM 1306 O O   . HOH F 3 .  ? 3.010   13.935  -13.876 1.00 46.09 ? 287 HOH B O   1 
HETATM 1307 O O   . HOH F 3 .  ? 2.491   9.356   -6.216  1.00 28.14 ? 288 HOH B O   1 
HETATM 1308 O O   . HOH F 3 .  ? -11.912 11.845  3.797   1.00 30.35 ? 289 HOH B O   1 
HETATM 1309 O O   . HOH F 3 .  ? -10.418 16.158  7.076   1.00 60.12 ? 290 HOH B O   1 
HETATM 1310 O O   . HOH F 3 .  ? -3.013  29.244  -6.080  1.00 59.24 ? 291 HOH B O   1 
HETATM 1311 O O   . HOH F 3 .  ? -1.116  29.291  -12.911 1.00 48.56 ? 292 HOH B O   1 
HETATM 1312 O O   . HOH F 3 .  ? -0.864  18.416  -18.978 1.00 46.96 ? 293 HOH B O   1 
HETATM 1313 O O   . HOH F 3 .  ? -12.265 1.521   5.564   1.00 41.34 ? 294 HOH B O   1 
HETATM 1314 O O   . HOH F 3 .  ? -5.364  17.928  7.175   1.00 63.19 ? 297 HOH B O   1 
HETATM 1315 O O   . HOH F 3 .  ? -12.043 -10.906 0.199   1.00 38.20 ? 298 HOH B O   1 
HETATM 1316 O O   . HOH F 3 .  ? 3.004   14.740  11.437  1.00 65.60 ? 299 HOH B O   1 
HETATM 1317 O O   . HOH F 3 .  ? -12.912 17.372  -4.175  1.00 44.05 ? 301 HOH B O   1 
HETATM 1318 O O   . HOH F 3 .  ? -12.668 15.074  -8.094  1.00 52.32 ? 302 HOH B O   1 
HETATM 1319 O O   . HOH F 3 .  ? -13.156 13.852  2.711   1.00 40.61 ? 303 HOH B O   1 
HETATM 1320 O O   . HOH F 3 .  ? 1.948   15.585  -16.042 1.00 61.99 ? 305 HOH B O   1 
HETATM 1321 O O   . HOH F 3 .  ? -7.885  13.744  -7.257  1.00 41.98 ? 310 HOH B O   1 
HETATM 1322 O O   . HOH F 3 .  ? -12.063 16.401  -1.929  1.00 43.68 ? 311 HOH B O   1 
HETATM 1323 O O   . HOH F 3 .  ? -10.175 18.342  -3.132  1.00 77.87 ? 312 HOH B O   1 
HETATM 1324 O O   . HOH F 3 .  ? -11.753 -14.249 -5.211  1.00 61.94 ? 314 HOH B O   1 
HETATM 1325 O O   . HOH F 3 .  ? -6.730  -11.115 -11.682 1.00 66.68 ? 315 HOH B O   1 
# 
